data_7HZK
# 
_entry.id   7HZK 
# 
_audit_conform.dict_name       mmcif_pdbx.dic 
_audit_conform.dict_version    5.402 
_audit_conform.dict_location   http://mmcif.pdb.org/dictionaries/ascii/mmcif_pdbx.dic 
# 
loop_
_database_2.database_id 
_database_2.database_code 
_database_2.pdbx_database_accession 
_database_2.pdbx_DOI 
PDB   7HZK         pdb_00007hzk 10.2210/pdb7hzk/pdb 
WWPDB D_1001408128 ?            ?                   
# 
_pdbx_audit_revision_history.ordinal             1 
_pdbx_audit_revision_history.data_content_type   'Structure model' 
_pdbx_audit_revision_history.major_revision      1 
_pdbx_audit_revision_history.minor_revision      0 
_pdbx_audit_revision_history.revision_date       2025-02-12 
# 
_pdbx_audit_revision_details.ordinal             1 
_pdbx_audit_revision_details.revision_ordinal    1 
_pdbx_audit_revision_details.data_content_type   'Structure model' 
_pdbx_audit_revision_details.provider            repository 
_pdbx_audit_revision_details.type                'Initial release' 
_pdbx_audit_revision_details.description         ? 
_pdbx_audit_revision_details.details             ? 
# 
_pdbx_database_status.entry_id                        7HZK 
_pdbx_database_status.status_code                     REL 
_pdbx_database_status.status_code_sf                  REL 
_pdbx_database_status.status_code_mr                  ? 
_pdbx_database_status.status_code_cs                  ? 
_pdbx_database_status.recvd_initial_deposition_date   2025-01-14 
_pdbx_database_status.status_code_nmr_data            ? 
_pdbx_database_status.deposit_site                    RCSB 
_pdbx_database_status.process_site                    RCSB 
_pdbx_database_status.SG_entry                        ? 
_pdbx_database_status.pdb_format_compatible           N 
_pdbx_database_status.methods_development_category    ? 
# 
_pdbx_contact_author.id                 1 
_pdbx_contact_author.email              frank.von-delft@diamond.ac.uk 
_pdbx_contact_author.name_first         Frank 
_pdbx_contact_author.name_last          'von Delft' 
_pdbx_contact_author.role               'principal investigator/group leader' 
_pdbx_contact_author.identifier_ORCID   0000-0003-0378-0017 
_pdbx_contact_author.name_mi            ? 
# 
loop_
_audit_author.name 
_audit_author.pdbx_ordinal 
_audit_author.identifier_ORCID 
'Lithgo, R.M.'        1  ? 
'Fairhead, M.'        2  ? 
'Koekemoer, L.'       3  ? 
'Balcomb, B.H.'       4  ? 
'Capkin, E.'          5  ? 
'Chandran, A.V.'      6  ? 
'Golding, M.'         7  ? 
'Godoy, A.S.'         8  ? 
'Aschenbrenner, J.C.' 9  ? 
'Marples, P.G.'       10 ? 
'Ni, X.'              11 ? 
'Thompson, W.'        12 ? 
'Tomlinson, C.W.E.'   13 ? 
'Wild, C.'            14 ? 
'Winokan, M.'         15 ? 
'Xavier, M.-A.E.'     16 ? 
'Kenton, N.'          17 ? 
'Tucker, J.'          18 ? 
'DiPoto, M.'          19 ? 
'Lee, A.'             20 ? 
'Fearon, D.'          21 ? 
'von Delft, F.'       22 ? 
# 
_citation.id                        primary 
_citation.title                     
'Group deposition of Coxsackievirus A16 (G-10) 2A protease in complex with inhibitors from the ASAP AViDD centre' 
_citation.journal_abbrev            'To Be Published' 
_citation.journal_volume            ? 
_citation.page_first                ? 
_citation.page_last                 ? 
_citation.year                      ? 
_citation.journal_id_ASTM           ? 
_citation.country                   ? 
_citation.journal_id_ISSN           ? 
_citation.journal_id_CSD            0353 
_citation.book_publisher            ? 
_citation.pdbx_database_id_PubMed   ? 
_citation.pdbx_database_id_DOI      ? 
# 
loop_
_citation_author.citation_id 
_citation_author.name 
_citation_author.identifier_ORCID 
_citation_author.ordinal 
primary 'Lithgo, R.M.'        ? 1  
primary 'Fairhead, M.'        ? 2  
primary 'Koekemoer, L.'       ? 3  
primary 'Balcomb, B.H.'       ? 4  
primary 'Capkin, E.'          ? 5  
primary 'Chandran, A.V.'      ? 6  
primary 'Golding, M.'         ? 7  
primary 'Godoy, A.S.'         ? 8  
primary 'Aschenbrenner, J.C.' ? 9  
primary 'Marples, P.G.'       ? 10 
primary 'Ni, X.'              ? 11 
primary 'Thompson, W.'        ? 12 
primary 'Tomlinson, C.W.E.'   ? 13 
primary 'Wild, C.'            ? 14 
primary 'Winokan, M.'         ? 15 
primary 'Xavier, M.-A.E.'     ? 16 
primary 'Kenton, N.'          ? 17 
primary 'Tucker, J.'          ? 18 
primary 'DiPoto, M.'          ? 19 
primary 'Lee, A.'             ? 20 
primary 'Fearon, D.'          ? 21 
primary 'von Delft, F.'       ? 22 
# 
loop_
_entity.id 
_entity.type 
_entity.src_method 
_entity.pdbx_description 
_entity.formula_weight 
_entity.pdbx_number_of_molecules 
_entity.pdbx_ec 
_entity.pdbx_mutation 
_entity.pdbx_fragment 
_entity.details 
1 polymer     man 'Protease 2A'                                                                            15892.732 1   3.4.22.29 
? ? ? 
2 non-polymer syn 'ZINC ION'                                                                               65.409    1   ?         
? ? ? 
3 non-polymer syn 'DIMETHYL SULFOXIDE'                                                                     78.133    3   ?         
? ? ? 
4 non-polymer syn '1-methyl-N-{[(3S)-1,2,3,4-tetrahydroisoquinolin-3-yl]methyl}-1H-indazole-3-carboxamide' 320.388   1   ?         
? ? ? 
5 water       nat water                                                                                    18.015    199 ?         
? ? ? 
# 
_entity_name_com.entity_id   1 
_entity_name_com.name        'P2A,Picornain 2A,Protein 2A' 
# 
_entity_poly.entity_id                      1 
_entity_poly.type                           'polypeptide(L)' 
_entity_poly.nstd_linkage                   no 
_entity_poly.nstd_monomer                   no 
_entity_poly.pdbx_seq_one_letter_code       
;SGAIYVGNYRVVNRHLATHNDWANLVWEDSSRDLLVSSTTAQGCDTIARCDCQTGVYYCSSRRKHYPVSFSKPSLIFVEA
SEYYPARYQSHLMLAVGHSEPGDCGGILRCQHGVVGIVSTGGNGLVGFADVRDLLWLDEEAMEQ
;
_entity_poly.pdbx_seq_one_letter_code_can   
;SGAIYVGNYRVVNRHLATHNDWANLVWEDSSRDLLVSSTTAQGCDTIARCDCQTGVYYCSSRRKHYPVSFSKPSLIFVEA
SEYYPARYQSHLMLAVGHSEPGDCGGILRCQHGVVGIVSTGGNGLVGFADVRDLLWLDEEAMEQ
;
_entity_poly.pdbx_strand_id                 A 
_entity_poly.pdbx_target_identifier         ? 
# 
loop_
_pdbx_entity_nonpoly.entity_id 
_pdbx_entity_nonpoly.name 
_pdbx_entity_nonpoly.comp_id 
2 'ZINC ION'                                                                               ZN    
3 'DIMETHYL SULFOXIDE'                                                                     DMS   
4 '1-methyl-N-{[(3S)-1,2,3,4-tetrahydroisoquinolin-3-yl]methyl}-1H-indazole-3-carboxamide' A1BQY 
5 water                                                                                    HOH   
# 
loop_
_entity_poly_seq.entity_id 
_entity_poly_seq.num 
_entity_poly_seq.mon_id 
_entity_poly_seq.hetero 
1 1   SER n 
1 2   GLY n 
1 3   ALA n 
1 4   ILE n 
1 5   TYR n 
1 6   VAL n 
1 7   GLY n 
1 8   ASN n 
1 9   TYR n 
1 10  ARG n 
1 11  VAL n 
1 12  VAL n 
1 13  ASN n 
1 14  ARG n 
1 15  HIS n 
1 16  LEU n 
1 17  ALA n 
1 18  THR n 
1 19  HIS n 
1 20  ASN n 
1 21  ASP n 
1 22  TRP n 
1 23  ALA n 
1 24  ASN n 
1 25  LEU n 
1 26  VAL n 
1 27  TRP n 
1 28  GLU n 
1 29  ASP n 
1 30  SER n 
1 31  SER n 
1 32  ARG n 
1 33  ASP n 
1 34  LEU n 
1 35  LEU n 
1 36  VAL n 
1 37  SER n 
1 38  SER n 
1 39  THR n 
1 40  THR n 
1 41  ALA n 
1 42  GLN n 
1 43  GLY n 
1 44  CYS n 
1 45  ASP n 
1 46  THR n 
1 47  ILE n 
1 48  ALA n 
1 49  ARG n 
1 50  CYS n 
1 51  ASP n 
1 52  CYS n 
1 53  GLN n 
1 54  THR n 
1 55  GLY n 
1 56  VAL n 
1 57  TYR n 
1 58  TYR n 
1 59  CYS n 
1 60  SER n 
1 61  SER n 
1 62  ARG n 
1 63  ARG n 
1 64  LYS n 
1 65  HIS n 
1 66  TYR n 
1 67  PRO n 
1 68  VAL n 
1 69  SER n 
1 70  PHE n 
1 71  SER n 
1 72  LYS n 
1 73  PRO n 
1 74  SER n 
1 75  LEU n 
1 76  ILE n 
1 77  PHE n 
1 78  VAL n 
1 79  GLU n 
1 80  ALA n 
1 81  SER n 
1 82  GLU n 
1 83  TYR n 
1 84  TYR n 
1 85  PRO n 
1 86  ALA n 
1 87  ARG n 
1 88  TYR n 
1 89  GLN n 
1 90  SER n 
1 91  HIS n 
1 92  LEU n 
1 93  MET n 
1 94  LEU n 
1 95  ALA n 
1 96  VAL n 
1 97  GLY n 
1 98  HIS n 
1 99  SER n 
1 100 GLU n 
1 101 PRO n 
1 102 GLY n 
1 103 ASP n 
1 104 CYS n 
1 105 GLY n 
1 106 GLY n 
1 107 ILE n 
1 108 LEU n 
1 109 ARG n 
1 110 CYS n 
1 111 GLN n 
1 112 HIS n 
1 113 GLY n 
1 114 VAL n 
1 115 VAL n 
1 116 GLY n 
1 117 ILE n 
1 118 VAL n 
1 119 SER n 
1 120 THR n 
1 121 GLY n 
1 122 GLY n 
1 123 ASN n 
1 124 GLY n 
1 125 LEU n 
1 126 VAL n 
1 127 GLY n 
1 128 PHE n 
1 129 ALA n 
1 130 ASP n 
1 131 VAL n 
1 132 ARG n 
1 133 ASP n 
1 134 LEU n 
1 135 LEU n 
1 136 TRP n 
1 137 LEU n 
1 138 ASP n 
1 139 GLU n 
1 140 GLU n 
1 141 ALA n 
1 142 MET n 
1 143 GLU n 
1 144 GLN n 
# 
_entity_src_gen.entity_id                          1 
_entity_src_gen.pdbx_src_id                        1 
_entity_src_gen.pdbx_alt_source_flag               sample 
_entity_src_gen.pdbx_seq_type                      'Biological sequence' 
_entity_src_gen.pdbx_beg_seq_num                   1 
_entity_src_gen.pdbx_end_seq_num                   144 
_entity_src_gen.gene_src_common_name               ? 
_entity_src_gen.gene_src_genus                     ? 
_entity_src_gen.pdbx_gene_src_gene                 ? 
_entity_src_gen.gene_src_species                   ? 
_entity_src_gen.gene_src_strain                    ? 
_entity_src_gen.gene_src_tissue                    ? 
_entity_src_gen.gene_src_tissue_fraction           ? 
_entity_src_gen.gene_src_details                   ? 
_entity_src_gen.pdbx_gene_src_fragment             ? 
_entity_src_gen.pdbx_gene_src_scientific_name      'Coxsackievirus A16' 
_entity_src_gen.pdbx_gene_src_ncbi_taxonomy_id     31704 
_entity_src_gen.pdbx_gene_src_variant              ? 
_entity_src_gen.pdbx_gene_src_cell_line            ? 
_entity_src_gen.pdbx_gene_src_atcc                 ? 
_entity_src_gen.pdbx_gene_src_organ                ? 
_entity_src_gen.pdbx_gene_src_organelle            ? 
_entity_src_gen.pdbx_gene_src_cell                 ? 
_entity_src_gen.pdbx_gene_src_cellular_location    ? 
_entity_src_gen.host_org_common_name               ? 
_entity_src_gen.pdbx_host_org_scientific_name      'Escherichia coli' 
_entity_src_gen.pdbx_host_org_ncbi_taxonomy_id     562 
_entity_src_gen.host_org_genus                     ? 
_entity_src_gen.pdbx_host_org_gene                 ? 
_entity_src_gen.pdbx_host_org_organ                ? 
_entity_src_gen.host_org_species                   ? 
_entity_src_gen.pdbx_host_org_tissue               ? 
_entity_src_gen.pdbx_host_org_tissue_fraction      ? 
_entity_src_gen.pdbx_host_org_strain               ? 
_entity_src_gen.pdbx_host_org_variant              ? 
_entity_src_gen.pdbx_host_org_cell_line            ? 
_entity_src_gen.pdbx_host_org_atcc                 ? 
_entity_src_gen.pdbx_host_org_culture_collection   ? 
_entity_src_gen.pdbx_host_org_cell                 ? 
_entity_src_gen.pdbx_host_org_organelle            ? 
_entity_src_gen.pdbx_host_org_cellular_location    ? 
_entity_src_gen.pdbx_host_org_vector_type          ? 
_entity_src_gen.pdbx_host_org_vector               ? 
_entity_src_gen.host_org_details                   ? 
_entity_src_gen.expression_system_id               ? 
_entity_src_gen.plasmid_name                       ? 
_entity_src_gen.plasmid_details                    ? 
_entity_src_gen.pdbx_description                   ? 
# 
loop_
_chem_comp.id 
_chem_comp.type 
_chem_comp.mon_nstd_flag 
_chem_comp.name 
_chem_comp.pdbx_synonyms 
_chem_comp.formula 
_chem_comp.formula_weight 
A1BQY non-polymer         . '1-methyl-N-{[(3S)-1,2,3,4-tetrahydroisoquinolin-3-yl]methyl}-1H-indazole-3-carboxamide' ? 
'C19 H20 N4 O'   320.388 
ALA   'L-peptide linking' y ALANINE                                                                                  ? 
'C3 H7 N O2'     89.093  
ARG   'L-peptide linking' y ARGININE                                                                                 ? 
'C6 H15 N4 O2 1' 175.209 
ASN   'L-peptide linking' y ASPARAGINE                                                                               ? 
'C4 H8 N2 O3'    132.118 
ASP   'L-peptide linking' y 'ASPARTIC ACID'                                                                          ? 
'C4 H7 N O4'     133.103 
CYS   'L-peptide linking' y CYSTEINE                                                                                 ? 
'C3 H7 N O2 S'   121.158 
DMS   non-polymer         . 'DIMETHYL SULFOXIDE'                                                                     ? 'C2 H6 O S' 
78.133  
GLN   'L-peptide linking' y GLUTAMINE                                                                                ? 
'C5 H10 N2 O3'   146.144 
GLU   'L-peptide linking' y 'GLUTAMIC ACID'                                                                          ? 
'C5 H9 N O4'     147.129 
GLY   'peptide linking'   y GLYCINE                                                                                  ? 
'C2 H5 N O2'     75.067  
HIS   'L-peptide linking' y HISTIDINE                                                                                ? 
'C6 H10 N3 O2 1' 156.162 
HOH   non-polymer         . WATER                                                                                    ? 'H2 O' 
18.015  
ILE   'L-peptide linking' y ISOLEUCINE                                                                               ? 
'C6 H13 N O2'    131.173 
LEU   'L-peptide linking' y LEUCINE                                                                                  ? 
'C6 H13 N O2'    131.173 
LYS   'L-peptide linking' y LYSINE                                                                                   ? 
'C6 H15 N2 O2 1' 147.195 
MET   'L-peptide linking' y METHIONINE                                                                               ? 
'C5 H11 N O2 S'  149.211 
PHE   'L-peptide linking' y PHENYLALANINE                                                                            ? 
'C9 H11 N O2'    165.189 
PRO   'L-peptide linking' y PROLINE                                                                                  ? 
'C5 H9 N O2'     115.130 
SER   'L-peptide linking' y SERINE                                                                                   ? 
'C3 H7 N O3'     105.093 
THR   'L-peptide linking' y THREONINE                                                                                ? 
'C4 H9 N O3'     119.119 
TRP   'L-peptide linking' y TRYPTOPHAN                                                                               ? 
'C11 H12 N2 O2'  204.225 
TYR   'L-peptide linking' y TYROSINE                                                                                 ? 
'C9 H11 N O3'    181.189 
VAL   'L-peptide linking' y VALINE                                                                                   ? 
'C5 H11 N O2'    117.146 
ZN    non-polymer         . 'ZINC ION'                                                                               ? 'Zn 2' 
65.409  
# 
loop_
_pdbx_poly_seq_scheme.asym_id 
_pdbx_poly_seq_scheme.entity_id 
_pdbx_poly_seq_scheme.seq_id 
_pdbx_poly_seq_scheme.mon_id 
_pdbx_poly_seq_scheme.ndb_seq_num 
_pdbx_poly_seq_scheme.pdb_seq_num 
_pdbx_poly_seq_scheme.auth_seq_num 
_pdbx_poly_seq_scheme.pdb_mon_id 
_pdbx_poly_seq_scheme.auth_mon_id 
_pdbx_poly_seq_scheme.pdb_strand_id 
_pdbx_poly_seq_scheme.pdb_ins_code 
_pdbx_poly_seq_scheme.hetero 
A 1 1   SER 1   7   7   SER SER A . n 
A 1 2   GLY 2   8   8   GLY GLY A . n 
A 1 3   ALA 3   9   9   ALA ALA A . n 
A 1 4   ILE 4   10  10  ILE ILE A . n 
A 1 5   TYR 5   11  11  TYR TYR A . n 
A 1 6   VAL 6   12  12  VAL VAL A . n 
A 1 7   GLY 7   13  13  GLY GLY A . n 
A 1 8   ASN 8   14  14  ASN ASN A . n 
A 1 9   TYR 9   15  15  TYR TYR A . n 
A 1 10  ARG 10  16  16  ARG ARG A . n 
A 1 11  VAL 11  17  17  VAL VAL A . n 
A 1 12  VAL 12  18  18  VAL VAL A . n 
A 1 13  ASN 13  19  19  ASN ASN A . n 
A 1 14  ARG 14  20  20  ARG ARG A . n 
A 1 15  HIS 15  21  21  HIS HIS A . n 
A 1 16  LEU 16  22  22  LEU LEU A . n 
A 1 17  ALA 17  23  23  ALA ALA A . n 
A 1 18  THR 18  24  24  THR THR A . n 
A 1 19  HIS 19  25  25  HIS HIS A . n 
A 1 20  ASN 20  26  26  ASN ASN A . n 
A 1 21  ASP 21  27  27  ASP ASP A . n 
A 1 22  TRP 22  28  28  TRP TRP A . n 
A 1 23  ALA 23  29  29  ALA ALA A . n 
A 1 24  ASN 24  30  30  ASN ASN A . n 
A 1 25  LEU 25  31  31  LEU LEU A . n 
A 1 26  VAL 26  32  32  VAL VAL A . n 
A 1 27  TRP 27  33  33  TRP TRP A . n 
A 1 28  GLU 28  34  34  GLU GLU A . n 
A 1 29  ASP 29  35  35  ASP ASP A . n 
A 1 30  SER 30  36  36  SER SER A . n 
A 1 31  SER 31  37  37  SER SER A . n 
A 1 32  ARG 32  38  38  ARG ARG A . n 
A 1 33  ASP 33  39  39  ASP ASP A . n 
A 1 34  LEU 34  40  40  LEU LEU A . n 
A 1 35  LEU 35  41  41  LEU LEU A . n 
A 1 36  VAL 36  42  42  VAL VAL A . n 
A 1 37  SER 37  43  43  SER SER A . n 
A 1 38  SER 38  44  44  SER SER A . n 
A 1 39  THR 39  45  45  THR THR A . n 
A 1 40  THR 40  46  46  THR THR A . n 
A 1 41  ALA 41  47  47  ALA ALA A . n 
A 1 42  GLN 42  48  48  GLN GLN A . n 
A 1 43  GLY 43  49  49  GLY GLY A . n 
A 1 44  CYS 44  50  50  CYS CYS A . n 
A 1 45  ASP 45  51  51  ASP ASP A . n 
A 1 46  THR 46  52  52  THR THR A . n 
A 1 47  ILE 47  53  53  ILE ILE A . n 
A 1 48  ALA 48  54  54  ALA ALA A . n 
A 1 49  ARG 49  55  55  ARG ARG A . n 
A 1 50  CYS 50  56  56  CYS CYS A . n 
A 1 51  ASP 51  57  57  ASP ASP A . n 
A 1 52  CYS 52  58  58  CYS CYS A . n 
A 1 53  GLN 53  59  59  GLN GLN A . n 
A 1 54  THR 54  60  60  THR THR A . n 
A 1 55  GLY 55  61  61  GLY GLY A . n 
A 1 56  VAL 56  62  62  VAL VAL A . n 
A 1 57  TYR 57  63  63  TYR TYR A . n 
A 1 58  TYR 58  64  64  TYR TYR A . n 
A 1 59  CYS 59  65  65  CYS CYS A . n 
A 1 60  SER 60  66  66  SER SER A . n 
A 1 61  SER 61  67  67  SER SER A . n 
A 1 62  ARG 62  68  68  ARG ARG A . n 
A 1 63  ARG 63  69  69  ARG ARG A . n 
A 1 64  LYS 64  70  70  LYS LYS A . n 
A 1 65  HIS 65  71  71  HIS HIS A . n 
A 1 66  TYR 66  72  72  TYR TYR A . n 
A 1 67  PRO 67  73  73  PRO PRO A . n 
A 1 68  VAL 68  74  74  VAL VAL A . n 
A 1 69  SER 69  75  75  SER SER A . n 
A 1 70  PHE 70  76  76  PHE PHE A . n 
A 1 71  SER 71  77  77  SER SER A . n 
A 1 72  LYS 72  78  78  LYS LYS A . n 
A 1 73  PRO 73  79  79  PRO PRO A . n 
A 1 74  SER 74  80  80  SER SER A . n 
A 1 75  LEU 75  81  81  LEU LEU A . n 
A 1 76  ILE 76  82  82  ILE ILE A . n 
A 1 77  PHE 77  83  83  PHE PHE A . n 
A 1 78  VAL 78  84  84  VAL VAL A . n 
A 1 79  GLU 79  85  85  GLU GLU A . n 
A 1 80  ALA 80  86  86  ALA ALA A . n 
A 1 81  SER 81  87  87  SER SER A . n 
A 1 82  GLU 82  88  88  GLU GLU A . n 
A 1 83  TYR 83  89  89  TYR TYR A . n 
A 1 84  TYR 84  90  90  TYR TYR A . n 
A 1 85  PRO 85  91  91  PRO PRO A . n 
A 1 86  ALA 86  92  92  ALA ALA A . n 
A 1 87  ARG 87  93  93  ARG ARG A . n 
A 1 88  TYR 88  94  94  TYR TYR A . n 
A 1 89  GLN 89  95  95  GLN GLN A . n 
A 1 90  SER 90  96  96  SER SER A . n 
A 1 91  HIS 91  97  97  HIS HIS A . n 
A 1 92  LEU 92  98  98  LEU LEU A . n 
A 1 93  MET 93  99  99  MET MET A . n 
A 1 94  LEU 94  100 100 LEU LEU A . n 
A 1 95  ALA 95  101 101 ALA ALA A . n 
A 1 96  VAL 96  102 102 VAL VAL A . n 
A 1 97  GLY 97  103 103 GLY GLY A . n 
A 1 98  HIS 98  104 104 HIS HIS A . n 
A 1 99  SER 99  105 105 SER SER A . n 
A 1 100 GLU 100 106 106 GLU GLU A . n 
A 1 101 PRO 101 107 107 PRO PRO A . n 
A 1 102 GLY 102 108 108 GLY GLY A . n 
A 1 103 ASP 103 109 109 ASP ASP A . n 
A 1 104 CYS 104 110 110 CYS CYS A . n 
A 1 105 GLY 105 111 111 GLY GLY A . n 
A 1 106 GLY 106 112 112 GLY GLY A . n 
A 1 107 ILE 107 113 113 ILE ILE A . n 
A 1 108 LEU 108 114 114 LEU LEU A . n 
A 1 109 ARG 109 115 115 ARG ARG A . n 
A 1 110 CYS 110 116 116 CYS CYS A . n 
A 1 111 GLN 111 117 117 GLN GLN A . n 
A 1 112 HIS 112 118 118 HIS HIS A . n 
A 1 113 GLY 113 119 119 GLY GLY A . n 
A 1 114 VAL 114 120 120 VAL VAL A . n 
A 1 115 VAL 115 121 121 VAL VAL A . n 
A 1 116 GLY 116 122 122 GLY GLY A . n 
A 1 117 ILE 117 123 123 ILE ILE A . n 
A 1 118 VAL 118 124 124 VAL VAL A . n 
A 1 119 SER 119 125 125 SER SER A . n 
A 1 120 THR 120 126 126 THR THR A . n 
A 1 121 GLY 121 127 127 GLY GLY A . n 
A 1 122 GLY 122 128 128 GLY GLY A . n 
A 1 123 ASN 123 129 129 ASN ASN A . n 
A 1 124 GLY 124 130 130 GLY GLY A . n 
A 1 125 LEU 125 131 131 LEU LEU A . n 
A 1 126 VAL 126 132 132 VAL VAL A . n 
A 1 127 GLY 127 133 133 GLY GLY A . n 
A 1 128 PHE 128 134 134 PHE PHE A . n 
A 1 129 ALA 129 135 135 ALA ALA A . n 
A 1 130 ASP 130 136 136 ASP ASP A . n 
A 1 131 VAL 131 137 137 VAL VAL A . n 
A 1 132 ARG 132 138 138 ARG ARG A . n 
A 1 133 ASP 133 139 139 ASP ASP A . n 
A 1 134 LEU 134 140 140 LEU LEU A . n 
A 1 135 LEU 135 141 141 LEU LEU A . n 
A 1 136 TRP 136 142 142 TRP TRP A . n 
A 1 137 LEU 137 143 143 LEU LEU A . n 
A 1 138 ASP 138 144 144 ASP ASP A . n 
A 1 139 GLU 139 145 145 GLU GLU A . n 
A 1 140 GLU 140 146 146 GLU GLU A . n 
A 1 141 ALA 141 147 ?   ?   ?   A . n 
A 1 142 MET 142 148 ?   ?   ?   A . n 
A 1 143 GLU 143 149 ?   ?   ?   A . n 
A 1 144 GLN 144 150 ?   ?   ?   A . n 
# 
_pdbx_entity_instance_feature.ordinal        1 
_pdbx_entity_instance_feature.comp_id        A1BQY 
_pdbx_entity_instance_feature.asym_id        ? 
_pdbx_entity_instance_feature.seq_num        ? 
_pdbx_entity_instance_feature.auth_comp_id   A1BQY 
_pdbx_entity_instance_feature.auth_asym_id   ? 
_pdbx_entity_instance_feature.auth_seq_num   ? 
_pdbx_entity_instance_feature.feature_type   'SUBJECT OF INVESTIGATION' 
_pdbx_entity_instance_feature.details        ? 
# 
loop_
_pdbx_nonpoly_scheme.asym_id 
_pdbx_nonpoly_scheme.entity_id 
_pdbx_nonpoly_scheme.mon_id 
_pdbx_nonpoly_scheme.ndb_seq_num 
_pdbx_nonpoly_scheme.pdb_seq_num 
_pdbx_nonpoly_scheme.auth_seq_num 
_pdbx_nonpoly_scheme.pdb_mon_id 
_pdbx_nonpoly_scheme.auth_mon_id 
_pdbx_nonpoly_scheme.pdb_strand_id 
_pdbx_nonpoly_scheme.pdb_ins_code 
B 2 ZN    1   201 1   ZN    ZN  A . 
C 3 DMS   1   202 -1  DMS   DMS A . 
D 3 DMS   1   203 1   DMS   DMS A . 
E 3 DMS   1   204 3   DMS   DMS A . 
F 4 A1BQY 1   205 201 A1BQY LIG A . 
G 5 HOH   1   301 181 HOH   HOH A . 
G 5 HOH   2   302 43  HOH   HOH A . 
G 5 HOH   3   303 219 HOH   HOH A . 
G 5 HOH   4   304 251 HOH   HOH A . 
G 5 HOH   5   305 254 HOH   HOH A . 
G 5 HOH   6   306 108 HOH   HOH A . 
G 5 HOH   7   307 220 HOH   HOH A . 
G 5 HOH   8   308 101 HOH   HOH A . 
G 5 HOH   9   309 168 HOH   HOH A . 
G 5 HOH   10  310 36  HOH   HOH A . 
G 5 HOH   11  311 132 HOH   HOH A . 
G 5 HOH   12  312 16  HOH   HOH A . 
G 5 HOH   13  313 13  HOH   HOH A . 
G 5 HOH   14  314 34  HOH   HOH A . 
G 5 HOH   15  315 182 HOH   HOH A . 
G 5 HOH   16  316 46  HOH   HOH A . 
G 5 HOH   17  317 211 HOH   HOH A . 
G 5 HOH   18  318 30  HOH   HOH A . 
G 5 HOH   19  319 214 HOH   HOH A . 
G 5 HOH   20  320 68  HOH   HOH A . 
G 5 HOH   21  321 174 HOH   HOH A . 
G 5 HOH   22  322 60  HOH   HOH A . 
G 5 HOH   23  323 26  HOH   HOH A . 
G 5 HOH   24  324 148 HOH   HOH A . 
G 5 HOH   25  325 133 HOH   HOH A . 
G 5 HOH   26  326 57  HOH   HOH A . 
G 5 HOH   27  327 205 HOH   HOH A . 
G 5 HOH   28  328 104 HOH   HOH A . 
G 5 HOH   29  329 4   HOH   HOH A . 
G 5 HOH   30  330 121 HOH   HOH A . 
G 5 HOH   31  331 112 HOH   HOH A . 
G 5 HOH   32  332 79  HOH   HOH A . 
G 5 HOH   33  333 173 HOH   HOH A . 
G 5 HOH   34  334 103 HOH   HOH A . 
G 5 HOH   35  335 58  HOH   HOH A . 
G 5 HOH   36  336 59  HOH   HOH A . 
G 5 HOH   37  337 29  HOH   HOH A . 
G 5 HOH   38  338 33  HOH   HOH A . 
G 5 HOH   39  339 113 HOH   HOH A . 
G 5 HOH   40  340 49  HOH   HOH A . 
G 5 HOH   41  341 97  HOH   HOH A . 
G 5 HOH   42  342 255 HOH   HOH A . 
G 5 HOH   43  343 19  HOH   HOH A . 
G 5 HOH   44  344 81  HOH   HOH A . 
G 5 HOH   45  345 234 HOH   HOH A . 
G 5 HOH   46  346 18  HOH   HOH A . 
G 5 HOH   47  347 41  HOH   HOH A . 
G 5 HOH   48  348 25  HOH   HOH A . 
G 5 HOH   49  349 169 HOH   HOH A . 
G 5 HOH   50  350 63  HOH   HOH A . 
G 5 HOH   51  351 249 HOH   HOH A . 
G 5 HOH   52  352 140 HOH   HOH A . 
G 5 HOH   53  353 212 HOH   HOH A . 
G 5 HOH   54  354 35  HOH   HOH A . 
G 5 HOH   55  355 110 HOH   HOH A . 
G 5 HOH   56  356 24  HOH   HOH A . 
G 5 HOH   57  357 28  HOH   HOH A . 
G 5 HOH   58  358 161 HOH   HOH A . 
G 5 HOH   59  359 70  HOH   HOH A . 
G 5 HOH   60  360 126 HOH   HOH A . 
G 5 HOH   61  361 88  HOH   HOH A . 
G 5 HOH   62  362 42  HOH   HOH A . 
G 5 HOH   63  363 37  HOH   HOH A . 
G 5 HOH   64  364 77  HOH   HOH A . 
G 5 HOH   65  365 2   HOH   HOH A . 
G 5 HOH   66  366 178 HOH   HOH A . 
G 5 HOH   67  367 11  HOH   HOH A . 
G 5 HOH   68  368 146 HOH   HOH A . 
G 5 HOH   69  369 67  HOH   HOH A . 
G 5 HOH   70  370 84  HOH   HOH A . 
G 5 HOH   71  371 9   HOH   HOH A . 
G 5 HOH   72  372 170 HOH   HOH A . 
G 5 HOH   73  373 120 HOH   HOH A . 
G 5 HOH   74  374 90  HOH   HOH A . 
G 5 HOH   75  375 7   HOH   HOH A . 
G 5 HOH   76  376 137 HOH   HOH A . 
G 5 HOH   77  377 106 HOH   HOH A . 
G 5 HOH   78  378 87  HOH   HOH A . 
G 5 HOH   79  379 27  HOH   HOH A . 
G 5 HOH   80  380 12  HOH   HOH A . 
G 5 HOH   81  381 227 HOH   HOH A . 
G 5 HOH   82  382 39  HOH   HOH A . 
G 5 HOH   83  383 21  HOH   HOH A . 
G 5 HOH   84  384 217 HOH   HOH A . 
G 5 HOH   85  385 119 HOH   HOH A . 
G 5 HOH   86  386 107 HOH   HOH A . 
G 5 HOH   87  387 8   HOH   HOH A . 
G 5 HOH   88  388 98  HOH   HOH A . 
G 5 HOH   89  389 20  HOH   HOH A . 
G 5 HOH   90  390 238 HOH   HOH A . 
G 5 HOH   91  391 105 HOH   HOH A . 
G 5 HOH   92  392 256 HOH   HOH A . 
G 5 HOH   93  393 17  HOH   HOH A . 
G 5 HOH   94  394 82  HOH   HOH A . 
G 5 HOH   95  395 14  HOH   HOH A . 
G 5 HOH   96  396 177 HOH   HOH A . 
G 5 HOH   97  397 15  HOH   HOH A . 
G 5 HOH   98  398 3   HOH   HOH A . 
G 5 HOH   99  399 111 HOH   HOH A . 
G 5 HOH   100 400 51  HOH   HOH A . 
G 5 HOH   101 401 141 HOH   HOH A . 
G 5 HOH   102 402 62  HOH   HOH A . 
G 5 HOH   103 403 72  HOH   HOH A . 
G 5 HOH   104 404 89  HOH   HOH A . 
G 5 HOH   105 405 235 HOH   HOH A . 
G 5 HOH   106 406 80  HOH   HOH A . 
G 5 HOH   107 407 155 HOH   HOH A . 
G 5 HOH   108 408 71  HOH   HOH A . 
G 5 HOH   109 409 52  HOH   HOH A . 
G 5 HOH   110 410 186 HOH   HOH A . 
G 5 HOH   111 411 195 HOH   HOH A . 
G 5 HOH   112 412 48  HOH   HOH A . 
G 5 HOH   113 413 50  HOH   HOH A . 
G 5 HOH   114 414 78  HOH   HOH A . 
G 5 HOH   115 415 40  HOH   HOH A . 
G 5 HOH   116 416 76  HOH   HOH A . 
G 5 HOH   117 417 95  HOH   HOH A . 
G 5 HOH   118 418 69  HOH   HOH A . 
G 5 HOH   119 419 215 HOH   HOH A . 
G 5 HOH   120 420 109 HOH   HOH A . 
G 5 HOH   121 421 124 HOH   HOH A . 
G 5 HOH   122 422 123 HOH   HOH A . 
G 5 HOH   123 423 64  HOH   HOH A . 
G 5 HOH   124 424 252 HOH   HOH A . 
G 5 HOH   125 425 100 HOH   HOH A . 
G 5 HOH   126 426 156 HOH   HOH A . 
G 5 HOH   127 427 138 HOH   HOH A . 
G 5 HOH   128 428 74  HOH   HOH A . 
G 5 HOH   129 429 10  HOH   HOH A . 
G 5 HOH   130 430 102 HOH   HOH A . 
G 5 HOH   131 431 203 HOH   HOH A . 
G 5 HOH   132 432 38  HOH   HOH A . 
G 5 HOH   133 433 5   HOH   HOH A . 
G 5 HOH   134 434 61  HOH   HOH A . 
G 5 HOH   135 435 91  HOH   HOH A . 
G 5 HOH   136 436 47  HOH   HOH A . 
G 5 HOH   137 437 204 HOH   HOH A . 
G 5 HOH   138 438 159 HOH   HOH A . 
G 5 HOH   139 439 128 HOH   HOH A . 
G 5 HOH   140 440 230 HOH   HOH A . 
G 5 HOH   141 441 147 HOH   HOH A . 
G 5 HOH   142 442 23  HOH   HOH A . 
G 5 HOH   143 443 192 HOH   HOH A . 
G 5 HOH   144 444 93  HOH   HOH A . 
G 5 HOH   145 445 96  HOH   HOH A . 
G 5 HOH   146 446 224 HOH   HOH A . 
G 5 HOH   147 447 248 HOH   HOH A . 
G 5 HOH   148 448 175 HOH   HOH A . 
G 5 HOH   149 449 245 HOH   HOH A . 
G 5 HOH   150 450 158 HOH   HOH A . 
G 5 HOH   151 451 135 HOH   HOH A . 
G 5 HOH   152 452 213 HOH   HOH A . 
G 5 HOH   153 453 233 HOH   HOH A . 
G 5 HOH   154 454 246 HOH   HOH A . 
G 5 HOH   155 455 154 HOH   HOH A . 
G 5 HOH   156 456 99  HOH   HOH A . 
G 5 HOH   157 457 239 HOH   HOH A . 
G 5 HOH   158 458 185 HOH   HOH A . 
G 5 HOH   159 459 142 HOH   HOH A . 
G 5 HOH   160 460 144 HOH   HOH A . 
G 5 HOH   161 461 127 HOH   HOH A . 
G 5 HOH   162 462 152 HOH   HOH A . 
G 5 HOH   163 463 189 HOH   HOH A . 
G 5 HOH   164 464 171 HOH   HOH A . 
G 5 HOH   165 465 247 HOH   HOH A . 
G 5 HOH   166 466 240 HOH   HOH A . 
G 5 HOH   167 467 56  HOH   HOH A . 
G 5 HOH   168 468 122 HOH   HOH A . 
G 5 HOH   169 469 253 HOH   HOH A . 
G 5 HOH   170 470 134 HOH   HOH A . 
G 5 HOH   171 471 218 HOH   HOH A . 
G 5 HOH   172 472 207 HOH   HOH A . 
G 5 HOH   173 473 65  HOH   HOH A . 
G 5 HOH   174 474 190 HOH   HOH A . 
G 5 HOH   175 475 223 HOH   HOH A . 
G 5 HOH   176 476 129 HOH   HOH A . 
G 5 HOH   177 477 86  HOH   HOH A . 
G 5 HOH   178 478 83  HOH   HOH A . 
G 5 HOH   179 479 202 HOH   HOH A . 
G 5 HOH   180 480 32  HOH   HOH A . 
G 5 HOH   181 481 229 HOH   HOH A . 
G 5 HOH   182 482 85  HOH   HOH A . 
G 5 HOH   183 483 75  HOH   HOH A . 
G 5 HOH   184 484 73  HOH   HOH A . 
G 5 HOH   185 485 209 HOH   HOH A . 
G 5 HOH   186 486 221 HOH   HOH A . 
G 5 HOH   187 487 165 HOH   HOH A . 
G 5 HOH   188 488 199 HOH   HOH A . 
G 5 HOH   189 489 118 HOH   HOH A . 
G 5 HOH   190 490 226 HOH   HOH A . 
G 5 HOH   191 491 206 HOH   HOH A . 
G 5 HOH   192 492 187 HOH   HOH A . 
G 5 HOH   193 493 222 HOH   HOH A . 
G 5 HOH   194 494 125 HOH   HOH A . 
G 5 HOH   195 495 160 HOH   HOH A . 
G 5 HOH   196 496 241 HOH   HOH A . 
G 5 HOH   197 497 242 HOH   HOH A . 
G 5 HOH   198 498 164 HOH   HOH A . 
G 5 HOH   199 499 244 HOH   HOH A . 
# 
loop_
_software.classification 
_software.name 
_software.version 
_software.citation_id 
_software.pdbx_ordinal 
refinement       REFMAC  5.8.0267 ? 1 
refinement       REFMAC5 .        ? 2 
'data scaling'   Aimless .        ? 3 
phasing          PHASER  .        ? 4 
'data reduction' XDS     .        ? 5 
# 
_cell.entry_id           7HZK 
_cell.length_a           86.742 
_cell.length_b           56.733 
_cell.length_c           32.737 
_cell.angle_alpha        90.00 
_cell.angle_beta         94.96 
_cell.angle_gamma        90.00 
_cell.Z_PDB              4 
_cell.pdbx_unique_axis   ? 
# 
_symmetry.entry_id                         7HZK 
_symmetry.space_group_name_H-M             'C 1 2 1' 
_symmetry.pdbx_full_space_group_name_H-M   ? 
_symmetry.cell_setting                     ? 
_symmetry.Int_Tables_number                5 
# 
_exptl.entry_id          7HZK 
_exptl.method            'X-RAY DIFFRACTION' 
_exptl.crystals_number   1 
# 
_exptl_crystal.id                    1 
_exptl_crystal.density_meas          ? 
_exptl_crystal.density_Matthews      2.52 
_exptl_crystal.density_percent_sol   51.28 
_exptl_crystal.description           ? 
# 
_exptl_crystal_grow.crystal_id      1 
_exptl_crystal_grow.method          'VAPOR DIFFUSION, SITTING DROP' 
_exptl_crystal_grow.pH              6.05 
_exptl_crystal_grow.temp            293.15 
_exptl_crystal_grow.pdbx_details    '0.1 M MES, pH 6.05, 16 % PEG 20,000' 
_exptl_crystal_grow.temp_details    ? 
_exptl_crystal_grow.pdbx_pH_range   ? 
# 
_diffrn.id                     1 
_diffrn.ambient_temp           100 
_diffrn.crystal_id             1 
_diffrn.ambient_temp_details   ? 
# 
_diffrn_detector.detector               PIXEL 
_diffrn_detector.type                   'DECTRIS EIGER2 XE 9M' 
_diffrn_detector.pdbx_collection_date   2024-09-05 
_diffrn_detector.diffrn_id              1 
_diffrn_detector.details                ? 
# 
_diffrn_radiation.diffrn_id                        1 
_diffrn_radiation.wavelength_id                    1 
_diffrn_radiation.pdbx_diffrn_protocol             'SINGLE WAVELENGTH' 
_diffrn_radiation.pdbx_monochromatic_or_laue_m_l   ? 
_diffrn_radiation.monochromator                    ? 
_diffrn_radiation.pdbx_scattering_type             x-ray 
# 
_diffrn_radiation_wavelength.id           1 
_diffrn_radiation_wavelength.wavelength   0.92134 
_diffrn_radiation_wavelength.wt           1.0 
# 
_diffrn_source.diffrn_id                   1 
_diffrn_source.source                      SYNCHROTRON 
_diffrn_source.type                        'DIAMOND BEAMLINE I04-1' 
_diffrn_source.pdbx_wavelength_list        0.92134 
_diffrn_source.pdbx_synchrotron_site       Diamond 
_diffrn_source.pdbx_synchrotron_beamline   I04-1 
_diffrn_source.pdbx_wavelength             ? 
# 
_reflns.entry_id                     7HZK 
_reflns.pdbx_diffrn_id               1 
_reflns.pdbx_ordinal                 1 
_reflns.d_resolution_low             47.45 
_reflns.d_resolution_high            1.27 
_reflns.number_obs                   35546 
_reflns.percent_possible_obs         85.6 
_reflns.pdbx_Rmerge_I_obs            0.055 
_reflns.pdbx_netI_over_sigmaI        15.2 
_reflns.pdbx_redundancy              6.2 
_reflns.pdbx_Rrim_I_all              0.060 
_reflns.pdbx_Rpim_I_all              0.023 
_reflns.pdbx_CC_half                 0.999 
_reflns.pdbx_number_measured_all     219857 
_reflns.pdbx_chi_squared             0.55 
_reflns.observed_criterion_sigma_I   ? 
_reflns.observed_criterion_sigma_F   ? 
_reflns.number_all                   ? 
_reflns.pdbx_Rsym_value              ? 
_reflns.B_iso_Wilson_estimate        ? 
_reflns.pdbx_CC_star                 ? 
# 
_reflns_shell.pdbx_diffrn_id              1 
_reflns_shell.pdbx_ordinal                1 
_reflns_shell.d_res_high                  1.27 
_reflns_shell.d_res_low                   1.29 
_reflns_shell.number_measured_all         2649 
_reflns_shell.number_unique_obs           721 
_reflns_shell.Rmerge_I_obs                1.706 
_reflns_shell.pdbx_chi_squared            0.13 
_reflns_shell.pdbx_redundancy             3.7 
_reflns_shell.percent_possible_obs        34.6 
_reflns_shell.pdbx_netI_over_sigmaI_obs   0.3 
_reflns_shell.pdbx_Rrim_I_all             1.989 
_reflns_shell.pdbx_Rpim_I_all             1.013 
_reflns_shell.pdbx_CC_half                0.327 
_reflns_shell.percent_possible_all        ? 
_reflns_shell.pdbx_Rsym_value             ? 
_reflns_shell.meanI_over_sigI_obs         ? 
_reflns_shell.number_measured_obs         ? 
_reflns_shell.number_unique_all           ? 
_reflns_shell.pdbx_CC_star                ? 
# 
_refine.pdbx_refine_id                           'X-RAY DIFFRACTION' 
_refine.entry_id                                 7HZK 
_refine.pdbx_diffrn_id                           1 
_refine.pdbx_TLS_residual_ADP_flag               ? 
_refine.ls_number_reflns_obs                     33633 
_refine.ls_number_reflns_all                     ? 
_refine.pdbx_ls_sigma_I                          ? 
_refine.pdbx_ls_sigma_F                          ? 
_refine.pdbx_data_cutoff_high_absF               ? 
_refine.pdbx_data_cutoff_low_absF                ? 
_refine.pdbx_data_cutoff_high_rms_absF           ? 
_refine.ls_d_res_low                             47.43 
_refine.ls_d_res_high                            1.27 
_refine.ls_percent_reflns_obs                    85.06 
_refine.ls_R_factor_obs                          0.20238 
_refine.ls_R_factor_all                          ? 
_refine.ls_R_factor_R_work                       0.20044 
_refine.ls_R_factor_R_free                       0.23862 
_refine.ls_R_factor_R_free_error                 ? 
_refine.ls_R_factor_R_free_error_details         ? 
_refine.ls_percent_reflns_R_free                 5.0 
_refine.ls_number_reflns_R_free                  1752 
_refine.ls_number_parameters                     ? 
_refine.ls_number_restraints                     ? 
_refine.occupancy_min                            ? 
_refine.occupancy_max                            ? 
_refine.correlation_coeff_Fo_to_Fc               0.966 
_refine.correlation_coeff_Fo_to_Fc_free          0.950 
_refine.B_iso_mean                               26.193 
_refine.aniso_B[1][1]                            0.83 
_refine.aniso_B[2][2]                            -0.31 
_refine.aniso_B[3][3]                            -0.66 
_refine.aniso_B[1][2]                            -0.00 
_refine.aniso_B[1][3]                            0.91 
_refine.aniso_B[2][3]                            0.00 
_refine.solvent_model_details                    MASK 
_refine.solvent_model_param_ksol                 ? 
_refine.solvent_model_param_bsol                 ? 
_refine.pdbx_solvent_vdw_probe_radii             1.20 
_refine.pdbx_solvent_ion_probe_radii             0.80 
_refine.pdbx_solvent_shrinkage_radii             0.80 
_refine.pdbx_ls_cross_valid_method               THROUGHOUT 
_refine.details                                  'HYDROGENS HAVE BEEN ADDED IN THE RIDING POSITIONS' 
_refine.pdbx_starting_model                      ? 
_refine.pdbx_method_to_determine_struct          'MOLECULAR REPLACEMENT' 
_refine.pdbx_isotropic_thermal_model             ? 
_refine.pdbx_stereochemistry_target_values       'MAXIMUM LIKELIHOOD' 
_refine.pdbx_stereochem_target_val_spec_case     ? 
_refine.pdbx_R_Free_selection_details            RANDOM 
_refine.pdbx_overall_ESU_R                       0.078 
_refine.pdbx_overall_ESU_R_Free                  0.081 
_refine.overall_SU_ML                            0.089 
_refine.pdbx_overall_phase_error                 ? 
_refine.overall_SU_B                             2.421 
_refine.overall_SU_R_Cruickshank_DPI             ? 
_refine.pdbx_overall_SU_R_free_Cruickshank_DPI   ? 
_refine.pdbx_overall_SU_R_Blow_DPI               ? 
_refine.pdbx_overall_SU_R_free_Blow_DPI          ? 
# 
_refine_hist.pdbx_refine_id                   'X-RAY DIFFRACTION' 
_refine_hist.cycle_id                         1 
_refine_hist.pdbx_number_atoms_protein        1083 
_refine_hist.pdbx_number_atoms_nucleic_acid   0 
_refine_hist.pdbx_number_atoms_ligand         37 
_refine_hist.number_atoms_solvent             199 
_refine_hist.number_atoms_total               1319 
_refine_hist.d_res_high                       1.27 
_refine_hist.d_res_low                        47.43 
# 
loop_
_refine_ls_restr.type 
_refine_ls_restr.dev_ideal 
_refine_ls_restr.dev_ideal_target 
_refine_ls_restr.weight 
_refine_ls_restr.number 
_refine_ls_restr.pdbx_refine_id 
_refine_ls_restr.pdbx_restraint_function 
r_bond_refined_d             0.010  0.014  ? 2170 'X-RAY DIFFRACTION' ? 
r_bond_other_d               0.001  0.014  ? 1545 'X-RAY DIFFRACTION' ? 
r_angle_refined_deg          1.593  1.627  ? 2465 'X-RAY DIFFRACTION' ? 
r_angle_other_deg            1.360  1.594  ? 3558 'X-RAY DIFFRACTION' ? 
r_dihedral_angle_1_deg       7.253  5.000  ? 227  'X-RAY DIFFRACTION' ? 
r_dihedral_angle_2_deg       30.587 21.765 ? 102  'X-RAY DIFFRACTION' ? 
r_dihedral_angle_3_deg       14.074 15.000 ? 252  'X-RAY DIFFRACTION' ? 
r_dihedral_angle_4_deg       22.170 15.000 ? 13   'X-RAY DIFFRACTION' ? 
r_chiral_restr               0.073  0.200  ? 214  'X-RAY DIFFRACTION' ? 
r_gen_planes_refined         0.009  0.020  ? 2232 'X-RAY DIFFRACTION' ? 
r_gen_planes_other           0.003  0.020  ? 446  'X-RAY DIFFRACTION' ? 
r_nbd_refined                ?      ?      ? ?    'X-RAY DIFFRACTION' ? 
r_nbd_other                  ?      ?      ? ?    'X-RAY DIFFRACTION' ? 
r_nbtor_refined              ?      ?      ? ?    'X-RAY DIFFRACTION' ? 
r_nbtor_other                ?      ?      ? ?    'X-RAY DIFFRACTION' ? 
r_xyhbond_nbd_refined        ?      ?      ? ?    'X-RAY DIFFRACTION' ? 
r_xyhbond_nbd_other          ?      ?      ? ?    'X-RAY DIFFRACTION' ? 
r_metal_ion_refined          ?      ?      ? ?    'X-RAY DIFFRACTION' ? 
r_metal_ion_other            ?      ?      ? ?    'X-RAY DIFFRACTION' ? 
r_symmetry_vdw_refined       ?      ?      ? ?    'X-RAY DIFFRACTION' ? 
r_symmetry_vdw_other         ?      ?      ? ?    'X-RAY DIFFRACTION' ? 
r_symmetry_hbond_refined     ?      ?      ? ?    'X-RAY DIFFRACTION' ? 
r_symmetry_hbond_other       ?      ?      ? ?    'X-RAY DIFFRACTION' ? 
r_symmetry_metal_ion_refined ?      ?      ? ?    'X-RAY DIFFRACTION' ? 
r_symmetry_metal_ion_other   ?      ?      ? ?    'X-RAY DIFFRACTION' ? 
r_mcbond_it                  1.662  2.600  ? 1093 'X-RAY DIFFRACTION' ? 
r_mcbond_other               1.702  2.482  ? 1036 'X-RAY DIFFRACTION' ? 
r_mcangle_it                 2.933  3.567  ? 1117 'X-RAY DIFFRACTION' ? 
r_mcangle_other              2.934  3.574  ? 1118 'X-RAY DIFFRACTION' ? 
r_scbond_it                  1.861  2.941  ? 1075 'X-RAY DIFFRACTION' ? 
r_scbond_other               1.869  2.891  ? 1065 'X-RAY DIFFRACTION' ? 
r_scangle_it                 ?      ?      ? ?    'X-RAY DIFFRACTION' ? 
r_scangle_other              2.768  4.038  ? 1337 'X-RAY DIFFRACTION' ? 
r_long_range_B_refined       8.631  31.937 ? 2155 'X-RAY DIFFRACTION' ? 
r_long_range_B_other         8.629  31.975 ? 2156 'X-RAY DIFFRACTION' ? 
r_rigid_bond_restr           ?      ?      ? ?    'X-RAY DIFFRACTION' ? 
r_sphericity_free            ?      ?      ? ?    'X-RAY DIFFRACTION' ? 
r_sphericity_bonded          ?      ?      ? ?    'X-RAY DIFFRACTION' ? 
# 
_refine_ls_shell.pdbx_refine_id                   'X-RAY DIFFRACTION' 
_refine_ls_shell.pdbx_total_number_of_bins_used   20 
_refine_ls_shell.d_res_high                       1.271 
_refine_ls_shell.d_res_low                        1.305 
_refine_ls_shell.number_reflns_R_work             953 
_refine_ls_shell.R_factor_R_work                  0.440 
_refine_ls_shell.percent_reflns_obs               32.16 
_refine_ls_shell.R_factor_R_free                  0.445 
_refine_ls_shell.R_factor_R_free_error            ? 
_refine_ls_shell.percent_reflns_R_free            ? 
_refine_ls_shell.number_reflns_R_free             38 
_refine_ls_shell.number_reflns_all                ? 
_refine_ls_shell.R_factor_all                     ? 
_refine_ls_shell.R_factor_obs                     ? 
_refine_ls_shell.number_reflns_obs                ? 
# 
_struct.entry_id                  7HZK 
_struct.title                     
;Group deposition of Coxsackievirus A16 (G-10) 2A protease in complex with inhibitors from the ASAP AViDD centre -- Crystal structure of Coxsackievirus A16 (G-10) 2A protease in complex with ASAP-0030249-001 (A71EV2A-x2293)
;
_struct.pdbx_model_details        ? 
_struct.pdbx_CASP_flag            ? 
_struct.pdbx_model_type_details   ? 
# 
_struct_keywords.entry_id        7HZK 
_struct_keywords.pdbx_keywords   'VIRAL PROTEIN' 
_struct_keywords.text            
;Diamond Light Source, I04-1, ASAP, A71 2A, enterovirus, protease, crystallographic fragment screening, PanDDA, PanDDa2, XChemExplorer, VIRAL PROTEIN
;
# 
loop_
_struct_asym.id 
_struct_asym.pdbx_blank_PDB_chainid_flag 
_struct_asym.pdbx_modified 
_struct_asym.entity_id 
_struct_asym.details 
A N N 1 ? 
B N N 2 ? 
C N N 3 ? 
D N N 3 ? 
E N N 3 ? 
F N N 4 ? 
G N N 5 ? 
# 
_struct_ref.id                         1 
_struct_ref.db_name                    UNP 
_struct_ref.db_code                    POLG_CX16G 
_struct_ref.pdbx_db_accession          Q65900 
_struct_ref.pdbx_db_isoform            ? 
_struct_ref.entity_id                  1 
_struct_ref.pdbx_seq_one_letter_code   
;SGAIYVGNYRVVNRHLATHNDWANLVWEDSSRDLLVSSTTAQGCDTIARCDCQTGVYYCSSRRKHYPVSFSKPSLIFVEA
SEYYPARYQSHLMLAVGHSEPGDCGGILRCQHGVVGIVSTGGNGLVGFADVRDLLWLDEEAMEQ
;
_struct_ref.pdbx_align_begin           869 
# 
_struct_ref_seq.align_id                      1 
_struct_ref_seq.ref_id                        1 
_struct_ref_seq.pdbx_PDB_id_code              7HZK 
_struct_ref_seq.pdbx_strand_id                A 
_struct_ref_seq.seq_align_beg                 1 
_struct_ref_seq.pdbx_seq_align_beg_ins_code   ? 
_struct_ref_seq.seq_align_end                 144 
_struct_ref_seq.pdbx_seq_align_end_ins_code   ? 
_struct_ref_seq.pdbx_db_accession             Q65900 
_struct_ref_seq.db_align_beg                  869 
_struct_ref_seq.pdbx_db_align_beg_ins_code    ? 
_struct_ref_seq.db_align_end                  1012 
_struct_ref_seq.pdbx_db_align_end_ins_code    ? 
_struct_ref_seq.pdbx_auth_seq_align_beg       7 
_struct_ref_seq.pdbx_auth_seq_align_end       150 
# 
_pdbx_struct_assembly.id                   1 
_pdbx_struct_assembly.details              author_defined_assembly 
_pdbx_struct_assembly.method_details       ? 
_pdbx_struct_assembly.oligomeric_details   monomeric 
_pdbx_struct_assembly.oligomeric_count     1 
# 
_pdbx_struct_assembly_gen.assembly_id       1 
_pdbx_struct_assembly_gen.oper_expression   1 
_pdbx_struct_assembly_gen.asym_id_list      A,B,C,D,E,F,G 
# 
_pdbx_struct_oper_list.id                   1 
_pdbx_struct_oper_list.type                 'identity operation' 
_pdbx_struct_oper_list.name                 1_555 
_pdbx_struct_oper_list.symmetry_operation   x,y,z 
_pdbx_struct_oper_list.matrix[1][1]         1.0000000000 
_pdbx_struct_oper_list.matrix[1][2]         0.0000000000 
_pdbx_struct_oper_list.matrix[1][3]         0.0000000000 
_pdbx_struct_oper_list.vector[1]            0.0000000000 
_pdbx_struct_oper_list.matrix[2][1]         0.0000000000 
_pdbx_struct_oper_list.matrix[2][2]         1.0000000000 
_pdbx_struct_oper_list.matrix[2][3]         0.0000000000 
_pdbx_struct_oper_list.vector[2]            0.0000000000 
_pdbx_struct_oper_list.matrix[3][1]         0.0000000000 
_pdbx_struct_oper_list.matrix[3][2]         0.0000000000 
_pdbx_struct_oper_list.matrix[3][3]         1.0000000000 
_pdbx_struct_oper_list.vector[3]            0.0000000000 
# 
loop_
_struct_conf.conf_type_id 
_struct_conf.id 
_struct_conf.pdbx_PDB_helix_id 
_struct_conf.beg_label_comp_id 
_struct_conf.beg_label_asym_id 
_struct_conf.beg_label_seq_id 
_struct_conf.pdbx_beg_PDB_ins_code 
_struct_conf.end_label_comp_id 
_struct_conf.end_label_asym_id 
_struct_conf.end_label_seq_id 
_struct_conf.pdbx_end_PDB_ins_code 
_struct_conf.beg_auth_comp_id 
_struct_conf.beg_auth_asym_id 
_struct_conf.beg_auth_seq_id 
_struct_conf.end_auth_comp_id 
_struct_conf.end_auth_asym_id 
_struct_conf.end_auth_seq_id 
_struct_conf.pdbx_PDB_helix_class 
_struct_conf.details 
_struct_conf.pdbx_PDB_helix_length 
HELX_P HELX_P1 AA1 HIS A 15  ? ALA A 17  ? HIS A 21  ALA A 23  5 ? 3 
HELX_P HELX_P2 AA2 THR A 18  ? ASN A 24  ? THR A 24  ASN A 30  1 ? 7 
HELX_P HELX_P3 AA3 SER A 30  ? ARG A 32  ? SER A 36  ARG A 38  5 ? 3 
HELX_P HELX_P4 AA4 SER A 60  ? ARG A 63  ? SER A 66  ARG A 69  5 ? 4 
HELX_P HELX_P5 AA5 GLU A 100 ? CYS A 104 ? GLU A 106 CYS A 110 5 ? 5 
HELX_P HELX_P6 AA6 LEU A 134 ? GLU A 139 ? LEU A 140 GLU A 145 5 ? 6 
# 
_struct_conf_type.id          HELX_P 
_struct_conf_type.criteria    ? 
_struct_conf_type.reference   ? 
# 
loop_
_struct_conn.id 
_struct_conn.conn_type_id 
_struct_conn.pdbx_leaving_atom_flag 
_struct_conn.pdbx_PDB_id 
_struct_conn.ptnr1_label_asym_id 
_struct_conn.ptnr1_label_comp_id 
_struct_conn.ptnr1_label_seq_id 
_struct_conn.ptnr1_label_atom_id 
_struct_conn.pdbx_ptnr1_label_alt_id 
_struct_conn.pdbx_ptnr1_PDB_ins_code 
_struct_conn.pdbx_ptnr1_standard_comp_id 
_struct_conn.ptnr1_symmetry 
_struct_conn.ptnr2_label_asym_id 
_struct_conn.ptnr2_label_comp_id 
_struct_conn.ptnr2_label_seq_id 
_struct_conn.ptnr2_label_atom_id 
_struct_conn.pdbx_ptnr2_label_alt_id 
_struct_conn.pdbx_ptnr2_PDB_ins_code 
_struct_conn.ptnr1_auth_asym_id 
_struct_conn.ptnr1_auth_comp_id 
_struct_conn.ptnr1_auth_seq_id 
_struct_conn.ptnr2_auth_asym_id 
_struct_conn.ptnr2_auth_comp_id 
_struct_conn.ptnr2_auth_seq_id 
_struct_conn.ptnr2_symmetry 
_struct_conn.pdbx_ptnr3_label_atom_id 
_struct_conn.pdbx_ptnr3_label_seq_id 
_struct_conn.pdbx_ptnr3_label_comp_id 
_struct_conn.pdbx_ptnr3_label_asym_id 
_struct_conn.pdbx_ptnr3_label_alt_id 
_struct_conn.pdbx_ptnr3_PDB_ins_code 
_struct_conn.details 
_struct_conn.pdbx_dist_value 
_struct_conn.pdbx_value_order 
_struct_conn.pdbx_role 
metalc1 metalc ? ? A CYS 50  SG  ? ? ? 1_555 B ZN . ZN ? ? A CYS 56  A ZN 201 1_555 ? ? ? ? ? ? ? 2.373 ? ? 
metalc2 metalc ? ? A CYS 52  SG  ? ? ? 1_555 B ZN . ZN ? ? A CYS 58  A ZN 201 1_555 ? ? ? ? ? ? ? 2.271 ? ? 
metalc3 metalc ? ? A CYS 110 SG  ? ? ? 1_555 B ZN . ZN ? ? A CYS 116 A ZN 201 1_555 ? ? ? ? ? ? ? 2.273 ? ? 
metalc4 metalc ? ? A HIS 112 ND1 ? ? ? 1_555 B ZN . ZN ? ? A HIS 118 A ZN 201 1_555 ? ? ? ? ? ? ? 2.075 ? ? 
# 
_struct_conn_type.id          metalc 
_struct_conn_type.criteria    ? 
_struct_conn_type.reference   ? 
# 
loop_
_pdbx_struct_conn_angle.id 
_pdbx_struct_conn_angle.ptnr1_label_atom_id 
_pdbx_struct_conn_angle.ptnr1_label_alt_id 
_pdbx_struct_conn_angle.ptnr1_label_asym_id 
_pdbx_struct_conn_angle.ptnr1_label_comp_id 
_pdbx_struct_conn_angle.ptnr1_label_seq_id 
_pdbx_struct_conn_angle.ptnr1_auth_atom_id 
_pdbx_struct_conn_angle.ptnr1_auth_asym_id 
_pdbx_struct_conn_angle.ptnr1_auth_comp_id 
_pdbx_struct_conn_angle.ptnr1_auth_seq_id 
_pdbx_struct_conn_angle.ptnr1_PDB_ins_code 
_pdbx_struct_conn_angle.ptnr1_symmetry 
_pdbx_struct_conn_angle.ptnr2_label_atom_id 
_pdbx_struct_conn_angle.ptnr2_label_alt_id 
_pdbx_struct_conn_angle.ptnr2_label_asym_id 
_pdbx_struct_conn_angle.ptnr2_label_comp_id 
_pdbx_struct_conn_angle.ptnr2_label_seq_id 
_pdbx_struct_conn_angle.ptnr2_auth_atom_id 
_pdbx_struct_conn_angle.ptnr2_auth_asym_id 
_pdbx_struct_conn_angle.ptnr2_auth_comp_id 
_pdbx_struct_conn_angle.ptnr2_auth_seq_id 
_pdbx_struct_conn_angle.ptnr2_PDB_ins_code 
_pdbx_struct_conn_angle.ptnr2_symmetry 
_pdbx_struct_conn_angle.ptnr3_label_atom_id 
_pdbx_struct_conn_angle.ptnr3_label_alt_id 
_pdbx_struct_conn_angle.ptnr3_label_asym_id 
_pdbx_struct_conn_angle.ptnr3_label_comp_id 
_pdbx_struct_conn_angle.ptnr3_label_seq_id 
_pdbx_struct_conn_angle.ptnr3_auth_atom_id 
_pdbx_struct_conn_angle.ptnr3_auth_asym_id 
_pdbx_struct_conn_angle.ptnr3_auth_comp_id 
_pdbx_struct_conn_angle.ptnr3_auth_seq_id 
_pdbx_struct_conn_angle.ptnr3_PDB_ins_code 
_pdbx_struct_conn_angle.ptnr3_symmetry 
_pdbx_struct_conn_angle.value 
_pdbx_struct_conn_angle.value_esd 
1 SG ? A CYS 50  ? A CYS 56  ? 1_555 ZN ? B ZN . ? A ZN 201 ? 1_555 SG  ? A CYS 52  ? A CYS 58  ? 1_555 110.1 ? 
2 SG ? A CYS 50  ? A CYS 56  ? 1_555 ZN ? B ZN . ? A ZN 201 ? 1_555 SG  ? A CYS 110 ? A CYS 116 ? 1_555 106.4 ? 
3 SG ? A CYS 52  ? A CYS 58  ? 1_555 ZN ? B ZN . ? A ZN 201 ? 1_555 SG  ? A CYS 110 ? A CYS 116 ? 1_555 117.9 ? 
4 SG ? A CYS 50  ? A CYS 56  ? 1_555 ZN ? B ZN . ? A ZN 201 ? 1_555 ND1 ? A HIS 112 ? A HIS 118 ? 1_555 103.5 ? 
5 SG ? A CYS 52  ? A CYS 58  ? 1_555 ZN ? B ZN . ? A ZN 201 ? 1_555 ND1 ? A HIS 112 ? A HIS 118 ? 1_555 101.2 ? 
6 SG ? A CYS 110 ? A CYS 116 ? 1_555 ZN ? B ZN . ? A ZN 201 ? 1_555 ND1 ? A HIS 112 ? A HIS 118 ? 1_555 116.8 ? 
# 
loop_
_struct_sheet.id 
_struct_sheet.type 
_struct_sheet.number_strands 
_struct_sheet.details 
AA1 ? 3 ? 
AA2 ? 7 ? 
# 
loop_
_struct_sheet_order.sheet_id 
_struct_sheet_order.range_id_1 
_struct_sheet_order.range_id_2 
_struct_sheet_order.offset 
_struct_sheet_order.sense 
AA1 1 2 ? anti-parallel 
AA1 2 3 ? anti-parallel 
AA2 1 2 ? anti-parallel 
AA2 2 3 ? anti-parallel 
AA2 3 4 ? anti-parallel 
AA2 4 5 ? anti-parallel 
AA2 5 6 ? anti-parallel 
AA2 6 7 ? anti-parallel 
# 
loop_
_struct_sheet_range.sheet_id 
_struct_sheet_range.id 
_struct_sheet_range.beg_label_comp_id 
_struct_sheet_range.beg_label_asym_id 
_struct_sheet_range.beg_label_seq_id 
_struct_sheet_range.pdbx_beg_PDB_ins_code 
_struct_sheet_range.end_label_comp_id 
_struct_sheet_range.end_label_asym_id 
_struct_sheet_range.end_label_seq_id 
_struct_sheet_range.pdbx_end_PDB_ins_code 
_struct_sheet_range.beg_auth_comp_id 
_struct_sheet_range.beg_auth_asym_id 
_struct_sheet_range.beg_auth_seq_id 
_struct_sheet_range.end_auth_comp_id 
_struct_sheet_range.end_auth_asym_id 
_struct_sheet_range.end_auth_seq_id 
AA1 1 LEU A 25  ? ASP A 29  ? LEU A 31  ASP A 35  
AA1 2 LEU A 34  ? CYS A 44  ? LEU A 40  CYS A 50  
AA1 3 ILE A 4   ? ASN A 13  ? ILE A 10  ASN A 19  
AA2 1 LYS A 64  ? SER A 69  ? LYS A 70  SER A 75  
AA2 2 THR A 54  ? CYS A 59  ? THR A 60  CYS A 65  
AA2 3 ILE A 107 ? CYS A 110 ? ILE A 113 CYS A 116 
AA2 4 GLY A 113 ? GLY A 122 ? GLY A 119 GLY A 128 
AA2 5 LEU A 125 ? ASP A 130 ? LEU A 131 ASP A 136 
AA2 6 ARG A 87  ? VAL A 96  ? ARG A 93  VAL A 102 
AA2 7 SER A 74  ? VAL A 78  ? SER A 80  VAL A 84  
# 
loop_
_pdbx_struct_sheet_hbond.sheet_id 
_pdbx_struct_sheet_hbond.range_id_1 
_pdbx_struct_sheet_hbond.range_id_2 
_pdbx_struct_sheet_hbond.range_1_label_atom_id 
_pdbx_struct_sheet_hbond.range_1_label_comp_id 
_pdbx_struct_sheet_hbond.range_1_label_asym_id 
_pdbx_struct_sheet_hbond.range_1_label_seq_id 
_pdbx_struct_sheet_hbond.range_1_PDB_ins_code 
_pdbx_struct_sheet_hbond.range_1_auth_atom_id 
_pdbx_struct_sheet_hbond.range_1_auth_comp_id 
_pdbx_struct_sheet_hbond.range_1_auth_asym_id 
_pdbx_struct_sheet_hbond.range_1_auth_seq_id 
_pdbx_struct_sheet_hbond.range_2_label_atom_id 
_pdbx_struct_sheet_hbond.range_2_label_comp_id 
_pdbx_struct_sheet_hbond.range_2_label_asym_id 
_pdbx_struct_sheet_hbond.range_2_label_seq_id 
_pdbx_struct_sheet_hbond.range_2_PDB_ins_code 
_pdbx_struct_sheet_hbond.range_2_auth_atom_id 
_pdbx_struct_sheet_hbond.range_2_auth_comp_id 
_pdbx_struct_sheet_hbond.range_2_auth_asym_id 
_pdbx_struct_sheet_hbond.range_2_auth_seq_id 
AA1 1 2 N VAL A 26  ? N VAL A 32  O VAL A 36  ? O VAL A 42  
AA1 2 3 N LEU A 35  ? N LEU A 41  O VAL A 12  ? O VAL A 18  
AA2 1 2 O LYS A 64  ? O LYS A 70  N CYS A 59  ? N CYS A 65  
AA2 2 3 N VAL A 56  ? N VAL A 62  O ARG A 109 ? O ARG A 115 
AA2 3 4 N LEU A 108 ? N LEU A 114 O VAL A 115 ? O VAL A 121 
AA2 4 5 N SER A 119 ? N SER A 125 O GLY A 127 ? O GLY A 133 
AA2 5 6 O PHE A 128 ? O PHE A 134 N MET A 93  ? N MET A 99  
AA2 6 7 O ARG A 87  ? O ARG A 93  N VAL A 78  ? N VAL A 84  
# 
_pdbx_entry_details.entry_id                   7HZK 
_pdbx_entry_details.compound_details           ? 
_pdbx_entry_details.source_details             ? 
_pdbx_entry_details.nonpolymer_details         ? 
_pdbx_entry_details.sequence_details           ? 
_pdbx_entry_details.has_ligand_of_interest     Y 
_pdbx_entry_details.has_protein_modification   N 
# 
loop_
_pdbx_validate_torsion.id 
_pdbx_validate_torsion.PDB_model_num 
_pdbx_validate_torsion.auth_comp_id 
_pdbx_validate_torsion.auth_asym_id 
_pdbx_validate_torsion.auth_seq_id 
_pdbx_validate_torsion.PDB_ins_code 
_pdbx_validate_torsion.label_alt_id 
_pdbx_validate_torsion.phi 
_pdbx_validate_torsion.psi 
1 1 ALA A 86  ? ? -35.28  137.37 
2 1 SER A 125 ? ? -136.32 -32.74 
# 
loop_
_pdbx_distant_solvent_atoms.id 
_pdbx_distant_solvent_atoms.PDB_model_num 
_pdbx_distant_solvent_atoms.auth_atom_id 
_pdbx_distant_solvent_atoms.label_alt_id 
_pdbx_distant_solvent_atoms.auth_asym_id 
_pdbx_distant_solvent_atoms.auth_comp_id 
_pdbx_distant_solvent_atoms.auth_seq_id 
_pdbx_distant_solvent_atoms.PDB_ins_code 
_pdbx_distant_solvent_atoms.neighbor_macromolecule_distance 
_pdbx_distant_solvent_atoms.neighbor_ligand_distance 
1 1 O ? A HOH 497 ? 6.02 . 
2 1 O ? A HOH 498 ? 6.21 . 
3 1 O ? A HOH 499 ? 8.00 . 
# 
loop_
_pdbx_unobs_or_zero_occ_residues.id 
_pdbx_unobs_or_zero_occ_residues.PDB_model_num 
_pdbx_unobs_or_zero_occ_residues.polymer_flag 
_pdbx_unobs_or_zero_occ_residues.occupancy_flag 
_pdbx_unobs_or_zero_occ_residues.auth_asym_id 
_pdbx_unobs_or_zero_occ_residues.auth_comp_id 
_pdbx_unobs_or_zero_occ_residues.auth_seq_id 
_pdbx_unobs_or_zero_occ_residues.PDB_ins_code 
_pdbx_unobs_or_zero_occ_residues.label_asym_id 
_pdbx_unobs_or_zero_occ_residues.label_comp_id 
_pdbx_unobs_or_zero_occ_residues.label_seq_id 
1 1 Y 1 A ALA 147 ? A ALA 141 
2 1 Y 1 A MET 148 ? A MET 142 
3 1 Y 1 A GLU 149 ? A GLU 143 
4 1 Y 1 A GLN 150 ? A GLN 144 
# 
loop_
_chem_comp_atom.comp_id 
_chem_comp_atom.atom_id 
_chem_comp_atom.type_symbol 
_chem_comp_atom.pdbx_aromatic_flag 
_chem_comp_atom.pdbx_stereo_config 
_chem_comp_atom.pdbx_ordinal 
A1BQY N1   N  Y N 1   
A1BQY N3   N  N N 2   
A1BQY C4   C  N S 3   
A1BQY C5   C  N N 4   
A1BQY C6   C  Y N 5   
A1BQY C7   C  Y N 6   
A1BQY C8   C  Y N 7   
A1BQY C10  C  Y N 8   
A1BQY C13  C  Y N 9   
A1BQY C15  C  Y N 10  
A1BQY C17  C  Y N 11  
A1BQY N    N  Y N 12  
A1BQY C    C  N N 13  
A1BQY O    O  N N 14  
A1BQY C1   C  Y N 15  
A1BQY C11  C  Y N 16  
A1BQY C12  C  N N 17  
A1BQY C14  C  Y N 18  
A1BQY C16  C  Y N 19  
A1BQY C18  C  Y N 20  
A1BQY C2   C  N N 21  
A1BQY C3   C  N N 22  
A1BQY C9   C  Y N 23  
A1BQY N2   N  N N 24  
A1BQY H15  H  N N 25  
A1BQY H    H  N N 26  
A1BQY H7   H  N N 27  
A1BQY H8   H  N N 28  
A1BQY H9   H  N N 29  
A1BQY H10  H  N N 30  
A1BQY H12  H  N N 31  
A1BQY H17  H  N N 32  
A1BQY H19  H  N N 33  
A1BQY H2   H  N N 34  
A1BQY H1   H  N N 35  
A1BQY H3   H  N N 36  
A1BQY H13  H  N N 37  
A1BQY H14  H  N N 38  
A1BQY H16  H  N N 39  
A1BQY H18  H  N N 40  
A1BQY H6   H  N N 41  
A1BQY H5   H  N N 42  
A1BQY H11  H  N N 43  
A1BQY H4   H  N N 44  
ALA   N    N  N N 45  
ALA   CA   C  N S 46  
ALA   C    C  N N 47  
ALA   O    O  N N 48  
ALA   CB   C  N N 49  
ALA   OXT  O  N N 50  
ALA   H    H  N N 51  
ALA   H2   H  N N 52  
ALA   HA   H  N N 53  
ALA   HB1  H  N N 54  
ALA   HB2  H  N N 55  
ALA   HB3  H  N N 56  
ALA   HXT  H  N N 57  
ARG   N    N  N N 58  
ARG   CA   C  N S 59  
ARG   C    C  N N 60  
ARG   O    O  N N 61  
ARG   CB   C  N N 62  
ARG   CG   C  N N 63  
ARG   CD   C  N N 64  
ARG   NE   N  N N 65  
ARG   CZ   C  N N 66  
ARG   NH1  N  N N 67  
ARG   NH2  N  N N 68  
ARG   OXT  O  N N 69  
ARG   H    H  N N 70  
ARG   H2   H  N N 71  
ARG   HA   H  N N 72  
ARG   HB2  H  N N 73  
ARG   HB3  H  N N 74  
ARG   HG2  H  N N 75  
ARG   HG3  H  N N 76  
ARG   HD2  H  N N 77  
ARG   HD3  H  N N 78  
ARG   HE   H  N N 79  
ARG   HH11 H  N N 80  
ARG   HH12 H  N N 81  
ARG   HH21 H  N N 82  
ARG   HH22 H  N N 83  
ARG   HXT  H  N N 84  
ASN   N    N  N N 85  
ASN   CA   C  N S 86  
ASN   C    C  N N 87  
ASN   O    O  N N 88  
ASN   CB   C  N N 89  
ASN   CG   C  N N 90  
ASN   OD1  O  N N 91  
ASN   ND2  N  N N 92  
ASN   OXT  O  N N 93  
ASN   H    H  N N 94  
ASN   H2   H  N N 95  
ASN   HA   H  N N 96  
ASN   HB2  H  N N 97  
ASN   HB3  H  N N 98  
ASN   HD21 H  N N 99  
ASN   HD22 H  N N 100 
ASN   HXT  H  N N 101 
ASP   N    N  N N 102 
ASP   CA   C  N S 103 
ASP   C    C  N N 104 
ASP   O    O  N N 105 
ASP   CB   C  N N 106 
ASP   CG   C  N N 107 
ASP   OD1  O  N N 108 
ASP   OD2  O  N N 109 
ASP   OXT  O  N N 110 
ASP   H    H  N N 111 
ASP   H2   H  N N 112 
ASP   HA   H  N N 113 
ASP   HB2  H  N N 114 
ASP   HB3  H  N N 115 
ASP   HD2  H  N N 116 
ASP   HXT  H  N N 117 
CYS   N    N  N N 118 
CYS   CA   C  N R 119 
CYS   C    C  N N 120 
CYS   O    O  N N 121 
CYS   CB   C  N N 122 
CYS   SG   S  N N 123 
CYS   OXT  O  N N 124 
CYS   H    H  N N 125 
CYS   H2   H  N N 126 
CYS   HA   H  N N 127 
CYS   HB2  H  N N 128 
CYS   HB3  H  N N 129 
CYS   HG   H  N N 130 
CYS   HXT  H  N N 131 
DMS   S    S  N N 132 
DMS   O    O  N N 133 
DMS   C1   C  N N 134 
DMS   C2   C  N N 135 
DMS   H11  H  N N 136 
DMS   H12  H  N N 137 
DMS   H13  H  N N 138 
DMS   H21  H  N N 139 
DMS   H22  H  N N 140 
DMS   H23  H  N N 141 
GLN   N    N  N N 142 
GLN   CA   C  N S 143 
GLN   C    C  N N 144 
GLN   O    O  N N 145 
GLN   CB   C  N N 146 
GLN   CG   C  N N 147 
GLN   CD   C  N N 148 
GLN   OE1  O  N N 149 
GLN   NE2  N  N N 150 
GLN   OXT  O  N N 151 
GLN   H    H  N N 152 
GLN   H2   H  N N 153 
GLN   HA   H  N N 154 
GLN   HB2  H  N N 155 
GLN   HB3  H  N N 156 
GLN   HG2  H  N N 157 
GLN   HG3  H  N N 158 
GLN   HE21 H  N N 159 
GLN   HE22 H  N N 160 
GLN   HXT  H  N N 161 
GLU   N    N  N N 162 
GLU   CA   C  N S 163 
GLU   C    C  N N 164 
GLU   O    O  N N 165 
GLU   CB   C  N N 166 
GLU   CG   C  N N 167 
GLU   CD   C  N N 168 
GLU   OE1  O  N N 169 
GLU   OE2  O  N N 170 
GLU   OXT  O  N N 171 
GLU   H    H  N N 172 
GLU   H2   H  N N 173 
GLU   HA   H  N N 174 
GLU   HB2  H  N N 175 
GLU   HB3  H  N N 176 
GLU   HG2  H  N N 177 
GLU   HG3  H  N N 178 
GLU   HE2  H  N N 179 
GLU   HXT  H  N N 180 
GLY   N    N  N N 181 
GLY   CA   C  N N 182 
GLY   C    C  N N 183 
GLY   O    O  N N 184 
GLY   OXT  O  N N 185 
GLY   H    H  N N 186 
GLY   H2   H  N N 187 
GLY   HA2  H  N N 188 
GLY   HA3  H  N N 189 
GLY   HXT  H  N N 190 
HIS   N    N  N N 191 
HIS   CA   C  N S 192 
HIS   C    C  N N 193 
HIS   O    O  N N 194 
HIS   CB   C  N N 195 
HIS   CG   C  Y N 196 
HIS   ND1  N  Y N 197 
HIS   CD2  C  Y N 198 
HIS   CE1  C  Y N 199 
HIS   NE2  N  Y N 200 
HIS   OXT  O  N N 201 
HIS   H    H  N N 202 
HIS   H2   H  N N 203 
HIS   HA   H  N N 204 
HIS   HB2  H  N N 205 
HIS   HB3  H  N N 206 
HIS   HD1  H  N N 207 
HIS   HD2  H  N N 208 
HIS   HE1  H  N N 209 
HIS   HE2  H  N N 210 
HIS   HXT  H  N N 211 
HOH   O    O  N N 212 
HOH   H1   H  N N 213 
HOH   H2   H  N N 214 
ILE   N    N  N N 215 
ILE   CA   C  N S 216 
ILE   C    C  N N 217 
ILE   O    O  N N 218 
ILE   CB   C  N S 219 
ILE   CG1  C  N N 220 
ILE   CG2  C  N N 221 
ILE   CD1  C  N N 222 
ILE   OXT  O  N N 223 
ILE   H    H  N N 224 
ILE   H2   H  N N 225 
ILE   HA   H  N N 226 
ILE   HB   H  N N 227 
ILE   HG12 H  N N 228 
ILE   HG13 H  N N 229 
ILE   HG21 H  N N 230 
ILE   HG22 H  N N 231 
ILE   HG23 H  N N 232 
ILE   HD11 H  N N 233 
ILE   HD12 H  N N 234 
ILE   HD13 H  N N 235 
ILE   HXT  H  N N 236 
LEU   N    N  N N 237 
LEU   CA   C  N S 238 
LEU   C    C  N N 239 
LEU   O    O  N N 240 
LEU   CB   C  N N 241 
LEU   CG   C  N N 242 
LEU   CD1  C  N N 243 
LEU   CD2  C  N N 244 
LEU   OXT  O  N N 245 
LEU   H    H  N N 246 
LEU   H2   H  N N 247 
LEU   HA   H  N N 248 
LEU   HB2  H  N N 249 
LEU   HB3  H  N N 250 
LEU   HG   H  N N 251 
LEU   HD11 H  N N 252 
LEU   HD12 H  N N 253 
LEU   HD13 H  N N 254 
LEU   HD21 H  N N 255 
LEU   HD22 H  N N 256 
LEU   HD23 H  N N 257 
LEU   HXT  H  N N 258 
LYS   N    N  N N 259 
LYS   CA   C  N S 260 
LYS   C    C  N N 261 
LYS   O    O  N N 262 
LYS   CB   C  N N 263 
LYS   CG   C  N N 264 
LYS   CD   C  N N 265 
LYS   CE   C  N N 266 
LYS   NZ   N  N N 267 
LYS   OXT  O  N N 268 
LYS   H    H  N N 269 
LYS   H2   H  N N 270 
LYS   HA   H  N N 271 
LYS   HB2  H  N N 272 
LYS   HB3  H  N N 273 
LYS   HG2  H  N N 274 
LYS   HG3  H  N N 275 
LYS   HD2  H  N N 276 
LYS   HD3  H  N N 277 
LYS   HE2  H  N N 278 
LYS   HE3  H  N N 279 
LYS   HZ1  H  N N 280 
LYS   HZ2  H  N N 281 
LYS   HZ3  H  N N 282 
LYS   HXT  H  N N 283 
MET   N    N  N N 284 
MET   CA   C  N S 285 
MET   C    C  N N 286 
MET   O    O  N N 287 
MET   CB   C  N N 288 
MET   CG   C  N N 289 
MET   SD   S  N N 290 
MET   CE   C  N N 291 
MET   OXT  O  N N 292 
MET   H    H  N N 293 
MET   H2   H  N N 294 
MET   HA   H  N N 295 
MET   HB2  H  N N 296 
MET   HB3  H  N N 297 
MET   HG2  H  N N 298 
MET   HG3  H  N N 299 
MET   HE1  H  N N 300 
MET   HE2  H  N N 301 
MET   HE3  H  N N 302 
MET   HXT  H  N N 303 
PHE   N    N  N N 304 
PHE   CA   C  N S 305 
PHE   C    C  N N 306 
PHE   O    O  N N 307 
PHE   CB   C  N N 308 
PHE   CG   C  Y N 309 
PHE   CD1  C  Y N 310 
PHE   CD2  C  Y N 311 
PHE   CE1  C  Y N 312 
PHE   CE2  C  Y N 313 
PHE   CZ   C  Y N 314 
PHE   OXT  O  N N 315 
PHE   H    H  N N 316 
PHE   H2   H  N N 317 
PHE   HA   H  N N 318 
PHE   HB2  H  N N 319 
PHE   HB3  H  N N 320 
PHE   HD1  H  N N 321 
PHE   HD2  H  N N 322 
PHE   HE1  H  N N 323 
PHE   HE2  H  N N 324 
PHE   HZ   H  N N 325 
PHE   HXT  H  N N 326 
PRO   N    N  N N 327 
PRO   CA   C  N S 328 
PRO   C    C  N N 329 
PRO   O    O  N N 330 
PRO   CB   C  N N 331 
PRO   CG   C  N N 332 
PRO   CD   C  N N 333 
PRO   OXT  O  N N 334 
PRO   H    H  N N 335 
PRO   HA   H  N N 336 
PRO   HB2  H  N N 337 
PRO   HB3  H  N N 338 
PRO   HG2  H  N N 339 
PRO   HG3  H  N N 340 
PRO   HD2  H  N N 341 
PRO   HD3  H  N N 342 
PRO   HXT  H  N N 343 
SER   N    N  N N 344 
SER   CA   C  N S 345 
SER   C    C  N N 346 
SER   O    O  N N 347 
SER   CB   C  N N 348 
SER   OG   O  N N 349 
SER   OXT  O  N N 350 
SER   H    H  N N 351 
SER   H2   H  N N 352 
SER   HA   H  N N 353 
SER   HB2  H  N N 354 
SER   HB3  H  N N 355 
SER   HG   H  N N 356 
SER   HXT  H  N N 357 
THR   N    N  N N 358 
THR   CA   C  N S 359 
THR   C    C  N N 360 
THR   O    O  N N 361 
THR   CB   C  N R 362 
THR   OG1  O  N N 363 
THR   CG2  C  N N 364 
THR   OXT  O  N N 365 
THR   H    H  N N 366 
THR   H2   H  N N 367 
THR   HA   H  N N 368 
THR   HB   H  N N 369 
THR   HG1  H  N N 370 
THR   HG21 H  N N 371 
THR   HG22 H  N N 372 
THR   HG23 H  N N 373 
THR   HXT  H  N N 374 
TRP   N    N  N N 375 
TRP   CA   C  N S 376 
TRP   C    C  N N 377 
TRP   O    O  N N 378 
TRP   CB   C  N N 379 
TRP   CG   C  Y N 380 
TRP   CD1  C  Y N 381 
TRP   CD2  C  Y N 382 
TRP   NE1  N  Y N 383 
TRP   CE2  C  Y N 384 
TRP   CE3  C  Y N 385 
TRP   CZ2  C  Y N 386 
TRP   CZ3  C  Y N 387 
TRP   CH2  C  Y N 388 
TRP   OXT  O  N N 389 
TRP   H    H  N N 390 
TRP   H2   H  N N 391 
TRP   HA   H  N N 392 
TRP   HB2  H  N N 393 
TRP   HB3  H  N N 394 
TRP   HD1  H  N N 395 
TRP   HE1  H  N N 396 
TRP   HE3  H  N N 397 
TRP   HZ2  H  N N 398 
TRP   HZ3  H  N N 399 
TRP   HH2  H  N N 400 
TRP   HXT  H  N N 401 
TYR   N    N  N N 402 
TYR   CA   C  N S 403 
TYR   C    C  N N 404 
TYR   O    O  N N 405 
TYR   CB   C  N N 406 
TYR   CG   C  Y N 407 
TYR   CD1  C  Y N 408 
TYR   CD2  C  Y N 409 
TYR   CE1  C  Y N 410 
TYR   CE2  C  Y N 411 
TYR   CZ   C  Y N 412 
TYR   OH   O  N N 413 
TYR   OXT  O  N N 414 
TYR   H    H  N N 415 
TYR   H2   H  N N 416 
TYR   HA   H  N N 417 
TYR   HB2  H  N N 418 
TYR   HB3  H  N N 419 
TYR   HD1  H  N N 420 
TYR   HD2  H  N N 421 
TYR   HE1  H  N N 422 
TYR   HE2  H  N N 423 
TYR   HH   H  N N 424 
TYR   HXT  H  N N 425 
VAL   N    N  N N 426 
VAL   CA   C  N S 427 
VAL   C    C  N N 428 
VAL   O    O  N N 429 
VAL   CB   C  N N 430 
VAL   CG1  C  N N 431 
VAL   CG2  C  N N 432 
VAL   OXT  O  N N 433 
VAL   H    H  N N 434 
VAL   H2   H  N N 435 
VAL   HA   H  N N 436 
VAL   HB   H  N N 437 
VAL   HG11 H  N N 438 
VAL   HG12 H  N N 439 
VAL   HG13 H  N N 440 
VAL   HG21 H  N N 441 
VAL   HG22 H  N N 442 
VAL   HG23 H  N N 443 
VAL   HXT  H  N N 444 
ZN    ZN   ZN N N 445 
# 
loop_
_chem_comp_bond.comp_id 
_chem_comp_bond.atom_id_1 
_chem_comp_bond.atom_id_2 
_chem_comp_bond.value_order 
_chem_comp_bond.pdbx_aromatic_flag 
_chem_comp_bond.pdbx_stereo_config 
_chem_comp_bond.pdbx_ordinal 
A1BQY C   N    sing N N 1   
A1BQY N   N1   sing Y N 2   
A1BQY N1  C1   doub Y N 3   
A1BQY C1  C2   sing N N 4   
A1BQY C2  O    doub N N 5   
A1BQY N2  C2   sing N N 6   
A1BQY C3  N2   sing N N 7   
A1BQY C4  C3   sing N N 8   
A1BQY C4  C5   sing N N 9   
A1BQY C5  C6   sing N N 10  
A1BQY C6  C7   doub Y N 11  
A1BQY C7  C8   sing Y N 12  
A1BQY C8  C9   doub Y N 13  
A1BQY C9  C10  sing Y N 14  
A1BQY C10 C11  doub Y N 15  
A1BQY C6  C11  sing Y N 16  
A1BQY C11 C12  sing N N 17  
A1BQY C12 N3   sing N N 18  
A1BQY N3  C4   sing N N 19  
A1BQY C13 C1   sing Y N 20  
A1BQY C13 C14  doub Y N 21  
A1BQY C14 C15  sing Y N 22  
A1BQY C15 C16  doub Y N 23  
A1BQY C16 C17  sing Y N 24  
A1BQY C17 C18  doub Y N 25  
A1BQY C18 C13  sing Y N 26  
A1BQY N   C18  sing Y N 27  
A1BQY N3  H15  sing N N 28  
A1BQY C4  H    sing N N 29  
A1BQY C5  H7   sing N N 30  
A1BQY C5  H8   sing N N 31  
A1BQY C7  H9   sing N N 32  
A1BQY C8  H10  sing N N 33  
A1BQY C10 H12  sing N N 34  
A1BQY C15 H17  sing N N 35  
A1BQY C17 H19  sing N N 36  
A1BQY C   H2   sing N N 37  
A1BQY C   H1   sing N N 38  
A1BQY C   H3   sing N N 39  
A1BQY C12 H13  sing N N 40  
A1BQY C12 H14  sing N N 41  
A1BQY C14 H16  sing N N 42  
A1BQY C16 H18  sing N N 43  
A1BQY C3  H6   sing N N 44  
A1BQY C3  H5   sing N N 45  
A1BQY C9  H11  sing N N 46  
A1BQY N2  H4   sing N N 47  
ALA   N   CA   sing N N 48  
ALA   N   H    sing N N 49  
ALA   N   H2   sing N N 50  
ALA   CA  C    sing N N 51  
ALA   CA  CB   sing N N 52  
ALA   CA  HA   sing N N 53  
ALA   C   O    doub N N 54  
ALA   C   OXT  sing N N 55  
ALA   CB  HB1  sing N N 56  
ALA   CB  HB2  sing N N 57  
ALA   CB  HB3  sing N N 58  
ALA   OXT HXT  sing N N 59  
ARG   N   CA   sing N N 60  
ARG   N   H    sing N N 61  
ARG   N   H2   sing N N 62  
ARG   CA  C    sing N N 63  
ARG   CA  CB   sing N N 64  
ARG   CA  HA   sing N N 65  
ARG   C   O    doub N N 66  
ARG   C   OXT  sing N N 67  
ARG   CB  CG   sing N N 68  
ARG   CB  HB2  sing N N 69  
ARG   CB  HB3  sing N N 70  
ARG   CG  CD   sing N N 71  
ARG   CG  HG2  sing N N 72  
ARG   CG  HG3  sing N N 73  
ARG   CD  NE   sing N N 74  
ARG   CD  HD2  sing N N 75  
ARG   CD  HD3  sing N N 76  
ARG   NE  CZ   sing N N 77  
ARG   NE  HE   sing N N 78  
ARG   CZ  NH1  sing N N 79  
ARG   CZ  NH2  doub N N 80  
ARG   NH1 HH11 sing N N 81  
ARG   NH1 HH12 sing N N 82  
ARG   NH2 HH21 sing N N 83  
ARG   NH2 HH22 sing N N 84  
ARG   OXT HXT  sing N N 85  
ASN   N   CA   sing N N 86  
ASN   N   H    sing N N 87  
ASN   N   H2   sing N N 88  
ASN   CA  C    sing N N 89  
ASN   CA  CB   sing N N 90  
ASN   CA  HA   sing N N 91  
ASN   C   O    doub N N 92  
ASN   C   OXT  sing N N 93  
ASN   CB  CG   sing N N 94  
ASN   CB  HB2  sing N N 95  
ASN   CB  HB3  sing N N 96  
ASN   CG  OD1  doub N N 97  
ASN   CG  ND2  sing N N 98  
ASN   ND2 HD21 sing N N 99  
ASN   ND2 HD22 sing N N 100 
ASN   OXT HXT  sing N N 101 
ASP   N   CA   sing N N 102 
ASP   N   H    sing N N 103 
ASP   N   H2   sing N N 104 
ASP   CA  C    sing N N 105 
ASP   CA  CB   sing N N 106 
ASP   CA  HA   sing N N 107 
ASP   C   O    doub N N 108 
ASP   C   OXT  sing N N 109 
ASP   CB  CG   sing N N 110 
ASP   CB  HB2  sing N N 111 
ASP   CB  HB3  sing N N 112 
ASP   CG  OD1  doub N N 113 
ASP   CG  OD2  sing N N 114 
ASP   OD2 HD2  sing N N 115 
ASP   OXT HXT  sing N N 116 
CYS   N   CA   sing N N 117 
CYS   N   H    sing N N 118 
CYS   N   H2   sing N N 119 
CYS   CA  C    sing N N 120 
CYS   CA  CB   sing N N 121 
CYS   CA  HA   sing N N 122 
CYS   C   O    doub N N 123 
CYS   C   OXT  sing N N 124 
CYS   CB  SG   sing N N 125 
CYS   CB  HB2  sing N N 126 
CYS   CB  HB3  sing N N 127 
CYS   SG  HG   sing N N 128 
CYS   OXT HXT  sing N N 129 
DMS   S   O    doub N N 130 
DMS   S   C1   sing N N 131 
DMS   S   C2   sing N N 132 
DMS   C1  H11  sing N N 133 
DMS   C1  H12  sing N N 134 
DMS   C1  H13  sing N N 135 
DMS   C2  H21  sing N N 136 
DMS   C2  H22  sing N N 137 
DMS   C2  H23  sing N N 138 
GLN   N   CA   sing N N 139 
GLN   N   H    sing N N 140 
GLN   N   H2   sing N N 141 
GLN   CA  C    sing N N 142 
GLN   CA  CB   sing N N 143 
GLN   CA  HA   sing N N 144 
GLN   C   O    doub N N 145 
GLN   C   OXT  sing N N 146 
GLN   CB  CG   sing N N 147 
GLN   CB  HB2  sing N N 148 
GLN   CB  HB3  sing N N 149 
GLN   CG  CD   sing N N 150 
GLN   CG  HG2  sing N N 151 
GLN   CG  HG3  sing N N 152 
GLN   CD  OE1  doub N N 153 
GLN   CD  NE2  sing N N 154 
GLN   NE2 HE21 sing N N 155 
GLN   NE2 HE22 sing N N 156 
GLN   OXT HXT  sing N N 157 
GLU   N   CA   sing N N 158 
GLU   N   H    sing N N 159 
GLU   N   H2   sing N N 160 
GLU   CA  C    sing N N 161 
GLU   CA  CB   sing N N 162 
GLU   CA  HA   sing N N 163 
GLU   C   O    doub N N 164 
GLU   C   OXT  sing N N 165 
GLU   CB  CG   sing N N 166 
GLU   CB  HB2  sing N N 167 
GLU   CB  HB3  sing N N 168 
GLU   CG  CD   sing N N 169 
GLU   CG  HG2  sing N N 170 
GLU   CG  HG3  sing N N 171 
GLU   CD  OE1  doub N N 172 
GLU   CD  OE2  sing N N 173 
GLU   OE2 HE2  sing N N 174 
GLU   OXT HXT  sing N N 175 
GLY   N   CA   sing N N 176 
GLY   N   H    sing N N 177 
GLY   N   H2   sing N N 178 
GLY   CA  C    sing N N 179 
GLY   CA  HA2  sing N N 180 
GLY   CA  HA3  sing N N 181 
GLY   C   O    doub N N 182 
GLY   C   OXT  sing N N 183 
GLY   OXT HXT  sing N N 184 
HIS   N   CA   sing N N 185 
HIS   N   H    sing N N 186 
HIS   N   H2   sing N N 187 
HIS   CA  C    sing N N 188 
HIS   CA  CB   sing N N 189 
HIS   CA  HA   sing N N 190 
HIS   C   O    doub N N 191 
HIS   C   OXT  sing N N 192 
HIS   CB  CG   sing N N 193 
HIS   CB  HB2  sing N N 194 
HIS   CB  HB3  sing N N 195 
HIS   CG  ND1  sing Y N 196 
HIS   CG  CD2  doub Y N 197 
HIS   ND1 CE1  doub Y N 198 
HIS   ND1 HD1  sing N N 199 
HIS   CD2 NE2  sing Y N 200 
HIS   CD2 HD2  sing N N 201 
HIS   CE1 NE2  sing Y N 202 
HIS   CE1 HE1  sing N N 203 
HIS   NE2 HE2  sing N N 204 
HIS   OXT HXT  sing N N 205 
HOH   O   H1   sing N N 206 
HOH   O   H2   sing N N 207 
ILE   N   CA   sing N N 208 
ILE   N   H    sing N N 209 
ILE   N   H2   sing N N 210 
ILE   CA  C    sing N N 211 
ILE   CA  CB   sing N N 212 
ILE   CA  HA   sing N N 213 
ILE   C   O    doub N N 214 
ILE   C   OXT  sing N N 215 
ILE   CB  CG1  sing N N 216 
ILE   CB  CG2  sing N N 217 
ILE   CB  HB   sing N N 218 
ILE   CG1 CD1  sing N N 219 
ILE   CG1 HG12 sing N N 220 
ILE   CG1 HG13 sing N N 221 
ILE   CG2 HG21 sing N N 222 
ILE   CG2 HG22 sing N N 223 
ILE   CG2 HG23 sing N N 224 
ILE   CD1 HD11 sing N N 225 
ILE   CD1 HD12 sing N N 226 
ILE   CD1 HD13 sing N N 227 
ILE   OXT HXT  sing N N 228 
LEU   N   CA   sing N N 229 
LEU   N   H    sing N N 230 
LEU   N   H2   sing N N 231 
LEU   CA  C    sing N N 232 
LEU   CA  CB   sing N N 233 
LEU   CA  HA   sing N N 234 
LEU   C   O    doub N N 235 
LEU   C   OXT  sing N N 236 
LEU   CB  CG   sing N N 237 
LEU   CB  HB2  sing N N 238 
LEU   CB  HB3  sing N N 239 
LEU   CG  CD1  sing N N 240 
LEU   CG  CD2  sing N N 241 
LEU   CG  HG   sing N N 242 
LEU   CD1 HD11 sing N N 243 
LEU   CD1 HD12 sing N N 244 
LEU   CD1 HD13 sing N N 245 
LEU   CD2 HD21 sing N N 246 
LEU   CD2 HD22 sing N N 247 
LEU   CD2 HD23 sing N N 248 
LEU   OXT HXT  sing N N 249 
LYS   N   CA   sing N N 250 
LYS   N   H    sing N N 251 
LYS   N   H2   sing N N 252 
LYS   CA  C    sing N N 253 
LYS   CA  CB   sing N N 254 
LYS   CA  HA   sing N N 255 
LYS   C   O    doub N N 256 
LYS   C   OXT  sing N N 257 
LYS   CB  CG   sing N N 258 
LYS   CB  HB2  sing N N 259 
LYS   CB  HB3  sing N N 260 
LYS   CG  CD   sing N N 261 
LYS   CG  HG2  sing N N 262 
LYS   CG  HG3  sing N N 263 
LYS   CD  CE   sing N N 264 
LYS   CD  HD2  sing N N 265 
LYS   CD  HD3  sing N N 266 
LYS   CE  NZ   sing N N 267 
LYS   CE  HE2  sing N N 268 
LYS   CE  HE3  sing N N 269 
LYS   NZ  HZ1  sing N N 270 
LYS   NZ  HZ2  sing N N 271 
LYS   NZ  HZ3  sing N N 272 
LYS   OXT HXT  sing N N 273 
MET   N   CA   sing N N 274 
MET   N   H    sing N N 275 
MET   N   H2   sing N N 276 
MET   CA  C    sing N N 277 
MET   CA  CB   sing N N 278 
MET   CA  HA   sing N N 279 
MET   C   O    doub N N 280 
MET   C   OXT  sing N N 281 
MET   CB  CG   sing N N 282 
MET   CB  HB2  sing N N 283 
MET   CB  HB3  sing N N 284 
MET   CG  SD   sing N N 285 
MET   CG  HG2  sing N N 286 
MET   CG  HG3  sing N N 287 
MET   SD  CE   sing N N 288 
MET   CE  HE1  sing N N 289 
MET   CE  HE2  sing N N 290 
MET   CE  HE3  sing N N 291 
MET   OXT HXT  sing N N 292 
PHE   N   CA   sing N N 293 
PHE   N   H    sing N N 294 
PHE   N   H2   sing N N 295 
PHE   CA  C    sing N N 296 
PHE   CA  CB   sing N N 297 
PHE   CA  HA   sing N N 298 
PHE   C   O    doub N N 299 
PHE   C   OXT  sing N N 300 
PHE   CB  CG   sing N N 301 
PHE   CB  HB2  sing N N 302 
PHE   CB  HB3  sing N N 303 
PHE   CG  CD1  doub Y N 304 
PHE   CG  CD2  sing Y N 305 
PHE   CD1 CE1  sing Y N 306 
PHE   CD1 HD1  sing N N 307 
PHE   CD2 CE2  doub Y N 308 
PHE   CD2 HD2  sing N N 309 
PHE   CE1 CZ   doub Y N 310 
PHE   CE1 HE1  sing N N 311 
PHE   CE2 CZ   sing Y N 312 
PHE   CE2 HE2  sing N N 313 
PHE   CZ  HZ   sing N N 314 
PHE   OXT HXT  sing N N 315 
PRO   N   CA   sing N N 316 
PRO   N   CD   sing N N 317 
PRO   N   H    sing N N 318 
PRO   CA  C    sing N N 319 
PRO   CA  CB   sing N N 320 
PRO   CA  HA   sing N N 321 
PRO   C   O    doub N N 322 
PRO   C   OXT  sing N N 323 
PRO   CB  CG   sing N N 324 
PRO   CB  HB2  sing N N 325 
PRO   CB  HB3  sing N N 326 
PRO   CG  CD   sing N N 327 
PRO   CG  HG2  sing N N 328 
PRO   CG  HG3  sing N N 329 
PRO   CD  HD2  sing N N 330 
PRO   CD  HD3  sing N N 331 
PRO   OXT HXT  sing N N 332 
SER   N   CA   sing N N 333 
SER   N   H    sing N N 334 
SER   N   H2   sing N N 335 
SER   CA  C    sing N N 336 
SER   CA  CB   sing N N 337 
SER   CA  HA   sing N N 338 
SER   C   O    doub N N 339 
SER   C   OXT  sing N N 340 
SER   CB  OG   sing N N 341 
SER   CB  HB2  sing N N 342 
SER   CB  HB3  sing N N 343 
SER   OG  HG   sing N N 344 
SER   OXT HXT  sing N N 345 
THR   N   CA   sing N N 346 
THR   N   H    sing N N 347 
THR   N   H2   sing N N 348 
THR   CA  C    sing N N 349 
THR   CA  CB   sing N N 350 
THR   CA  HA   sing N N 351 
THR   C   O    doub N N 352 
THR   C   OXT  sing N N 353 
THR   CB  OG1  sing N N 354 
THR   CB  CG2  sing N N 355 
THR   CB  HB   sing N N 356 
THR   OG1 HG1  sing N N 357 
THR   CG2 HG21 sing N N 358 
THR   CG2 HG22 sing N N 359 
THR   CG2 HG23 sing N N 360 
THR   OXT HXT  sing N N 361 
TRP   N   CA   sing N N 362 
TRP   N   H    sing N N 363 
TRP   N   H2   sing N N 364 
TRP   CA  C    sing N N 365 
TRP   CA  CB   sing N N 366 
TRP   CA  HA   sing N N 367 
TRP   C   O    doub N N 368 
TRP   C   OXT  sing N N 369 
TRP   CB  CG   sing N N 370 
TRP   CB  HB2  sing N N 371 
TRP   CB  HB3  sing N N 372 
TRP   CG  CD1  doub Y N 373 
TRP   CG  CD2  sing Y N 374 
TRP   CD1 NE1  sing Y N 375 
TRP   CD1 HD1  sing N N 376 
TRP   CD2 CE2  doub Y N 377 
TRP   CD2 CE3  sing Y N 378 
TRP   NE1 CE2  sing Y N 379 
TRP   NE1 HE1  sing N N 380 
TRP   CE2 CZ2  sing Y N 381 
TRP   CE3 CZ3  doub Y N 382 
TRP   CE3 HE3  sing N N 383 
TRP   CZ2 CH2  doub Y N 384 
TRP   CZ2 HZ2  sing N N 385 
TRP   CZ3 CH2  sing Y N 386 
TRP   CZ3 HZ3  sing N N 387 
TRP   CH2 HH2  sing N N 388 
TRP   OXT HXT  sing N N 389 
TYR   N   CA   sing N N 390 
TYR   N   H    sing N N 391 
TYR   N   H2   sing N N 392 
TYR   CA  C    sing N N 393 
TYR   CA  CB   sing N N 394 
TYR   CA  HA   sing N N 395 
TYR   C   O    doub N N 396 
TYR   C   OXT  sing N N 397 
TYR   CB  CG   sing N N 398 
TYR   CB  HB2  sing N N 399 
TYR   CB  HB3  sing N N 400 
TYR   CG  CD1  doub Y N 401 
TYR   CG  CD2  sing Y N 402 
TYR   CD1 CE1  sing Y N 403 
TYR   CD1 HD1  sing N N 404 
TYR   CD2 CE2  doub Y N 405 
TYR   CD2 HD2  sing N N 406 
TYR   CE1 CZ   doub Y N 407 
TYR   CE1 HE1  sing N N 408 
TYR   CE2 CZ   sing Y N 409 
TYR   CE2 HE2  sing N N 410 
TYR   CZ  OH   sing N N 411 
TYR   OH  HH   sing N N 412 
TYR   OXT HXT  sing N N 413 
VAL   N   CA   sing N N 414 
VAL   N   H    sing N N 415 
VAL   N   H2   sing N N 416 
VAL   CA  C    sing N N 417 
VAL   CA  CB   sing N N 418 
VAL   CA  HA   sing N N 419 
VAL   C   O    doub N N 420 
VAL   C   OXT  sing N N 421 
VAL   CB  CG1  sing N N 422 
VAL   CB  CG2  sing N N 423 
VAL   CB  HB   sing N N 424 
VAL   CG1 HG11 sing N N 425 
VAL   CG1 HG12 sing N N 426 
VAL   CG1 HG13 sing N N 427 
VAL   CG2 HG21 sing N N 428 
VAL   CG2 HG22 sing N N 429 
VAL   CG2 HG23 sing N N 430 
VAL   OXT HXT  sing N N 431 
# 
_pdbx_audit_support.funding_organization   
'National Institutes of Health/National Institute Of Allergy and Infectious Diseases (NIH/NIAID)' 
_pdbx_audit_support.country                'United States' 
_pdbx_audit_support.grant_number           U19AI171399 
_pdbx_audit_support.ordinal                1 
# 
_pdbx_deposit_group.group_id            G_1002330 
_pdbx_deposit_group.group_description   
'Crystollographic structure of Coxsackievirus A16 (G-10) 2A protease in complex with inhibitor' 
_pdbx_deposit_group.group_title         
'Group deposition of Coxsackievirus A16 (G-10) 2A protease in complex with inhibitors from the ASAP AViDD centre' 
_pdbx_deposit_group.group_type          'changed state' 
# 
_pdbx_initial_refinement_model.accession_code   8POA 
_pdbx_initial_refinement_model.details          ? 
_pdbx_initial_refinement_model.entity_id_list   ? 
_pdbx_initial_refinement_model.id               1 
_pdbx_initial_refinement_model.source_name      PDB 
_pdbx_initial_refinement_model.type             'experimental model' 
# 
_atom_sites.entry_id                    7HZK 
_atom_sites.fract_transf_matrix[1][1]   -0.00669265 
_atom_sites.fract_transf_matrix[1][2]   -0.00874908 
_atom_sites.fract_transf_matrix[1][3]   -0.00354356 
_atom_sites.fract_transf_matrix[2][1]   -0.00850276 
_atom_sites.fract_transf_matrix[2][2]   0.01092352 
_atom_sites.fract_transf_matrix[2][3]   -0.01091127 
_atom_sites.fract_transf_matrix[3][1]   0.01856222 
_atom_sites.fract_transf_matrix[3][2]   -0.00842788 
_atom_sites.fract_transf_matrix[3][3]   -0.02290222 
_atom_sites.fract_transf_vector[1]      0.185779 
_atom_sites.fract_transf_vector[2]      0.124043 
_atom_sites.fract_transf_vector[3]      0.454306 
# 
loop_
_atom_type.symbol 
C  
N  
O  
S  
ZN 
# 
loop_
_atom_site.group_PDB 
_atom_site.id 
_atom_site.type_symbol 
_atom_site.label_atom_id 
_atom_site.label_alt_id 
_atom_site.label_comp_id 
_atom_site.label_asym_id 
_atom_site.label_entity_id 
_atom_site.label_seq_id 
_atom_site.pdbx_PDB_ins_code 
_atom_site.Cartn_x 
_atom_site.Cartn_y 
_atom_site.Cartn_z 
_atom_site.occupancy 
_atom_site.B_iso_or_equiv 
_atom_site.pdbx_formal_charge 
_atom_site.auth_seq_id 
_atom_site.auth_comp_id 
_atom_site.auth_asym_id 
_atom_site.auth_atom_id 
_atom_site.pdbx_PDB_model_num 
ATOM   1    N  N   . SER   A 1 1   ? 4.018   -5.530  -8.126  1.00 24.05  ? 7   SER   A N   1 
ATOM   2    C  CA  . SER   A 1 1   ? 2.728   -6.180  -7.852  1.00 21.63  ? 7   SER   A CA  1 
ATOM   3    C  C   . SER   A 1 1   ? 2.632   -6.622  -6.386  1.00 22.19  ? 7   SER   A C   1 
ATOM   4    O  O   . SER   A 1 1   ? 3.658   -6.650  -5.695  1.00 22.64  ? 7   SER   A O   1 
ATOM   5    C  CB  . SER   A 1 1   ? 2.489   -7.350  -8.803  1.00 26.14  ? 7   SER   A CB  1 
ATOM   6    O  OG  . SER   A 1 1   ? 3.474   -8.338  -8.616  1.00 29.74  ? 7   SER   A OG  1 
ATOM   7    N  N   . GLY   A 1 2   ? 1.415   -6.891  -5.945  1.00 20.68  ? 8   GLY   A N   1 
ATOM   8    C  CA  . GLY   A 1 2   ? 1.121   -7.474  -4.636  1.00 20.10  ? 8   GLY   A CA  1 
ATOM   9    C  C   . GLY   A 1 2   ? -0.169  -6.948  -4.045  1.00 18.03  ? 8   GLY   A C   1 
ATOM   10   O  O   . GLY   A 1 2   ? -0.687  -5.892  -4.424  1.00 19.16  ? 8   GLY   A O   1 
ATOM   11   N  N   . ALA   A 1 3   ? -0.682  -7.698  -3.077  1.00 17.45  ? 9   ALA   A N   1 
ATOM   12   C  CA  . ALA   A 1 3   ? -1.961  -7.397  -2.427  1.00 17.45  ? 9   ALA   A CA  1 
ATOM   13   C  C   . ALA   A 1 3   ? -1.927  -7.817  -0.975  1.00 17.81  ? 9   ALA   A C   1 
ATOM   14   O  O   . ALA   A 1 3   ? -1.050  -8.620  -0.568  1.00 17.70  ? 9   ALA   A O   1 
ATOM   15   C  CB  . ALA   A 1 3   ? -3.098  -8.114  -3.137  1.00 19.79  ? 9   ALA   A CB  1 
ATOM   16   N  N   . ILE   A 1 4   ? -2.887  -7.290  -0.234  1.00 16.71  ? 10  ILE   A N   1 
ATOM   17   C  CA  . ILE   A 1 4   ? -3.205  -7.701  1.159   1.00 17.48  ? 10  ILE   A CA  1 
ATOM   18   C  C   . ILE   A 1 4   ? -4.461  -8.543  1.106   1.00 18.33  ? 10  ILE   A C   1 
ATOM   19   O  O   . ILE   A 1 4   ? -5.453  -8.086  0.501   1.00 18.81  ? 10  ILE   A O   1 
ATOM   20   C  CB  . ILE   A 1 4   ? -3.406  -6.498  2.104   1.00 17.13  ? 10  ILE   A CB  1 
ATOM   21   C  CG1 . ILE   A 1 4   ? -2.260  -5.500  1.987   1.00 19.84  ? 10  ILE   A CG1 1 
ATOM   22   C  CG2 . ILE   A 1 4   ? -3.575  -6.992  3.541   1.00 18.01  ? 10  ILE   A CG2 1 
ATOM   23   C  CD1 . ILE   A 1 4   ? -2.560  -4.182  2.647   1.00 18.44  ? 10  ILE   A CD1 1 
ATOM   24   N  N   . TYR   A 1 5   ? -4.472  -9.678  1.824   1.00 19.95  ? 11  TYR   A N   1 
ATOM   25   C  CA  . TYR   A 1 5   ? -5.634  -10.595 1.887   1.00 21.81  ? 11  TYR   A CA  1 
ATOM   26   C  C   . TYR   A 1 5   ? -6.070  -10.703 3.349   1.00 22.30  ? 11  TYR   A C   1 
ATOM   27   O  O   . TYR   A 1 5   ? -5.334  -11.392 4.133   1.00 22.30  ? 11  TYR   A O   1 
ATOM   28   C  CB  . TYR   A 1 5   ? -5.269  -11.942 1.269   1.00 21.00  ? 11  TYR   A CB  1 
ATOM   29   C  CG  . TYR   A 1 5   ? -4.980  -11.856 -0.210  1.00 23.22  ? 11  TYR   A CG  1 
ATOM   30   C  CD1 . TYR   A 1 5   ? -6.007  -11.832 -1.135  1.00 23.79  ? 11  TYR   A CD1 1 
ATOM   31   C  CD2 . TYR   A 1 5   ? -3.688  -11.783 -0.688  1.00 23.76  ? 11  TYR   A CD2 1 
ATOM   32   C  CE1 . TYR   A 1 5   ? -5.749  -11.750 -2.495  1.00 23.53  ? 11  TYR   A CE1 1 
ATOM   33   C  CE2 . TYR   A 1 5   ? -3.407  -11.702 -2.047  1.00 27.10  ? 11  TYR   A CE2 1 
ATOM   34   C  CZ  . TYR   A 1 5   ? -4.453  -11.657 -2.964  1.00 24.30  ? 11  TYR   A CZ  1 
ATOM   35   O  OH  . TYR   A 1 5   ? -4.155  -11.583 -4.307  1.00 26.16  ? 11  TYR   A OH  1 
ATOM   36   N  N   . VAL   A 1 6   ? -7.099  -9.955  3.715   1.00 20.89  ? 12  VAL   A N   1 
ATOM   37   C  CA  . VAL   A 1 6   ? -7.666  -9.863  5.095   1.00 22.59  ? 12  VAL   A CA  1 
ATOM   38   C  C   . VAL   A 1 6   ? -9.162  -10.161 5.019   1.00 24.93  ? 12  VAL   A C   1 
ATOM   39   O  O   . VAL   A 1 6   ? -9.881  -9.586  4.226   1.00 23.22  ? 12  VAL   A O   1 
ATOM   40   C  CB  . VAL   A 1 6   ? -7.369  -8.503  5.765   1.00 21.58  ? 12  VAL   A CB  1 
ATOM   41   C  CG1 . VAL   A 1 6   ? -7.846  -7.329  4.927   1.00 22.61  ? 12  VAL   A CG1 1 
ATOM   42   C  CG2 . VAL   A 1 6   ? -7.944  -8.414  7.189   1.00 24.81  ? 12  VAL   A CG2 1 
ATOM   43   N  N   . GLY   A 1 7   ? -9.622  -11.099 5.847   1.00 24.93  ? 13  GLY   A N   1 
ATOM   44   C  CA  . GLY   A 1 7   ? -11.022 -11.533 5.777   1.00 27.83  ? 13  GLY   A CA  1 
ATOM   45   C  C   . GLY   A 1 7   ? -11.384 -11.932 4.359   1.00 23.52  ? 13  GLY   A C   1 
ATOM   46   O  O   . GLY   A 1 7   ? -10.646 -12.740 3.763   1.00 22.57  ? 13  GLY   A O   1 
ATOM   47   N  N   . ASN   A 1 8   ? -12.500 -11.403 3.845   1.00 26.17  ? 14  ASN   A N   1 
ATOM   48   C  CA  . ASN   A 1 8   ? -12.924 -11.692 2.451   1.00 26.01  ? 14  ASN   A CA  1 
ATOM   49   C  C   . ASN   A 1 8   ? -12.646 -10.452 1.585   1.00 26.94  ? 14  ASN   A C   1 
ATOM   50   O  O   . ASN   A 1 8   ? -13.453 -10.130 0.674   1.00 24.47  ? 14  ASN   A O   1 
ATOM   51   C  CB  . ASN   A 1 8   ? -14.355 -12.231 2.389   1.00 30.72  ? 14  ASN   A CB  1 
ATOM   52   C  CG  . ASN   A 1 8   ? -14.449 -13.661 2.903   1.00 31.29  ? 14  ASN   A CG  1 
ATOM   53   O  OD1 . ASN   A 1 8   ? -14.371 -14.634 2.147   1.00 34.59  ? 14  ASN   A OD1 1 
ATOM   54   N  ND2 . ASN   A 1 8   ? -14.546 -13.803 4.210   1.00 32.52  ? 14  ASN   A ND2 1 
ATOM   55   N  N   . TYR   A 1 9   ? -11.522 -9.782  1.872   1.00 22.73  ? 15  TYR   A N   1 
ATOM   56   C  CA  . TYR   A 1 9   ? -11.079 -8.586  1.119   1.00 19.56  ? 15  TYR   A CA  1 
ATOM   57   C  C   . TYR   A 1 9   ? -9.698  -8.813  0.508   1.00 19.89  ? 15  TYR   A C   1 
ATOM   58   O  O   . TYR   A 1 9   ? -8.788  -9.487  1.051   1.00 20.09  ? 15  TYR   A O   1 
ATOM   59   C  CB  . TYR   A 1 9   ? -11.042 -7.353  2.036   1.00 19.94  ? 15  TYR   A CB  1 
ATOM   60   C  CG  . TYR   A 1 9   ? -12.368 -6.968  2.647   1.00 22.98  ? 15  TYR   A CG  1 
ATOM   61   C  CD1 . TYR   A 1 9   ? -13.474 -6.748  1.839   1.00 25.29  ? 15  TYR   A CD1 1 
ATOM   62   C  CD2 . TYR   A 1 9   ? -12.524 -6.775  4.017   1.00 25.92  ? 15  TYR   A CD2 1 
ATOM   63   C  CE1 . TYR   A 1 9   ? -14.693 -6.363  2.368   1.00 27.14  ? 15  TYR   A CE1 1 
ATOM   64   C  CE2 . TYR   A 1 9   ? -13.737 -6.384  4.563   1.00 28.43  ? 15  TYR   A CE2 1 
ATOM   65   C  CZ  . TYR   A 1 9   ? -14.829 -6.177  3.733   1.00 27.40  ? 15  TYR   A CZ  1 
ATOM   66   O  OH  . TYR   A 1 9   ? -16.042 -5.814  4.234   1.00 33.04  ? 15  TYR   A OH  1 
ATOM   67   N  N   . ARG   A 1 10  ? -9.524  -8.162  -0.649  1.00 19.90  ? 16  ARG   A N   1 
ATOM   68   C  CA  . ARG   A 1 10  ? -8.259  -8.086  -1.403  1.00 17.99  ? 16  ARG   A CA  1 
ATOM   69   C  C   . ARG   A 1 10  ? -7.945  -6.602  -1.602  1.00 17.54  ? 16  ARG   A C   1 
ATOM   70   O  O   . ARG   A 1 10  ? -8.790  -5.872  -2.156  1.00 17.56  ? 16  ARG   A O   1 
ATOM   71   C  CB  . ARG   A 1 10  ? -8.326  -8.812  -2.757  1.00 18.88  ? 16  ARG   A CB  1 
ATOM   72   C  CG  . ARG   A 1 10  ? -7.210  -8.484  -3.735  1.00 20.53  ? 16  ARG   A CG  1 
ATOM   73   C  CD  . ARG   A 1 10  ? -7.302  -9.379  -4.987  1.00 21.23  ? 16  ARG   A CD  1 
ATOM   74   N  NE  . ARG   A 1 10  ? -6.895  -8.683  -6.209  1.00 23.35  ? 16  ARG   A NE  1 
ATOM   75   C  CZ  . ARG   A 1 10  ? -5.700  -8.682  -6.765  1.00 23.84  ? 16  ARG   A CZ  1 
ATOM   76   N  NH1 . ARG   A 1 10  ? -4.684  -9.353  -6.236  1.00 26.59  ? 16  ARG   A NH1 1 
ATOM   77   N  NH2 . ARG   A 1 10  ? -5.513  -7.987  -7.873  1.00 23.66  ? 16  ARG   A NH2 1 
ATOM   78   N  N   . VAL   A 1 11  ? -6.833  -6.136  -1.009  1.00 16.84  ? 17  VAL   A N   1 
ATOM   79   C  CA  . VAL   A 1 11  ? -6.444  -4.703  -1.082  1.00 16.49  ? 17  VAL   A CA  1 
ATOM   80   C  C   . VAL   A 1 11  ? -5.293  -4.618  -2.071  1.00 16.33  ? 17  VAL   A C   1 
ATOM   81   O  O   . VAL   A 1 11  ? -4.238  -5.229  -1.820  1.00 15.62  ? 17  VAL   A O   1 
ATOM   82   C  CB  . VAL   A 1 11  ? -5.985  -4.169  0.276   1.00 16.32  ? 17  VAL   A CB  1 
ATOM   83   C  CG1 . VAL   A 1 11  ? -5.771  -2.670  0.216   1.00 16.35  ? 17  VAL   A CG1 1 
ATOM   84   C  CG2 . VAL   A 1 11  ? -6.916  -4.604  1.355   1.00 16.34  ? 17  VAL   A CG2 1 
ATOM   85   N  N   . VAL   A 1 12  ? -5.492  -3.841  -3.128  1.00 16.01  ? 18  VAL   A N   1 
ATOM   86   C  CA  . VAL   A 1 12  ? -4.467  -3.664  -4.183  1.00 16.65  ? 18  VAL   A CA  1 
ATOM   87   C  C   . VAL   A 1 12  ? -4.256  -2.181  -4.444  1.00 15.43  ? 18  VAL   A C   1 
ATOM   88   O  O   . VAL   A 1 12  ? -5.113  -1.358  -4.068  1.00 17.19  ? 18  VAL   A O   1 
ATOM   89   C  CB  . VAL   A 1 12  ? -4.826  -4.395  -5.483  1.00 19.04  ? 18  VAL   A CB  1 
ATOM   90   C  CG1 . VAL   A 1 12  ? -4.712  -5.869  -5.270  1.00 22.77  ? 18  VAL   A CG1 1 
ATOM   91   C  CG2 . VAL   A 1 12  ? -6.199  -3.965  -6.013  1.00 18.57  ? 18  VAL   A CG2 1 
ATOM   92   N  N   . ASN   A 1 13  ? -3.159  -1.866  -5.140  1.00 16.40  ? 19  ASN   A N   1 
ATOM   93   C  CA  . ASN   A 1 13  ? -2.988  -0.516  -5.712  1.00 16.86  ? 19  ASN   A CA  1 
ATOM   94   C  C   . ASN   A 1 13  ? -4.104  -0.274  -6.749  1.00 16.35  ? 19  ASN   A C   1 
ATOM   95   O  O   . ASN   A 1 13  ? -4.306  -1.146  -7.655  1.00 17.84  ? 19  ASN   A O   1 
ATOM   96   C  CB  . ASN   A 1 13  ? -1.645  -0.342  -6.397  1.00 17.77  ? 19  ASN   A CB  1 
ATOM   97   C  CG  . ASN   A 1 13  ? -0.448  -0.454  -5.463  1.00 16.01  ? 19  ASN   A CG  1 
ATOM   98   O  OD1 . ASN   A 1 13  ? 0.092   -1.518  -5.277  1.00 17.63  ? 19  ASN   A OD1 1 
ATOM   99   N  ND2 . ASN   A 1 13  ? -0.063  0.654   -4.846  1.00 17.48  ? 19  ASN   A ND2 1 
ATOM   100  N  N   . ARG   A 1 14  ? -4.801  0.821   -6.634  1.00 17.91  ? 20  ARG   A N   1 
ATOM   101  C  CA  . ARG   A 1 14  ? -5.905  1.164   -7.579  1.00 17.35  ? 20  ARG   A CA  1 
ATOM   102  C  C   . ARG   A 1 14  ? -5.382  1.135   -9.027  1.00 19.80  ? 20  ARG   A C   1 
ATOM   103  O  O   . ARG   A 1 14  ? -6.057  0.502   -9.912  1.00 19.14  ? 20  ARG   A O   1 
ATOM   104  C  CB  . ARG   A 1 14  ? -6.511  2.515   -7.269  1.00 19.72  ? 20  ARG   A CB  1 
ATOM   105  C  CG  . ARG   A 1 14  ? -7.770  2.815   -8.099  1.00 19.72  ? 20  ARG   A CG  1 
ATOM   106  C  CD  . ARG   A 1 14  ? -8.266  4.187   -7.687  1.00 22.71  ? 20  ARG   A CD  1 
ATOM   107  N  NE  . ARG   A 1 14  ? -9.562  4.630   -8.247  1.00 24.77  ? 20  ARG   A NE  1 
ATOM   108  C  CZ  . ARG   A 1 14  ? -9.788  5.051   -9.486  1.00 26.77  ? 20  ARG   A CZ  1 
ATOM   109  N  NH1 . ARG   A 1 14  ? -8.855  5.017   -10.418 1.00 25.78  ? 20  ARG   A NH1 1 
ATOM   110  N  NH2 . ARG   A 1 14  ? -11.008 5.483   -9.801  1.00 29.12  ? 20  ARG   A NH2 1 
ATOM   111  N  N   . HIS   A 1 15  ? -4.155  1.594   -9.256  1.00 21.43  ? 21  HIS   A N   1 
ATOM   112  C  CA  . HIS   A 1 15  ? -3.594  1.638   -10.642 1.00 21.44  ? 21  HIS   A CA  1 
ATOM   113  C  C   . HIS   A 1 15  ? -3.275  0.246   -11.180 1.00 23.31  ? 21  HIS   A C   1 
ATOM   114  O  O   . HIS   A 1 15  ? -3.078  0.127   -12.419 1.00 25.13  ? 21  HIS   A O   1 
ATOM   115  C  CB  . HIS   A 1 15  ? -2.429  2.617   -10.758 1.00 22.47  ? 21  HIS   A CB  1 
ATOM   116  C  CG  . HIS   A 1 15  ? -1.160  2.123   -10.159 1.00 22.85  ? 21  HIS   A CG  1 
ATOM   117  N  ND1 . HIS   A 1 15  ? -0.890  2.227   -8.812  1.00 22.50  ? 21  HIS   A ND1 1 
ATOM   118  C  CD2 . HIS   A 1 15  ? -0.068  1.578   -10.727 1.00 23.63  ? 21  HIS   A CD2 1 
ATOM   119  C  CE1 . HIS   A 1 15  ? 0.312   1.741   -8.581  1.00 21.94  ? 21  HIS   A CE1 1 
ATOM   120  N  NE2 . HIS   A 1 15  ? 0.852   1.347   -9.731  1.00 25.55  ? 21  HIS   A NE2 1 
ATOM   121  N  N   . LEU   A 1 16  ? -3.242  -0.798  -10.352 1.00 20.48  ? 22  LEU   A N   1 
ATOM   122  C  CA  . LEU   A 1 16  ? -2.938  -2.183  -10.768 1.00 22.19  ? 22  LEU   A CA  1 
ATOM   123  C  C   . LEU   A 1 16  ? -4.162  -3.094  -10.642 1.00 20.12  ? 22  LEU   A C   1 
ATOM   124  O  O   . LEU   A 1 16  ? -4.013  -4.300  -10.918 1.00 23.33  ? 22  LEU   A O   1 
ATOM   125  C  CB  . LEU   A 1 16  ? -1.766  -2.696  -9.922  1.00 23.40  ? 22  LEU   A CB  1 
ATOM   126  C  CG  . LEU   A 1 16  ? -0.499  -1.862  -10.020 1.00 23.88  ? 22  LEU   A CG  1 
ATOM   127  C  CD1 . LEU   A 1 16  ? 0.581   -2.435  -9.122  1.00 25.10  ? 22  LEU   A CD1 1 
ATOM   128  C  CD2 . LEU   A 1 16  ? -0.034  -1.824  -11.483 1.00 25.09  ? 22  LEU   A CD2 1 
ATOM   129  N  N   . ALA   A 1 17  ? -5.328  -2.552  -10.283 1.00 19.56  ? 23  ALA   A N   1 
ATOM   130  C  CA  . ALA   A 1 17  ? -6.561  -3.363  -10.123 1.00 20.50  ? 23  ALA   A CA  1 
ATOM   131  C  C   . ALA   A 1 17  ? -6.938  -3.997  -11.462 1.00 20.76  ? 23  ALA   A C   1 
ATOM   132  O  O   . ALA   A 1 17  ? -6.767  -3.338  -12.533 1.00 22.33  ? 23  ALA   A O   1 
ATOM   133  C  CB  . ALA   A 1 17  ? -7.675  -2.506  -9.612  1.00 20.38  ? 23  ALA   A CB  1 
ATOM   134  N  N   . THR   A 1 18  ? -7.396  -5.214  -11.395 1.00 19.45  ? 24  THR   A N   1 
ATOM   135  C  CA  . THR   A 1 18  ? -7.851  -6.002  -12.567 1.00 22.00  ? 24  THR   A CA  1 
ATOM   136  C  C   . THR   A 1 18  ? -9.319  -5.724  -12.893 1.00 22.42  ? 24  THR   A C   1 
ATOM   137  O  O   . THR   A 1 18  ? -10.086 -5.162  -12.082 1.00 20.84  ? 24  THR   A O   1 
ATOM   138  C  CB  . THR   A 1 18  ? -7.658  -7.495  -12.297 1.00 21.35  ? 24  THR   A CB  1 
ATOM   139  O  OG1 . THR   A 1 18  ? -8.556  -7.953  -11.282 1.00 22.82  ? 24  THR   A OG1 1 
ATOM   140  C  CG2 . THR   A 1 18  ? -6.218  -7.855  -11.975 1.00 23.38  ? 24  THR   A CG2 1 
ATOM   141  N  N   . HIS   A 1 19  ? -9.794  -6.233  -14.042 1.00 23.36  ? 25  HIS   A N   1 
ATOM   142  C  CA  . HIS   A 1 19  ? -11.247 -6.186  -14.325 1.00 23.88  ? 25  HIS   A CA  1 
ATOM   143  C  C   . HIS   A 1 19  ? -11.981 -6.986  -13.246 1.00 21.58  ? 25  HIS   A C   1 
ATOM   144  O  O   . HIS   A 1 19  ? -13.019 -6.510  -12.803 1.00 20.76  ? 25  HIS   A O   1 
ATOM   145  C  CB  . HIS   A 1 19  ? -11.594 -6.719  -15.738 1.00 26.59  ? 25  HIS   A CB  1 
ATOM   146  C  CG  . HIS   A 1 19  ? -13.052 -7.034  -15.894 1.00 29.94  ? 25  HIS   A CG  1 
ATOM   147  N  ND1 . HIS   A 1 19  ? -14.004 -6.048  -16.118 1.00 29.42  ? 25  HIS   A ND1 1 
ATOM   148  C  CD2 . HIS   A 1 19  ? -13.745 -8.196  -15.760 1.00 32.78  ? 25  HIS   A CD2 1 
ATOM   149  C  CE1 . HIS   A 1 19  ? -15.207 -6.600  -16.194 1.00 31.28  ? 25  HIS   A CE1 1 
ATOM   150  N  NE2 . HIS   A 1 19  ? -15.090 -7.921  -15.936 1.00 32.78  ? 25  HIS   A NE2 1 
ATOM   151  N  N   . ASN   A 1 20  ? -11.482 -8.158  -12.830 1.00 22.30  ? 26  ASN   A N   1 
ATOM   152  C  CA  . ASN   A 1 20  ? -12.168 -8.947  -11.776 1.00 24.30  ? 26  ASN   A CA  1 
ATOM   153  C  C   . ASN   A 1 20  ? -12.276 -8.098  -10.491 1.00 21.10  ? 26  ASN   A C   1 
ATOM   154  O  O   . ASN   A 1 20  ? -13.338 -8.095  -9.818  1.00 20.40  ? 26  ASN   A O   1 
ATOM   155  C  CB  . ASN   A 1 20  ? -11.501 -10.300 -11.510 1.00 27.98  ? 26  ASN   A CB  1 
ATOM   156  C  CG  . ASN   A 1 20  ? -12.284 -11.106 -10.490 1.00 33.41  ? 26  ASN   A CG  1 
ATOM   157  O  OD1 . ASN   A 1 20  ? -13.372 -11.612 -10.781 1.00 39.89  ? 26  ASN   A OD1 1 
ATOM   158  N  ND2 . ASN   A 1 20  ? -11.798 -11.169 -9.259  1.00 32.35  ? 26  ASN   A ND2 1 
ATOM   159  N  N   . ASP   A 1 21  ? -11.233 -7.327  -10.189 1.00 21.09  ? 27  ASP   A N   1 
ATOM   160  C  CA  . ASP   A 1 21  ? -11.305 -6.404  -9.027  1.00 19.68  ? 27  ASP   A CA  1 
ATOM   161  C  C   . ASP   A 1 21  ? -12.479 -5.423  -9.155  1.00 17.55  ? 27  ASP   A C   1 
ATOM   162  O  O   . ASP   A 1 21  ? -13.252 -5.199  -8.192  1.00 17.70  ? 27  ASP   A O   1 
ATOM   163  C  CB  . ASP   A 1 21  ? -9.983  -5.673  -8.837  1.00 18.99  ? 27  ASP   A CB  1 
ATOM   164  C  CG  . ASP   A 1 21  ? -8.861  -6.527  -8.275  1.00 19.66  ? 27  ASP   A CG  1 
ATOM   165  O  OD1 . ASP   A 1 21  ? -9.149  -7.404  -7.415  1.00 21.57  ? 27  ASP   A OD1 1 
ATOM   166  O  OD2 . ASP   A 1 21  ? -7.701  -6.303  -8.660  1.00 20.09  ? 27  ASP   A OD2 1 
ATOM   167  N  N   . TRP   A 1 22  ? -12.558 -4.698  -10.274 1.00 18.30  ? 28  TRP   A N   1 
ATOM   168  C  CA  . TRP   A 1 22  ? -13.590 -3.679  -10.527 1.00 18.40  ? 28  TRP   A CA  1 
ATOM   169  C  C   . TRP   A 1 22  ? -14.984 -4.317  -10.553 1.00 17.29  ? 28  TRP   A C   1 
ATOM   170  O  O   . TRP   A 1 22  ? -15.919 -3.677  -10.159 1.00 18.97  ? 28  TRP   A O   1 
ATOM   171  C  CB  . TRP   A 1 22  ? -13.272 -2.946  -11.835 1.00 18.63  ? 28  TRP   A CB  1 
ATOM   172  C  CG  . TRP   A 1 22  ? -12.218 -1.882  -11.697 1.00 17.87  ? 28  TRP   A CG  1 
ATOM   173  C  CD1 . TRP   A 1 22  ? -10.901 -1.969  -12.052 1.00 21.11  ? 28  TRP   A CD1 1 
ATOM   174  C  CD2 . TRP   A 1 22  ? -12.401 -0.583  -11.121 1.00 18.45  ? 28  TRP   A CD2 1 
ATOM   175  N  NE1 . TRP   A 1 22  ? -10.269 -0.773  -11.800 1.00 19.35  ? 28  TRP   A NE1 1 
ATOM   176  C  CE2 . TRP   A 1 22  ? -11.155 0.077   -11.186 1.00 17.65  ? 28  TRP   A CE2 1 
ATOM   177  C  CE3 . TRP   A 1 22  ? -13.485 0.076   -10.556 1.00 18.63  ? 28  TRP   A CE3 1 
ATOM   178  C  CZ2 . TRP   A 1 22  ? -11.000 1.385   -10.713 1.00 18.89  ? 28  TRP   A CZ2 1 
ATOM   179  C  CZ3 . TRP   A 1 22  ? -13.324 1.349   -10.073 1.00 20.26  ? 28  TRP   A CZ3 1 
ATOM   180  C  CH2 . TRP   A 1 22  ? -12.098 2.005   -10.190 1.00 19.75  ? 28  TRP   A CH2 1 
ATOM   181  N  N   . ALA   A 1 23  ? -15.082 -5.567  -11.013 1.00 18.77  ? 29  ALA   A N   1 
ATOM   182  C  CA  . ALA   A 1 23  ? -16.348 -6.290  -11.139 1.00 19.94  ? 29  ALA   A CA  1 
ATOM   183  C  C   . ALA   A 1 23  ? -16.827 -6.822  -9.776  1.00 21.28  ? 29  ALA   A C   1 
ATOM   184  O  O   . ALA   A 1 23  ? -17.999 -7.268  -9.667  1.00 23.09  ? 29  ALA   A O   1 
ATOM   185  C  CB  . ALA   A 1 23  ? -16.176 -7.403  -12.137 1.00 18.62  ? 29  ALA   A CB  1 
ATOM   186  N  N   . ASN   A 1 24  ? -15.976 -6.728  -8.736  1.00 21.17  ? 30  ASN   A N   1 
ATOM   187  C  CA  . ASN   A 1 24  ? -16.264 -7.264  -7.379  1.00 21.86  ? 30  ASN   A CA  1 
ATOM   188  C  C   . ASN   A 1 24  ? -15.883 -6.154  -6.390  1.00 20.33  ? 30  ASN   A C   1 
ATOM   189  O  O   . ASN   A 1 24  ? -15.305 -6.441  -5.311  1.00 22.15  ? 30  ASN   A O   1 
ATOM   190  C  CB  . ASN   A 1 24  ? -15.541 -8.584  -7.154  1.00 23.73  ? 30  ASN   A CB  1 
ATOM   191  C  CG  . ASN   A 1 24  ? -16.092 -9.728  -7.982  1.00 26.35  ? 30  ASN   A CG  1 
ATOM   192  O  OD1 . ASN   A 1 24  ? -17.063 -10.367 -7.609  1.00 29.01  ? 30  ASN   A OD1 1 
ATOM   193  N  ND2 . ASN   A 1 24  ? -15.481 -10.001 -9.104  1.00 27.86  ? 30  ASN   A ND2 1 
ATOM   194  N  N   . LEU   A 1 25  ? -16.101 -4.904  -6.773  1.00 19.68  ? 31  LEU   A N   1 
ATOM   195  C  CA  . LEU   A 1 25  ? -15.563 -3.734  -6.032  1.00 19.99  ? 31  LEU   A CA  1 
ATOM   196  C  C   . LEU   A 1 25  ? -16.251 -3.578  -4.677  1.00 21.77  ? 31  LEU   A C   1 
ATOM   197  O  O   . LEU   A 1 25  ? -17.512 -3.672  -4.581  1.00 23.15  ? 31  LEU   A O   1 
ATOM   198  C  CB  . LEU   A 1 25  ? -15.797 -2.497  -6.874  1.00 20.19  ? 31  LEU   A CB  1 
ATOM   199  C  CG  . LEU   A 1 25  ? -15.304 -1.178  -6.280  1.00 19.54  ? 31  LEU   A CG  1 
ATOM   200  C  CD1 . LEU   A 1 25  ? -13.802 -1.204  -6.078  1.00 20.79  ? 31  LEU   A CD1 1 
ATOM   201  C  CD2 . LEU   A 1 25  ? -15.676 -0.041  -7.203  1.00 23.45  ? 31  LEU   A CD2 1 
ATOM   202  N  N   . VAL   A 1 26  ? -15.487 -3.125  -3.679  0.41 19.79  ? 32  VAL   A N   1 
ATOM   203  C  CA  . VAL   A 1 26  ? -16.017 -2.607  -2.383  0.41 19.31  ? 32  VAL   A CA  1 
ATOM   204  C  C   . VAL   A 1 26  ? -15.792 -1.094  -2.272  0.41 19.85  ? 32  VAL   A C   1 
ATOM   205  O  O   . VAL   A 1 26  ? -16.730 -0.362  -1.879  0.41 18.46  ? 32  VAL   A O   1 
ATOM   206  C  CB  . VAL   A 1 26  ? -15.392 -3.359  -1.195  0.41 18.67  ? 32  VAL   A CB  1 
ATOM   207  C  CG1 . VAL   A 1 26  ? -15.694 -2.687  0.131   0.41 17.56  ? 32  VAL   A CG1 1 
ATOM   208  C  CG2 . VAL   A 1 26  ? -15.857 -4.797  -1.173  0.41 18.35  ? 32  VAL   A CG2 1 
ATOM   209  N  N   . TRP   A 1 27  ? -14.574 -0.633  -2.553  0.41 18.78  ? 33  TRP   A N   1 
ATOM   210  C  CA  . TRP   A 1 27  ? -14.194 0.789   -2.335  0.41 19.49  ? 33  TRP   A CA  1 
ATOM   211  C  C   . TRP   A 1 27  ? -12.941 1.085   -3.157  0.41 19.53  ? 33  TRP   A C   1 
ATOM   212  O  O   . TRP   A 1 27  ? -12.141 0.167   -3.335  0.41 18.42  ? 33  TRP   A O   1 
ATOM   213  C  CB  . TRP   A 1 27  ? -14.006 1.074   -0.844  0.41 18.52  ? 33  TRP   A CB  1 
ATOM   214  C  CG  . TRP   A 1 27  ? -13.354 2.386   -0.522  0.41 17.27  ? 33  TRP   A CG  1 
ATOM   215  C  CD1 . TRP   A 1 27  ? -13.928 3.620   -0.462  0.41 17.94  ? 33  TRP   A CD1 1 
ATOM   216  C  CD2 . TRP   A 1 27  ? -11.961 2.580   -0.203  0.41 16.81  ? 33  TRP   A CD2 1 
ATOM   217  N  NE1 . TRP   A 1 27  ? -13.004 4.562   -0.103  0.41 16.62  ? 33  TRP   A NE1 1 
ATOM   218  C  CE2 . TRP   A 1 27  ? -11.789 3.958   0.048   0.41 16.91  ? 33  TRP   A CE2 1 
ATOM   219  C  CE3 . TRP   A 1 27  ? -10.852 1.741   -0.113  0.41 17.61  ? 33  TRP   A CE3 1 
ATOM   220  C  CZ2 . TRP   A 1 27  ? -10.553 4.512   0.382   0.41 18.50  ? 33  TRP   A CZ2 1 
ATOM   221  C  CZ3 . TRP   A 1 27  ? -9.632  2.283   0.239   0.41 18.52  ? 33  TRP   A CZ3 1 
ATOM   222  C  CH2 . TRP   A 1 27  ? -9.488  3.649   0.479   0.41 17.89  ? 33  TRP   A CH2 1 
ATOM   223  N  N   . GLU   A 1 28  ? -12.807 2.312   -3.659  0.41 20.17  ? 34  GLU   A N   1 
ATOM   224  C  CA  . GLU   A 1 28  ? -11.637 2.748   -4.463  0.41 20.04  ? 34  GLU   A CA  1 
ATOM   225  C  C   . GLU   A 1 28  ? -11.436 4.243   -4.223  0.41 19.79  ? 34  GLU   A C   1 
ATOM   226  O  O   . GLU   A 1 28  ? -12.442 4.957   -3.987  0.41 20.57  ? 34  GLU   A O   1 
ATOM   227  C  CB  . GLU   A 1 28  ? -11.834 2.395   -5.941  0.41 21.65  ? 34  GLU   A CB  1 
ATOM   228  C  CG  . GLU   A 1 28  ? -13.170 2.870   -6.501  0.41 21.88  ? 34  GLU   A CG  1 
ATOM   229  C  CD  . GLU   A 1 28  ? -13.366 4.381   -6.561  0.41 24.14  ? 34  GLU   A CD  1 
ATOM   230  O  OE1 . GLU   A 1 28  ? -14.530 4.843   -6.412  0.41 23.76  ? 34  GLU   A OE1 1 
ATOM   231  O  OE2 . GLU   A 1 28  ? -12.365 5.109   -6.759  0.41 22.89  ? 34  GLU   A OE2 1 
ATOM   232  N  N   . ASP   A 1 29  ? -10.179 4.687   -4.214  0.41 18.94  ? 35  ASP   A N   1 
ATOM   233  C  CA  . ASP   A 1 29  ? -9.805  6.110   -3.978  0.41 20.09  ? 35  ASP   A CA  1 
ATOM   234  C  C   . ASP   A 1 29  ? -8.568  6.395   -4.838  0.41 20.95  ? 35  ASP   A C   1 
ATOM   235  O  O   . ASP   A 1 29  ? -7.518  5.762   -4.607  0.41 19.11  ? 35  ASP   A O   1 
ATOM   236  C  CB  . ASP   A 1 29  ? -9.617  6.296   -2.476  0.41 20.69  ? 35  ASP   A CB  1 
ATOM   237  C  CG  . ASP   A 1 29  ? -9.865  7.661   -1.854  0.41 21.78  ? 35  ASP   A CG  1 
ATOM   238  O  OD1 . ASP   A 1 29  ? -9.692  8.677   -2.545  0.41 25.41  ? 35  ASP   A OD1 1 
ATOM   239  O  OD2 . ASP   A 1 29  ? -10.237 7.671   -0.652  0.41 23.17  ? 35  ASP   A OD2 1 
ATOM   240  N  N   . SER   A 1 30  ? -8.716  7.245   -5.859  0.41 21.86  ? 36  SER   A N   1 
ATOM   241  C  CA  . SER   A 1 30  ? -7.601  7.757   -6.692  0.41 24.18  ? 36  SER   A CA  1 
ATOM   242  C  C   . SER   A 1 30  ? -6.668  8.572   -5.787  0.41 20.96  ? 36  SER   A C   1 
ATOM   243  O  O   . SER   A 1 30  ? -5.446  8.446   -5.945  0.41 25.59  ? 36  SER   A O   1 
ATOM   244  C  CB  . SER   A 1 30  ? -8.135  8.585   -7.834  0.41 23.95  ? 36  SER   A CB  1 
ATOM   245  O  OG  . SER   A 1 30  ? -8.729  9.769   -7.332  0.41 27.18  ? 36  SER   A OG  1 
ATOM   246  N  N   . SER   A 1 31  ? -7.252  9.260   -4.802  0.41 22.84  ? 37  SER   A N   1 
ATOM   247  C  CA  . SER   A 1 31  ? -6.543  10.121  -3.817  0.41 22.29  ? 37  SER   A CA  1 
ATOM   248  C  C   . SER   A 1 31  ? -5.555  9.284   -2.997  0.41 20.08  ? 37  SER   A C   1 
ATOM   249  O  O   . SER   A 1 31  ? -4.736  9.918   -2.334  0.41 19.00  ? 37  SER   A O   1 
ATOM   250  C  CB  . SER   A 1 31  ? -7.485  10.860  -2.894  0.41 24.38  ? 37  SER   A CB  1 
ATOM   251  O  OG  . SER   A 1 31  ? -7.620  12.231  -3.241  0.41 28.96  ? 37  SER   A OG  1 
ATOM   252  N  N   . ARG   A 1 32  ? -5.597  7.936   -3.068  0.41 18.75  ? 38  ARG   A N   1 
ATOM   253  C  CA  . ARG   A 1 32  ? -4.774  7.040   -2.195  0.41 16.62  ? 38  ARG   A CA  1 
ATOM   254  C  C   . ARG   A 1 32  ? -4.113  5.893   -2.980  0.41 15.46  ? 38  ARG   A C   1 
ATOM   255  O  O   . ARG   A 1 32  ? -3.348  5.134   -2.367  0.41 14.96  ? 38  ARG   A O   1 
ATOM   256  C  CB  . ARG   A 1 32  ? -5.638  6.429   -1.082  0.41 15.86  ? 38  ARG   A CB  1 
ATOM   257  C  CG  . ARG   A 1 32  ? -6.301  7.417   -0.138  0.41 15.31  ? 38  ARG   A CG  1 
ATOM   258  C  CD  . ARG   A 1 32  ? -7.231  6.768   0.882   0.41 15.36  ? 38  ARG   A CD  1 
ATOM   259  N  NE  . ARG   A 1 32  ? -6.548  5.928   1.858   0.41 14.39  ? 38  ARG   A NE  1 
ATOM   260  C  CZ  . ARG   A 1 32  ? -6.872  5.784   3.152   0.41 14.28  ? 38  ARG   A CZ  1 
ATOM   261  N  NH1 . ARG   A 1 32  ? -7.958  6.365   3.646   0.41 14.19  ? 38  ARG   A NH1 1 
ATOM   262  N  NH2 . ARG   A 1 32  ? -6.102  5.048   3.941   0.41 14.14  ? 38  ARG   A NH2 1 
ATOM   263  N  N   . ASP   A 1 33  ? -4.438  5.722   -4.264  0.41 15.31  ? 39  ASP   A N   1 
ATOM   264  C  CA  . ASP   A 1 33  ? -4.047  4.529   -5.051  0.41 15.09  ? 39  ASP   A CA  1 
ATOM   265  C  C   . ASP   A 1 33  ? -4.543  3.284   -4.280  0.41 15.92  ? 39  ASP   A C   1 
ATOM   266  O  O   . ASP   A 1 33  ? -3.764  2.313   -4.292  0.41 15.51  ? 39  ASP   A O   1 
ATOM   267  C  CB  . ASP   A 1 33  ? -2.517  4.536   -5.324  0.41 14.11  ? 39  ASP   A CB  1 
ATOM   268  C  CG  . ASP   A 1 33  ? -1.934  3.490   -6.278  0.41 14.02  ? 39  ASP   A CG  1 
ATOM   269  O  OD1 . ASP   A 1 33  ? -2.632  3.073   -7.223  0.41 13.30  ? 39  ASP   A OD1 1 
ATOM   270  O  OD2 . ASP   A 1 33  ? -0.763  3.064   -6.080  0.41 13.54  ? 39  ASP   A OD2 1 
ATOM   271  N  N   . LEU   A 1 34  ? -5.762  3.259   -3.667  1.00 17.86  ? 40  LEU   A N   1 
ATOM   272  C  CA  . LEU   A 1 34  ? -6.217  1.978   -3.036  1.00 17.14  ? 40  LEU   A CA  1 
ATOM   273  C  C   . LEU   A 1 34  ? -7.507  1.510   -3.720  1.00 18.39  ? 40  LEU   A C   1 
ATOM   274  O  O   . LEU   A 1 34  ? -8.408  2.350   -4.042  1.00 17.33  ? 40  LEU   A O   1 
ATOM   275  C  CB  . LEU   A 1 34  ? -6.420  2.169   -1.532  1.00 19.04  ? 40  LEU   A CB  1 
ATOM   276  C  CG  . LEU   A 1 34  ? -5.162  2.242   -0.668  1.00 19.01  ? 40  LEU   A CG  1 
ATOM   277  C  CD1 . LEU   A 1 34  ? -5.584  2.248   0.794   1.00 19.43  ? 40  LEU   A CD1 1 
ATOM   278  C  CD2 . LEU   A 1 34  ? -4.211  1.072   -0.968  1.00 18.38  ? 40  LEU   A CD2 1 
ATOM   279  N  N   . LEU   A 1 35  ? -7.578  0.204   -3.928  1.00 17.17  ? 41  LEU   A N   1 
ATOM   280  C  CA  . LEU   A 1 35  ? -8.852  -0.453  -4.298  1.00 16.86  ? 41  LEU   A CA  1 
ATOM   281  C  C   . LEU   A 1 35  ? -8.993  -1.743  -3.485  1.00 15.16  ? 41  LEU   A C   1 
ATOM   282  O  O   . LEU   A 1 35  ? -8.003  -2.444  -3.288  1.00 16.35  ? 41  LEU   A O   1 
ATOM   283  C  CB  . LEU   A 1 35  ? -8.888  -0.705  -5.808  1.00 18.80  ? 41  LEU   A CB  1 
ATOM   284  C  CG  . LEU   A 1 35  ? -10.213 -1.269  -6.347  1.00 18.08  ? 41  LEU   A CG  1 
ATOM   285  C  CD1 . LEU   A 1 35  ? -10.524 -0.704  -7.736  1.00 18.84  ? 41  LEU   A CD1 1 
ATOM   286  C  CD2 . LEU   A 1 35  ? -10.169 -2.785  -6.394  1.00 19.29  ? 41  LEU   A CD2 1 
ATOM   287  N  N   . VAL   A 1 36  ? -10.198 -1.984  -3.006  1.00 15.26  ? 42  VAL   A N   1 
ATOM   288  C  CA  . VAL   A 1 36  ? -10.553 -3.221  -2.256  1.00 15.36  ? 42  VAL   A CA  1 
ATOM   289  C  C   . VAL   A 1 36  ? -11.666 -3.950  -3.002  1.00 17.66  ? 42  VAL   A C   1 
ATOM   290  O  O   . VAL   A 1 36  ? -12.693 -3.330  -3.305  1.00 18.37  ? 42  VAL   A O   1 
ATOM   291  C  CB  . VAL   A 1 36  ? -10.953 -2.910  -0.813  1.00 17.54  ? 42  VAL   A CB  1 
ATOM   292  C  CG1 . VAL   A 1 36  ? -11.259 -4.179  -0.022  1.00 17.75  ? 42  VAL   A CG1 1 
ATOM   293  C  CG2 . VAL   A 1 36  ? -9.876  -2.123  -0.089  1.00 17.44  ? 42  VAL   A CG2 1 
ATOM   294  N  N   . SER   A 1 37  ? -11.428 -5.206  -3.298  1.00 17.43  ? 43  SER   A N   1 
ATOM   295  C  CA  . SER   A 1 37  ? -12.425 -6.112  -3.921  1.00 18.82  ? 43  SER   A CA  1 
ATOM   296  C  C   . SER   A 1 37  ? -12.761 -7.248  -2.927  1.00 20.38  ? 43  SER   A C   1 
ATOM   297  O  O   . SER   A 1 37  ? -11.997 -7.497  -1.976  1.00 21.02  ? 43  SER   A O   1 
ATOM   298  C  CB  . SER   A 1 37  ? -11.886 -6.624  -5.233  1.00 18.00  ? 43  SER   A CB  1 
ATOM   299  O  OG  . SER   A 1 37  ? -10.698 -7.381  -5.100  1.00 19.47  ? 43  SER   A OG  1 
ATOM   300  N  N   . SER   A 1 38  ? -13.813 -7.992  -3.231  1.00 21.65  ? 44  SER   A N   1 
ATOM   301  C  CA  . SER   A 1 38  ? -14.313 -9.135  -2.421  1.00 23.50  ? 44  SER   A CA  1 
ATOM   302  C  C   . SER   A 1 38  ? -13.695 -10.438 -2.905  1.00 27.12  ? 44  SER   A C   1 
ATOM   303  O  O   . SER   A 1 38  ? -13.458 -10.572 -4.100  1.00 27.91  ? 44  SER   A O   1 
ATOM   304  C  CB  . SER   A 1 38  ? -15.811 -9.191  -2.480  1.00 25.91  ? 44  SER   A CB  1 
ATOM   305  O  OG  . SER   A 1 38  ? -16.230 -9.468  -3.799  1.00 26.31  ? 44  SER   A OG  1 
ATOM   306  N  N   . THR   A 1 39  ? -13.406 -11.379 -1.992  1.00 27.35  ? 45  THR   A N   1 
ATOM   307  C  CA  . THR   A 1 39  ? -12.805 -12.696 -2.316  1.00 28.66  ? 45  THR   A CA  1 
ATOM   308  C  C   . THR   A 1 39  ? -13.741 -13.818 -1.840  1.00 28.89  ? 45  THR   A C   1 
ATOM   309  O  O   . THR   A 1 39  ? -14.505 -13.614 -0.918  1.00 29.51  ? 45  THR   A O   1 
ATOM   310  C  CB  . THR   A 1 39  ? -11.436 -12.850 -1.642  1.00 31.08  ? 45  THR   A CB  1 
ATOM   311  O  OG1 . THR   A 1 39  ? -11.695 -12.823 -0.240  1.00 30.35  ? 45  THR   A OG1 1 
ATOM   312  C  CG2 . THR   A 1 39  ? -10.469 -11.737 -1.992  1.00 31.77  ? 45  THR   A CG2 1 
ATOM   313  N  N   . THR   A 1 40  ? -13.708 -14.965 -2.506  0.50 32.27  ? 46  THR   A N   1 
ATOM   314  C  CA  . THR   A 1 40  ? -14.434 -16.177 -2.050  0.50 34.17  ? 46  THR   A CA  1 
ATOM   315  C  C   . THR   A 1 40  ? -13.702 -16.725 -0.815  0.50 34.11  ? 46  THR   A C   1 
ATOM   316  O  O   . THR   A 1 40  ? -14.368 -16.944 0.230   0.50 34.16  ? 46  THR   A O   1 
ATOM   317  C  CB  . THR   A 1 40  ? -14.634 -17.131 -3.232  0.50 34.94  ? 46  THR   A CB  1 
ATOM   318  O  OG1 . THR   A 1 40  ? -13.378 -17.546 -3.766  0.50 37.45  ? 46  THR   A OG1 1 
ATOM   319  C  CG2 . THR   A 1 40  ? -15.429 -16.480 -4.344  0.50 36.36  ? 46  THR   A CG2 1 
ATOM   320  N  N   . ALA   A 1 41  ? -12.375 -16.843 -0.909  0.50 34.73  ? 47  ALA   A N   1 
ATOM   321  C  CA  . ALA   A 1 41  ? -11.476 -17.410 0.125   0.50 32.59  ? 47  ALA   A CA  1 
ATOM   322  C  C   . ALA   A 1 41  ? -11.230 -16.411 1.266   0.50 31.24  ? 47  ALA   A C   1 
ATOM   323  O  O   . ALA   A 1 41  ? -11.301 -15.188 1.046   0.50 26.17  ? 47  ALA   A O   1 
ATOM   324  C  CB  . ALA   A 1 41  ? -10.178 -17.827 -0.524  0.50 32.45  ? 47  ALA   A CB  1 
ATOM   325  N  N   . GLN   A 1 42  ? -10.931 -16.928 2.458   0.50 31.78  ? 48  GLN   A N   1 
ATOM   326  C  CA  . GLN   A 1 42  ? -10.541 -16.102 3.631   0.50 30.93  ? 48  GLN   A CA  1 
ATOM   327  C  C   . GLN   A 1 42  ? -9.037  -15.850 3.543   0.50 28.45  ? 48  GLN   A C   1 
ATOM   328  O  O   . GLN   A 1 42  ? -8.306  -16.808 3.260   0.50 29.81  ? 48  GLN   A O   1 
ATOM   329  C  CB  . GLN   A 1 42  ? -10.914 -16.808 4.934   0.50 33.08  ? 48  GLN   A CB  1 
ATOM   330  C  CG  . GLN   A 1 42  ? -11.714 -15.929 5.878   0.50 36.02  ? 48  GLN   A CG  1 
ATOM   331  C  CD  . GLN   A 1 42  ? -10.970 -15.542 7.129   0.50 38.32  ? 48  GLN   A CD  1 
ATOM   332  O  OE1 . GLN   A 1 42  ? -11.525 -15.579 8.224   0.50 38.42  ? 48  GLN   A OE1 1 
ATOM   333  N  NE2 . GLN   A 1 42  ? -9.712  -15.159 6.982   0.50 38.36  ? 48  GLN   A NE2 1 
ATOM   334  N  N   . GLY   A 1 43  ? -8.604  -14.614 3.803   0.50 27.32  ? 49  GLY   A N   1 
ATOM   335  C  CA  . GLY   A 1 43  ? -7.182  -14.230 3.760   0.50 26.84  ? 49  GLY   A CA  1 
ATOM   336  C  C   . GLY   A 1 43  ? -6.526  -14.444 5.109   0.50 26.26  ? 49  GLY   A C   1 
ATOM   337  O  O   . GLY   A 1 43  ? -7.262  -14.514 6.094   0.50 27.75  ? 49  GLY   A O   1 
ATOM   338  N  N   . CYS   A 1 44  ? -5.205  -14.502 5.187   0.50 26.31  ? 50  CYS   A N   1 
ATOM   339  C  CA  . CYS   A 1 44  ? -4.504  -14.821 6.458   0.50 25.17  ? 50  CYS   A CA  1 
ATOM   340  C  C   . CYS   A 1 44  ? -3.821  -13.558 7.021   0.50 24.47  ? 50  CYS   A C   1 
ATOM   341  O  O   . CYS   A 1 44  ? -3.367  -13.610 8.179   0.50 23.47  ? 50  CYS   A O   1 
ATOM   342  C  CB  . CYS   A 1 44  ? -3.550  -16.003 6.285   0.50 24.34  ? 50  CYS   A CB  1 
ATOM   343  S  SG  . CYS   A 1 44  ? -4.326  -17.537 5.668   0.50 27.54  ? 50  CYS   A SG  1 
ATOM   344  N  N   . ASP   A 1 45  ? -3.831  -12.427 6.300   1.00 24.00  ? 51  ASP   A N   1 
ATOM   345  C  CA  . ASP   A 1 45  ? -3.148  -11.198 6.827   1.00 21.38  ? 51  ASP   A CA  1 
ATOM   346  C  C   . ASP   A 1 45  ? -3.942  -10.496 7.932   1.00 23.49  ? 51  ASP   A C   1 
ATOM   347  O  O   . ASP   A 1 45  ? -5.185  -10.481 7.890   1.00 26.47  ? 51  ASP   A O   1 
ATOM   348  C  CB  . ASP   A 1 45  ? -2.858  -10.207 5.686   1.00 23.22  ? 51  ASP   A CB  1 
ATOM   349  C  CG  . ASP   A 1 45  ? -1.955  -10.739 4.588   1.00 26.29  ? 51  ASP   A CG  1 
ATOM   350  O  OD1 . ASP   A 1 45  ? -1.011  -11.495 4.894   1.00 30.98  ? 51  ASP   A OD1 1 
ATOM   351  O  OD2 . ASP   A 1 45  ? -2.147  -10.353 3.407   1.00 26.70  ? 51  ASP   A OD2 1 
ATOM   352  N  N   . THR   A 1 46  ? -3.204  -9.851  8.846   1.00 22.29  ? 52  THR   A N   1 
ATOM   353  C  CA  . THR   A 1 46  ? -3.686  -9.011  9.965   1.00 25.12  ? 52  THR   A CA  1 
ATOM   354  C  C   . THR   A 1 46  ? -3.260  -7.569  9.701   1.00 21.89  ? 52  THR   A C   1 
ATOM   355  O  O   . THR   A 1 46  ? -2.078  -7.348  9.300   1.00 22.28  ? 52  THR   A O   1 
ATOM   356  C  CB  . THR   A 1 46  ? -3.161  -9.523  11.314  1.00 28.93  ? 52  THR   A CB  1 
ATOM   357  O  OG1 . THR   A 1 46  ? -3.731  -10.824 11.508  1.00 32.68  ? 52  THR   A OG1 1 
ATOM   358  C  CG2 . THR   A 1 46  ? -3.501  -8.608  12.467  1.00 31.82  ? 52  THR   A CG2 1 
ATOM   359  N  N   . ILE   A 1 47  ? -4.200  -6.649  9.865   1.00 22.05  ? 53  ILE   A N   1 
ATOM   360  C  CA  . ILE   A 1 47  ? -3.932  -5.205  9.681   1.00 20.02  ? 53  ILE   A CA  1 
ATOM   361  C  C   . ILE   A 1 47  ? -3.474  -4.634  11.021  1.00 19.72  ? 53  ILE   A C   1 
ATOM   362  O  O   . ILE   A 1 47  ? -4.115  -4.916  12.052  1.00 21.31  ? 53  ILE   A O   1 
ATOM   363  C  CB  . ILE   A 1 47  ? -5.172  -4.454  9.166   1.00 19.91  ? 53  ILE   A CB  1 
ATOM   364  C  CG1 . ILE   A 1 47  ? -5.788  -5.109  7.919   1.00 21.00  ? 53  ILE   A CG1 1 
ATOM   365  C  CG2 . ILE   A 1 47  ? -4.870  -2.999  8.958   1.00 20.60  ? 53  ILE   A CG2 1 
ATOM   366  C  CD1 . ILE   A 1 47  ? -4.820  -5.237  6.744   1.00 21.51  ? 53  ILE   A CD1 1 
ATOM   367  N  N   . ALA   A 1 48  ? -2.342  -3.946  11.023  1.00 18.13  ? 54  ALA   A N   1 
ATOM   368  C  CA  . ALA   A 1 48  ? -1.854  -3.205  12.210  1.00 18.80  ? 54  ALA   A CA  1 
ATOM   369  C  C   . ALA   A 1 48  ? -2.886  -2.126  12.593  1.00 16.45  ? 54  ALA   A C   1 
ATOM   370  O  O   . ALA   A 1 48  ? -3.433  -1.423  11.717  1.00 17.40  ? 54  ALA   A O   1 
ATOM   371  C  CB  . ALA   A 1 48  ? -0.508  -2.634  11.853  1.00 18.55  ? 54  ALA   A CB  1 
ATOM   372  N  N   . ARG   A 1 49  ? -3.084  -1.943  13.912  1.00 18.70  ? 55  ARG   A N   1 
ATOM   373  C  CA  . ARG   A 1 49  ? -3.896  -0.843  14.474  1.00 18.46  ? 55  ARG   A CA  1 
ATOM   374  C  C   . ARG   A 1 49  ? -3.028  -0.105  15.486  1.00 17.78  ? 55  ARG   A C   1 
ATOM   375  O  O   . ARG   A 1 49  ? -2.912  -0.548  16.642  1.00 21.21  ? 55  ARG   A O   1 
ATOM   376  C  CB  . ARG   A 1 49  ? -5.201  -1.392  15.065  1.00 19.72  ? 55  ARG   A CB  1 
ATOM   377  C  CG  . ARG   A 1 49  ? -6.085  -2.157  14.077  1.00 20.29  ? 55  ARG   A CG  1 
ATOM   378  C  CD  . ARG   A 1 49  ? -6.643  -1.366  12.897  1.00 20.84  ? 55  ARG   A CD  1 
ATOM   379  N  NE  . ARG   A 1 49  ? -7.380  -2.289  12.009  1.00 24.34  ? 55  ARG   A NE  1 
ATOM   380  C  CZ  . ARG   A 1 49  ? -7.721  -2.033  10.755  1.00 23.26  ? 55  ARG   A CZ  1 
ATOM   381  N  NH1 . ARG   A 1 49  ? -7.419  -0.895  10.189  1.00 24.75  ? 55  ARG   A NH1 1 
ATOM   382  N  NH2 . ARG   A 1 49  ? -8.347  -2.954  10.029  1.00 26.97  ? 55  ARG   A NH2 1 
ATOM   383  N  N   . CYS   A 1 50  ? -2.385  0.953   15.023  1.00 18.50  ? 56  CYS   A N   1 
ATOM   384  C  CA  . CYS   A 1 50  ? -1.215  1.544   15.732  1.00 18.55  ? 56  CYS   A CA  1 
ATOM   385  C  C   . CYS   A 1 50  ? -0.703  2.796   15.050  1.00 19.62  ? 56  CYS   A C   1 
ATOM   386  O  O   . CYS   A 1 50  ? -1.186  3.118   13.965  1.00 19.87  ? 56  CYS   A O   1 
ATOM   387  C  CB  . CYS   A 1 50  ? -0.104  0.520   15.760  1.00 16.88  ? 56  CYS   A CB  1 
ATOM   388  S  SG  . CYS   A 1 50  ? 0.721   0.326   14.138  1.00 18.07  ? 56  CYS   A SG  1 
ATOM   389  N  N   . ASP   A 1 51  ? 0.242   3.511   15.690  0.50 20.29  ? 57  ASP   A N   1 
ATOM   390  C  CA  . ASP   A 1 51  ? 0.948   4.669   15.083  0.50 19.92  ? 57  ASP   A CA  1 
ATOM   391  C  C   . ASP   A 1 51  ? 2.460   4.407   15.018  0.50 20.57  ? 57  ASP   A C   1 
ATOM   392  O  O   . ASP   A 1 51  ? 3.204   5.369   15.156  0.50 20.81  ? 57  ASP   A O   1 
ATOM   393  C  CB  . ASP   A 1 51  ? 0.688   5.956   15.866  0.50 22.22  ? 57  ASP   A CB  1 
ATOM   394  C  CG  . ASP   A 1 51  ? 1.237   5.952   17.282  0.50 24.16  ? 57  ASP   A CG  1 
ATOM   395  O  OD1 . ASP   A 1 51  ? 1.728   4.907   17.738  0.50 26.07  ? 57  ASP   A OD1 1 
ATOM   396  O  OD2 . ASP   A 1 51  ? 1.186   7.026   17.916  0.50 28.33  ? 57  ASP   A OD2 1 
ATOM   397  N  N   . CYS   A 1 52  ? 2.879   3.161   14.789  1.00 18.21  ? 58  CYS   A N   1 
ATOM   398  C  CA  . CYS   A 1 52  ? 4.307   2.852   14.463  1.00 17.76  ? 58  CYS   A CA  1 
ATOM   399  C  C   . CYS   A 1 52  ? 4.808   3.715   13.294  1.00 17.34  ? 58  CYS   A C   1 
ATOM   400  O  O   . CYS   A 1 52  ? 4.091   3.966   12.291  1.00 17.97  ? 58  CYS   A O   1 
ATOM   401  C  CB  . CYS   A 1 52  ? 4.522   1.385   14.136  1.00 17.46  ? 58  CYS   A CB  1 
ATOM   402  S  SG  . CYS   A 1 52  ? 4.272   0.227   15.507  1.00 20.69  ? 58  CYS   A SG  1 
ATOM   403  N  N   . GLN   A 1 53  ? 6.083   4.076   13.434  1.00 17.24  ? 59  GLN   A N   1 
ATOM   404  C  CA  . GLN   A 1 53  ? 6.863   4.742   12.383  1.00 17.14  ? 59  GLN   A CA  1 
ATOM   405  C  C   . GLN   A 1 53  ? 8.146   3.928   12.114  1.00 15.82  ? 59  GLN   A C   1 
ATOM   406  O  O   . GLN   A 1 53  ? 8.999   4.487   11.444  1.00 16.71  ? 59  GLN   A O   1 
ATOM   407  C  CB  . GLN   A 1 53  ? 7.176   6.199   12.764  1.00 19.61  ? 59  GLN   A CB  1 
ATOM   408  C  CG  . GLN   A 1 53  ? 6.006   7.165   12.664  1.00 21.75  ? 59  GLN   A CG  1 
ATOM   409  C  CD  . GLN   A 1 53  ? 6.477   8.591   12.871  1.00 22.71  ? 59  GLN   A CD  1 
ATOM   410  O  OE1 . GLN   A 1 53  ? 6.237   9.161   13.938  1.00 25.74  ? 59  GLN   A OE1 1 
ATOM   411  N  NE2 . GLN   A 1 53  ? 7.171   9.167   11.887  1.00 23.65  ? 59  GLN   A NE2 1 
ATOM   412  N  N   . THR   A 1 54  ? 8.246   2.665   12.525  1.00 16.96  ? 60  THR   A N   1 
ATOM   413  C  CA  . THR   A 1 54  ? 9.350   1.760   12.062  1.00 17.14  ? 60  THR   A CA  1 
ATOM   414  C  C   . THR   A 1 54  ? 8.720   0.442   11.626  1.00 18.13  ? 60  THR   A C   1 
ATOM   415  O  O   . THR   A 1 54  ? 7.712   0.018   12.194  1.00 18.42  ? 60  THR   A O   1 
ATOM   416  C  CB  . THR   A 1 54  ? 10.454  1.580   13.097  1.00 19.95  ? 60  THR   A CB  1 
ATOM   417  O  OG1 . THR   A 1 54  ? 9.869   0.879   14.171  1.00 24.44  ? 60  THR   A OG1 1 
ATOM   418  C  CG2 . THR   A 1 54  ? 11.005  2.889   13.582  1.00 18.45  ? 60  THR   A CG2 1 
ATOM   419  N  N   . GLY   A 1 55  ? 9.292   -0.166  10.637  1.00 14.42  ? 61  GLY   A N   1 
ATOM   420  C  CA  . GLY   A 1 55  ? 8.826   -1.433  10.081  1.00 14.52  ? 61  GLY   A CA  1 
ATOM   421  C  C   . GLY   A 1 55  ? 9.769   -1.933  9.040   1.00 15.21  ? 61  GLY   A C   1 
ATOM   422  O  O   . GLY   A 1 55  ? 10.962  -1.588  9.038   1.00 16.01  ? 61  GLY   A O   1 
ATOM   423  N  N   . VAL   A 1 56  ? 9.281   -2.868  8.239   1.00 13.57  ? 62  VAL   A N   1 
ATOM   424  C  CA  . VAL   A 1 56  ? 10.077  -3.582  7.217   1.00 15.66  ? 62  VAL   A CA  1 
ATOM   425  C  C   . VAL   A 1 56  ? 9.236   -3.629  5.942   1.00 14.85  ? 62  VAL   A C   1 
ATOM   426  O  O   . VAL   A 1 56  ? 8.073   -3.957  6.037   1.00 15.07  ? 62  VAL   A O   1 
ATOM   427  C  CB  . VAL   A 1 56  ? 10.449  -4.995  7.706   1.00 16.54  ? 62  VAL   A CB  1 
ATOM   428  C  CG1 . VAL   A 1 56  ? 11.011  -5.831  6.562   1.00 17.81  ? 62  VAL   A CG1 1 
ATOM   429  C  CG2 . VAL   A 1 56  ? 11.383  -4.934  8.904   1.00 15.66  ? 62  VAL   A CG2 1 
ATOM   430  N  N   . TYR   A 1 57  ? 9.775   -3.288  4.767   1.00 16.14  ? 63  TYR   A N   1 
ATOM   431  C  CA  . TYR   A 1 57  ? 9.047   -3.393  3.471   1.00 14.45  ? 63  TYR   A CA  1 
ATOM   432  C  C   . TYR   A 1 57  ? 9.748   -4.322  2.479   1.00 14.67  ? 63  TYR   A C   1 
ATOM   433  O  O   . TYR   A 1 57  ? 10.947  -4.513  2.582   1.00 14.06  ? 63  TYR   A O   1 
ATOM   434  C  CB  . TYR   A 1 57  ? 8.814   -2.018  2.840   1.00 15.65  ? 63  TYR   A CB  1 
ATOM   435  C  CG  . TYR   A 1 57  ? 9.962   -1.435  2.032   1.00 15.31  ? 63  TYR   A CG  1 
ATOM   436  C  CD1 . TYR   A 1 57  ? 11.049  -0.823  2.653   1.00 16.53  ? 63  TYR   A CD1 1 
ATOM   437  C  CD2 . TYR   A 1 57  ? 9.949   -1.461  0.645   1.00 15.31  ? 63  TYR   A CD2 1 
ATOM   438  C  CE1 . TYR   A 1 57  ? 12.089  -0.260  1.919   1.00 17.44  ? 63  TYR   A CE1 1 
ATOM   439  C  CE2 . TYR   A 1 57  ? 10.991  -0.943  -0.108  1.00 16.97  ? 63  TYR   A CE2 1 
ATOM   440  C  CZ  . TYR   A 1 57  ? 12.066  -0.323  0.537   1.00 16.36  ? 63  TYR   A CZ  1 
ATOM   441  O  OH  . TYR   A 1 57  ? 13.109  0.231   -0.180  1.00 17.98  ? 63  TYR   A OH  1 
ATOM   442  N  N   . TYR   A 1 58  ? 8.948   -4.988  1.647   1.00 14.48  ? 64  TYR   A N   1 
ATOM   443  C  CA  . TYR   A 1 58  ? 9.452   -5.879  0.592   1.00 15.75  ? 64  TYR   A CA  1 
ATOM   444  C  C   . TYR   A 1 58  ? 9.685   -5.058  -0.669  1.00 14.17  ? 64  TYR   A C   1 
ATOM   445  O  O   . TYR   A 1 58  ? 8.757   -4.382  -1.166  1.00 14.45  ? 64  TYR   A O   1 
ATOM   446  C  CB  . TYR   A 1 58  ? 8.496   -7.007  0.270   1.00 16.90  ? 64  TYR   A CB  1 
ATOM   447  C  CG  . TYR   A 1 58  ? 9.063   -7.904  -0.792  1.00 17.98  ? 64  TYR   A CG  1 
ATOM   448  C  CD1 . TYR   A 1 58  ? 10.268  -8.568  -0.566  1.00 19.61  ? 64  TYR   A CD1 1 
ATOM   449  C  CD2 . TYR   A 1 58  ? 8.431   -8.069  -2.004  1.00 20.28  ? 64  TYR   A CD2 1 
ATOM   450  C  CE1 . TYR   A 1 58  ? 10.819  -9.388  -1.538  1.00 23.69  ? 64  TYR   A CE1 1 
ATOM   451  C  CE2 . TYR   A 1 58  ? 8.965   -8.906  -2.978  1.00 22.83  ? 64  TYR   A CE2 1 
ATOM   452  C  CZ  . TYR   A 1 58  ? 10.160  -9.558  -2.736  1.00 25.75  ? 64  TYR   A CZ  1 
ATOM   453  O  OH  . TYR   A 1 58  ? 10.723  -10.348 -3.700  1.00 25.50  ? 64  TYR   A OH  1 
ATOM   454  N  N   . CYS   A 1 59  ? 10.898  -5.188  -1.209  1.00 15.20  ? 65  CYS   A N   1 
ATOM   455  C  CA  . CYS   A 1 59  ? 11.366  -4.506  -2.444  1.00 15.82  ? 65  CYS   A CA  1 
ATOM   456  C  C   . CYS   A 1 59  ? 11.609  -5.557  -3.532  1.00 15.80  ? 65  CYS   A C   1 
ATOM   457  O  O   . CYS   A 1 59  ? 12.696  -6.203  -3.504  1.00 16.76  ? 65  CYS   A O   1 
ATOM   458  C  CB  . CYS   A 1 59  ? 12.601  -3.695  -2.135  1.00 17.53  ? 65  CYS   A CB  1 
ATOM   459  S  SG  . CYS   A 1 59  ? 13.284  -2.871  -3.599  1.00 18.36  ? 65  CYS   A SG  1 
ATOM   460  N  N   . SER   A 1 60  ? 10.643  -5.717  -4.433  1.00 16.54  ? 66  SER   A N   1 
ATOM   461  C  CA  . SER   A 1 60  ? 10.694  -6.794  -5.457  1.00 18.74  ? 66  SER   A CA  1 
ATOM   462  C  C   . SER   A 1 60  ? 11.907  -6.566  -6.374  1.00 19.62  ? 66  SER   A C   1 
ATOM   463  O  O   . SER   A 1 60  ? 12.467  -7.600  -6.862  1.00 22.07  ? 66  SER   A O   1 
ATOM   464  C  CB  . SER   A 1 60  ? 9.420   -6.899  -6.266  1.00 20.54  ? 66  SER   A CB  1 
ATOM   465  O  OG  . SER   A 1 60  ? 9.201   -5.801  -7.130  1.00 23.33  ? 66  SER   A OG  1 
ATOM   466  N  N   . SER   A 1 61  ? 12.291  -5.316  -6.600  1.00 17.50  ? 67  SER   A N   1 
ATOM   467  C  CA  . SER   A 1 61  ? 13.367  -4.909  -7.557  1.00 17.37  ? 67  SER   A CA  1 
ATOM   468  C  C   . SER   A 1 61  ? 14.757  -5.216  -6.939  1.00 19.57  ? 67  SER   A C   1 
ATOM   469  O  O   . SER   A 1 61  ? 15.775  -5.043  -7.641  1.00 20.23  ? 67  SER   A O   1 
ATOM   470  C  CB  . SER   A 1 61  ? 13.239  -3.508  -8.044  1.00 18.96  ? 67  SER   A CB  1 
ATOM   471  O  OG  . SER   A 1 61  ? 13.440  -2.551  -6.987  1.00 18.40  ? 67  SER   A OG  1 
ATOM   472  N  N   . ARG   A 1 62  ? 14.796  -5.709  -5.691  1.00 18.35  ? 68  ARG   A N   1 
ATOM   473  C  CA  . ARG   A 1 62  ? 16.041  -6.185  -5.024  1.00 17.55  ? 68  ARG   A CA  1 
ATOM   474  C  C   . ARG   A 1 62  ? 15.854  -7.587  -4.421  1.00 18.01  ? 68  ARG   A C   1 
ATOM   475  O  O   . ARG   A 1 62  ? 16.813  -8.120  -3.845  1.00 20.74  ? 68  ARG   A O   1 
ATOM   476  C  CB  . ARG   A 1 62  ? 16.436  -5.199  -3.919  1.00 17.45  ? 68  ARG   A CB  1 
ATOM   477  C  CG  . ARG   A 1 62  ? 16.812  -3.811  -4.385  1.00 17.79  ? 68  ARG   A CG  1 
ATOM   478  C  CD  . ARG   A 1 62  ? 18.193  -3.795  -5.043  1.00 19.52  ? 68  ARG   A CD  1 
ATOM   479  N  NE  . ARG   A 1 62  ? 18.561  -2.474  -5.506  1.00 20.44  ? 68  ARG   A NE  1 
ATOM   480  C  CZ  . ARG   A 1 62  ? 18.285  -1.967  -6.705  1.00 18.75  ? 68  ARG   A CZ  1 
ATOM   481  N  NH1 . ARG   A 1 62  ? 17.689  -2.695  -7.649  1.00 20.29  ? 68  ARG   A NH1 1 
ATOM   482  N  NH2 . ARG   A 1 62  ? 18.689  -0.754  -7.017  1.00 21.20  ? 68  ARG   A NH2 1 
ATOM   483  N  N   . ARG   A 1 63  ? 14.671  -8.208  -4.553  1.00 19.25  ? 69  ARG   A N   1 
ATOM   484  C  CA  . ARG   A 1 63  ? 14.331  -9.470  -3.851  1.00 22.03  ? 69  ARG   A CA  1 
ATOM   485  C  C   . ARG   A 1 63  ? 14.753  -9.384  -2.381  1.00 21.26  ? 69  ARG   A C   1 
ATOM   486  O  O   . ARG   A 1 63  ? 15.303  -10.359 -1.834  1.00 23.57  ? 69  ARG   A O   1 
ATOM   487  C  CB  . ARG   A 1 63  ? 14.961  -10.673 -4.561  1.00 24.85  ? 69  ARG   A CB  1 
ATOM   488  C  CG  . ARG   A 1 63  ? 14.477  -10.833 -5.990  1.00 25.04  ? 69  ARG   A CG  1 
ATOM   489  C  CD  . ARG   A 1 63  ? 15.022  -12.094 -6.626  1.00 27.49  ? 69  ARG   A CD  1 
ATOM   490  N  NE  . ARG   A 1 63  ? 14.617  -12.319 -8.017  1.00 29.40  ? 69  ARG   A NE  1 
ATOM   491  C  CZ  . ARG   A 1 63  ? 15.473  -12.410 -9.059  1.00 28.52  ? 69  ARG   A CZ  1 
ATOM   492  N  NH1 . ARG   A 1 63  ? 16.771  -12.230 -8.880  1.00 28.75  ? 69  ARG   A NH1 1 
ATOM   493  N  NH2 . ARG   A 1 63  ? 15.027  -12.607 -10.294 1.00 25.40  ? 69  ARG   A NH2 1 
ATOM   494  N  N   . LYS   A 1 64  ? 14.479  -8.245  -1.730  1.00 21.20  ? 70  LYS   A N   1 
ATOM   495  C  CA  . LYS   A 1 64  ? 14.945  -8.019  -0.335  1.00 23.10  ? 70  LYS   A CA  1 
ATOM   496  C  C   . LYS   A 1 64  ? 13.842  -7.322  0.481   1.00 19.67  ? 70  LYS   A C   1 
ATOM   497  O  O   . LYS   A 1 64  ? 13.117  -6.460  -0.093  1.00 19.46  ? 70  LYS   A O   1 
ATOM   498  C  CB  . LYS   A 1 64  ? 16.225  -7.170  -0.307  1.00 26.80  ? 70  LYS   A CB  1 
ATOM   499  C  CG  . LYS   A 1 64  ? 17.528  -7.973  -0.328  1.00 39.08  ? 70  LYS   A CG  1 
ATOM   500  C  CD  . LYS   A 1 64  ? 18.688  -7.262  0.367   1.00 42.12  ? 70  LYS   A CD  1 
ATOM   501  C  CE  . LYS   A 1 64  ? 20.025  -7.946  0.136   1.00 53.13  ? 70  LYS   A CE  1 
ATOM   502  N  NZ  . LYS   A 1 64  ? 20.454  -7.871  -1.283  1.00 54.65  ? 70  LYS   A NZ  1 
ATOM   503  N  N   . HIS   A 1 65  ? 13.799  -7.645  1.780   1.00 18.10  ? 71  HIS   A N   1 
ATOM   504  C  CA  . HIS   A 1 65  ? 13.035  -6.878  2.774   1.00 17.10  ? 71  HIS   A CA  1 
ATOM   505  C  C   . HIS   A 1 65  ? 14.030  -5.938  3.421   1.00 18.35  ? 71  HIS   A C   1 
ATOM   506  O  O   . HIS   A 1 65  ? 15.122  -6.395  3.852   1.00 20.82  ? 71  HIS   A O   1 
ATOM   507  C  CB  . HIS   A 1 65  ? 12.345  -7.791  3.800   1.00 16.78  ? 71  HIS   A CB  1 
ATOM   508  C  CG  . HIS   A 1 65  ? 11.330  -8.742  3.249   1.00 17.10  ? 71  HIS   A CG  1 
ATOM   509  N  ND1 . HIS   A 1 65  ? 9.945   -8.574  3.376   1.00 18.84  ? 71  HIS   A ND1 1 
ATOM   510  C  CD2 . HIS   A 1 65  ? 11.501  -9.877  2.548   1.00 18.66  ? 71  HIS   A CD2 1 
ATOM   511  C  CE1 . HIS   A 1 65  ? 9.341   -9.581  2.748   1.00 17.39  ? 71  HIS   A CE1 1 
ATOM   512  N  NE2 . HIS   A 1 65  ? 10.255  -10.377 2.285   1.00 21.86  ? 71  HIS   A NE2 1 
ATOM   513  N  N   . TYR   A 1 66  ? 13.624  -4.694  3.615   1.00 17.18  ? 72  TYR   A N   1 
ATOM   514  C  CA  . TYR   A 1 66  ? 14.464  -3.646  4.233   1.00 16.97  ? 72  TYR   A CA  1 
ATOM   515  C  C   . TYR   A 1 66  ? 13.775  -3.056  5.446   1.00 15.60  ? 72  TYR   A C   1 
ATOM   516  O  O   . TYR   A 1 66  ? 12.621  -2.608  5.372   1.00 16.44  ? 72  TYR   A O   1 
ATOM   517  C  CB  . TYR   A 1 66  ? 14.736  -2.495  3.270   1.00 17.16  ? 72  TYR   A CB  1 
ATOM   518  C  CG  . TYR   A 1 66  ? 15.579  -2.813  2.058   1.00 19.32  ? 72  TYR   A CG  1 
ATOM   519  C  CD1 . TYR   A 1 66  ? 16.951  -2.967  2.179   1.00 21.43  ? 72  TYR   A CD1 1 
ATOM   520  C  CD2 . TYR   A 1 66  ? 15.007  -3.008  0.811   1.00 21.40  ? 72  TYR   A CD2 1 
ATOM   521  C  CE1 . TYR   A 1 66  ? 17.746  -3.229  1.074   1.00 22.56  ? 72  TYR   A CE1 1 
ATOM   522  C  CE2 . TYR   A 1 66  ? 15.794  -3.258  -0.306  1.00 20.97  ? 72  TYR   A CE2 1 
ATOM   523  C  CZ  . TYR   A 1 66  ? 17.164  -3.391  -0.164  1.00 23.55  ? 72  TYR   A CZ  1 
ATOM   524  O  OH  . TYR   A 1 66  ? 17.984  -3.628  -1.243  1.00 24.10  ? 72  TYR   A OH  1 
ATOM   525  N  N   . PRO   A 1 67  ? 14.519  -2.858  6.556   1.00 15.87  ? 73  PRO   A N   1 
ATOM   526  C  CA  . PRO   A 1 67  ? 13.990  -2.134  7.708   1.00 16.57  ? 73  PRO   A CA  1 
ATOM   527  C  C   . PRO   A 1 67  ? 14.046  -0.626  7.478   1.00 17.35  ? 73  PRO   A C   1 
ATOM   528  O  O   . PRO   A 1 67  ? 15.040  -0.162  6.927   1.00 18.18  ? 73  PRO   A O   1 
ATOM   529  C  CB  . PRO   A 1 67  ? 14.883  -2.573  8.889   1.00 18.15  ? 73  PRO   A CB  1 
ATOM   530  C  CG  . PRO   A 1 67  ? 16.180  -2.933  8.232   1.00 19.24  ? 73  PRO   A CG  1 
ATOM   531  C  CD  . PRO   A 1 67  ? 15.814  -3.484  6.865   1.00 17.18  ? 73  PRO   A CD  1 
ATOM   532  N  N   . VAL   A 1 68  ? 12.914  0.070   7.761   1.00 15.75  ? 74  VAL   A N   1 
ATOM   533  C  CA  . VAL   A 1 68  ? 12.801  1.533   7.514   1.00 17.80  ? 74  VAL   A CA  1 
ATOM   534  C  C   . VAL   A 1 68  ? 12.118  2.261   8.652   1.00 16.88  ? 74  VAL   A C   1 
ATOM   535  O  O   . VAL   A 1 68  ? 11.267  1.699   9.359   1.00 16.02  ? 74  VAL   A O   1 
ATOM   536  C  CB  . VAL   A 1 68  ? 12.082  1.841   6.197   1.00 19.50  ? 74  VAL   A CB  1 
ATOM   537  C  CG1 . VAL   A 1 68  ? 12.965  1.474   5.015   1.00 19.84  ? 74  VAL   A CG1 1 
ATOM   538  C  CG2 . VAL   A 1 68  ? 10.713  1.190   6.119   1.00 18.92  ? 74  VAL   A CG2 1 
ATOM   539  N  N   . SER   A 1 69  ? 12.483  3.524   8.806   1.00 17.89  ? 75  SER   A N   1 
ATOM   540  C  CA  . SER   A 1 69  ? 11.650  4.543   9.484   1.00 17.01  ? 75  SER   A CA  1 
ATOM   541  C  C   . SER   A 1 69  ? 10.778  5.263   8.459   1.00 16.67  ? 75  SER   A C   1 
ATOM   542  O  O   . SER   A 1 69  ? 11.257  5.533   7.331   1.00 17.03  ? 75  SER   A O   1 
ATOM   543  C  CB  . SER   A 1 69  ? 12.503  5.541   10.219  1.00 18.84  ? 75  SER   A CB  1 
ATOM   544  O  OG  . SER   A 1 69  ? 13.330  4.880   11.145  1.00 24.40  ? 75  SER   A OG  1 
ATOM   545  N  N   . PHE   A 1 70  ? 9.504   5.576   8.778   1.00 15.53  ? 76  PHE   A N   1 
ATOM   546  C  CA  . PHE   A 1 70  ? 8.577   6.219   7.830   1.00 15.85  ? 76  PHE   A CA  1 
ATOM   547  C  C   . PHE   A 1 70  ? 7.764   7.325   8.505   1.00 15.81  ? 76  PHE   A C   1 
ATOM   548  O  O   . PHE   A 1 70  ? 7.555   7.249   9.725   1.00 18.64  ? 76  PHE   A O   1 
ATOM   549  C  CB  . PHE   A 1 70  ? 7.721   5.155   7.112   1.00 16.48  ? 76  PHE   A CB  1 
ATOM   550  C  CG  . PHE   A 1 70  ? 6.949   4.215   8.011   1.00 15.28  ? 76  PHE   A CG  1 
ATOM   551  C  CD1 . PHE   A 1 70  ? 7.487   3.022   8.454   1.00 15.52  ? 76  PHE   A CD1 1 
ATOM   552  C  CD2 . PHE   A 1 70  ? 5.645   4.527   8.399   1.00 15.68  ? 76  PHE   A CD2 1 
ATOM   553  C  CE1 . PHE   A 1 70  ? 6.788   2.157   9.288   1.00 15.43  ? 76  PHE   A CE1 1 
ATOM   554  C  CE2 . PHE   A 1 70  ? 4.958   3.680   9.251   1.00 15.55  ? 76  PHE   A CE2 1 
ATOM   555  C  CZ  . PHE   A 1 70  ? 5.513   2.494   9.665   1.00 16.83  ? 76  PHE   A CZ  1 
ATOM   556  N  N   . SER   A 1 71  ? 7.355   8.305   7.706   1.00 17.31  ? 77  SER   A N   1 
ATOM   557  C  CA  . SER   A 1 71  ? 6.512   9.421   8.202   1.00 19.04  ? 77  SER   A CA  1 
ATOM   558  C  C   . SER   A 1 71  ? 5.076   8.937   8.461   1.00 18.35  ? 77  SER   A C   1 
ATOM   559  O  O   . SER   A 1 71  ? 4.621   7.909   7.920   1.00 19.55  ? 77  SER   A O   1 
ATOM   560  C  CB  . SER   A 1 71  ? 6.577   10.566  7.252   1.00 19.97  ? 77  SER   A CB  1 
ATOM   561  O  OG  . SER   A 1 71  ? 6.063   10.188  5.996   1.00 22.34  ? 77  SER   A OG  1 
ATOM   562  N  N   . LYS   A 1 72  ? 4.334   9.676   9.282   1.00 19.80  ? 78  LYS   A N   1 
ATOM   563  C  CA  . LYS   A 1 72  ? 2.888   9.384   9.521   1.00 21.24  ? 78  LYS   A CA  1 
ATOM   564  C  C   . LYS   A 1 72  ? 2.112   9.706   8.250   1.00 20.36  ? 78  LYS   A C   1 
ATOM   565  O  O   . LYS   A 1 72  ? 2.540   10.496  7.429   1.00 20.00  ? 78  LYS   A O   1 
ATOM   566  C  CB  . LYS   A 1 72  ? 2.460   10.200  10.739  1.00 23.02  ? 78  LYS   A CB  1 
ATOM   567  C  CG  . LYS   A 1 72  ? 3.035   9.727   12.047  1.00 23.73  ? 78  LYS   A CG  1 
ATOM   568  C  CD  . LYS   A 1 72  ? 2.599   10.563  13.226  1.00 30.19  ? 78  LYS   A CD  1 
ATOM   569  C  CE  . LYS   A 1 72  ? 2.937   9.930   14.550  1.00 33.32  ? 78  LYS   A CE  1 
ATOM   570  N  NZ  . LYS   A 1 72  ? 2.196   10.615  15.645  1.00 39.02  ? 78  LYS   A NZ  1 
ATOM   571  N  N   . PRO   A 1 73  ? 0.979   8.997   7.993   1.00 20.94  ? 79  PRO   A N   1 
ATOM   572  C  CA  . PRO   A 1 73  ? 0.195   9.188   6.772   1.00 22.31  ? 79  PRO   A CA  1 
ATOM   573  C  C   . PRO   A 1 73  ? -0.195  10.663  6.623   1.00 21.62  ? 79  PRO   A C   1 
ATOM   574  O  O   . PRO   A 1 73  ? -0.698  11.233  7.596   1.00 24.67  ? 79  PRO   A O   1 
ATOM   575  C  CB  . PRO   A 1 73  ? -1.065  8.330   6.999   1.00 21.08  ? 79  PRO   A CB  1 
ATOM   576  C  CG  . PRO   A 1 73  ? -0.618  7.294   7.979   1.00 22.56  ? 79  PRO   A CG  1 
ATOM   577  C  CD  . PRO   A 1 73  ? 0.401   7.988   8.880   1.00 21.34  ? 79  PRO   A CD  1 
ATOM   578  N  N   . SER   A 1 74  ? 0.001   11.191  5.389   0.41 20.47  ? 80  SER   A N   1 
ATOM   579  C  CA  . SER   A 1 74  ? -0.049  12.635  4.960   0.41 20.96  ? 80  SER   A CA  1 
ATOM   580  C  C   . SER   A 1 74  ? -0.389  12.876  3.467   0.41 19.31  ? 80  SER   A C   1 
ATOM   581  O  O   . SER   A 1 74  ? -0.491  11.907  2.664   0.41 17.17  ? 80  SER   A O   1 
ATOM   582  C  CB  . SER   A 1 74  ? 1.273   13.316  5.276   0.41 21.71  ? 80  SER   A CB  1 
ATOM   583  O  OG  . SER   A 1 74  ? 1.745   12.950  6.559   0.41 23.49  ? 80  SER   A OG  1 
ATOM   584  N  N   . LEU   A 1 75  ? -0.575  14.158  3.077   0.41 17.10  ? 81  LEU   A N   1 
ATOM   585  C  CA  . LEU   A 1 75  ? -0.831  14.605  1.675   0.41 17.35  ? 81  LEU   A CA  1 
ATOM   586  C  C   . LEU   A 1 75  ? 0.490   15.033  1.022   0.41 17.08  ? 81  LEU   A C   1 
ATOM   587  O  O   . LEU   A 1 75  ? 1.076   16.039  1.470   0.41 16.18  ? 81  LEU   A O   1 
ATOM   588  C  CB  . LEU   A 1 75  ? -1.858  15.751  1.661   0.41 19.28  ? 81  LEU   A CB  1 
ATOM   589  C  CG  . LEU   A 1 75  ? -2.246  16.278  0.277   0.41 20.11  ? 81  LEU   A CG  1 
ATOM   590  C  CD1 . LEU   A 1 75  ? -2.981  15.222  -0.538  0.41 20.04  ? 81  LEU   A CD1 1 
ATOM   591  C  CD2 . LEU   A 1 75  ? -3.084  17.542  0.386   0.41 21.26  ? 81  LEU   A CD2 1 
ATOM   592  N  N   . ILE   A 1 76  ? 0.869   14.360  -0.058  0.41 16.02  ? 82  ILE   A N   1 
ATOM   593  C  CA  . ILE   A 1 76  ? 2.246   14.397  -0.627  0.41 17.06  ? 82  ILE   A CA  1 
ATOM   594  C  C   . ILE   A 1 76  ? 2.176   14.620  -2.129  0.41 16.41  ? 82  ILE   A C   1 
ATOM   595  O  O   . ILE   A 1 76  ? 1.447   13.876  -2.806  0.41 15.49  ? 82  ILE   A O   1 
ATOM   596  C  CB  . ILE   A 1 76  ? 2.988   13.093  -0.265  0.41 17.95  ? 82  ILE   A CB  1 
ATOM   597  C  CG1 . ILE   A 1 76  ? 3.234   12.981  1.239   0.41 19.22  ? 82  ILE   A CG1 1 
ATOM   598  C  CG2 . ILE   A 1 76  ? 4.287   12.949  -1.024  0.41 18.56  ? 82  ILE   A CG2 1 
ATOM   599  C  CD1 . ILE   A 1 76  ? 3.844   14.217  1.866   0.41 20.44  ? 82  ILE   A CD1 1 
ATOM   600  N  N   . PHE   A 1 77  ? 2.962   15.576  -2.621  0.41 16.13  ? 83  PHE   A N   1 
ATOM   601  C  CA  . PHE   A 1 77  ? 3.172   15.764  -4.068  0.41 16.81  ? 83  PHE   A CA  1 
ATOM   602  C  C   . PHE   A 1 77  ? 4.090   14.649  -4.570  0.41 17.15  ? 83  PHE   A C   1 
ATOM   603  O  O   . PHE   A 1 77  ? 5.245   14.502  -4.099  0.41 15.50  ? 83  PHE   A O   1 
ATOM   604  C  CB  . PHE   A 1 77  ? 3.738   17.144  -4.401  0.41 19.36  ? 83  PHE   A CB  1 
ATOM   605  C  CG  . PHE   A 1 77  ? 3.839   17.382  -5.882  0.41 20.01  ? 83  PHE   A CG  1 
ATOM   606  C  CD1 . PHE   A 1 77  ? 2.697   17.576  -6.636  0.41 19.99  ? 83  PHE   A CD1 1 
ATOM   607  C  CD2 . PHE   A 1 77  ? 5.066   17.377  -6.531  0.41 18.82  ? 83  PHE   A CD2 1 
ATOM   608  C  CE1 . PHE   A 1 77  ? 2.779   17.765  -8.008  0.41 19.64  ? 83  PHE   A CE1 1 
ATOM   609  C  CE2 . PHE   A 1 77  ? 5.144   17.560  -7.903  0.41 19.45  ? 83  PHE   A CE2 1 
ATOM   610  C  CZ  . PHE   A 1 77  ? 4.001   17.760  -8.634  0.41 18.95  ? 83  PHE   A CZ  1 
ATOM   611  N  N   . VAL   A 1 78  ? 3.551   13.845  -5.478  0.41 16.50  ? 84  VAL   A N   1 
ATOM   612  C  CA  . VAL   A 1 78  ? 4.312   12.821  -6.239  0.41 18.25  ? 84  VAL   A CA  1 
ATOM   613  C  C   . VAL   A 1 78  ? 4.782   13.436  -7.560  0.41 22.50  ? 84  VAL   A C   1 
ATOM   614  O  O   . VAL   A 1 78  ? 4.007   13.476  -8.558  0.41 18.56  ? 84  VAL   A O   1 
ATOM   615  C  CB  . VAL   A 1 78  ? 3.476   11.552  -6.450  0.41 17.66  ? 84  VAL   A CB  1 
ATOM   616  C  CG1 . VAL   A 1 78  ? 4.275   10.463  -7.152  0.41 17.62  ? 84  VAL   A CG1 1 
ATOM   617  C  CG2 . VAL   A 1 78  ? 2.920   11.062  -5.131  0.41 17.07  ? 84  VAL   A CG2 1 
ATOM   618  N  N   . GLU   A 1 79  ? 6.021   13.921  -7.561  0.41 23.78  ? 85  GLU   A N   1 
ATOM   619  C  CA  . GLU   A 1 79  ? 6.630   14.486  -8.783  0.41 24.57  ? 85  GLU   A CA  1 
ATOM   620  C  C   . GLU   A 1 79  ? 6.268   13.546  -9.924  0.41 24.67  ? 85  GLU   A C   1 
ATOM   621  O  O   . GLU   A 1 79  ? 6.264   12.287  -9.713  0.41 23.79  ? 85  GLU   A O   1 
ATOM   622  C  CB  . GLU   A 1 79  ? 8.143   14.635  -8.650  0.41 25.76  ? 85  GLU   A CB  1 
ATOM   623  C  CG  . GLU   A 1 79  ? 8.561   15.623  -7.589  0.41 28.70  ? 85  GLU   A CG  1 
ATOM   624  C  CD  . GLU   A 1 79  ? 8.269   17.089  -7.881  0.41 26.17  ? 85  GLU   A CD  1 
ATOM   625  O  OE1 . GLU   A 1 79  ? 8.192   17.467  -9.074  0.41 29.37  ? 85  GLU   A OE1 1 
ATOM   626  O  OE2 . GLU   A 1 79  ? 8.087   17.840  -6.916  0.41 27.28  ? 85  GLU   A OE2 1 
ATOM   627  N  N   . ALA   A 1 80  ? 5.943   14.130  -11.080 0.41 22.81  ? 86  ALA   A N   1 
ATOM   628  C  CA  . ALA   A 1 80  ? 5.836   13.380  -12.342 0.41 25.18  ? 86  ALA   A CA  1 
ATOM   629  C  C   . ALA   A 1 80  ? 6.904   12.294  -12.313 0.41 25.21  ? 86  ALA   A C   1 
ATOM   630  O  O   . ALA   A 1 80  ? 8.027   12.558  -11.810 0.41 26.73  ? 86  ALA   A O   1 
ATOM   631  C  CB  . ALA   A 1 80  ? 5.983   14.293  -13.540 0.41 25.13  ? 86  ALA   A CB  1 
ATOM   632  N  N   . SER   A 1 81  ? 6.531   11.096  -12.749 0.41 27.40  ? 87  SER   A N   1 
ATOM   633  C  CA  . SER   A 1 81  ? 7.438   9.978   -13.096 0.41 24.88  ? 87  SER   A CA  1 
ATOM   634  C  C   . SER   A 1 81  ? 7.400   9.816   -14.614 0.41 27.17  ? 87  SER   A C   1 
ATOM   635  O  O   . SER   A 1 81  ? 6.625   10.551  -15.293 0.41 24.58  ? 87  SER   A O   1 
ATOM   636  C  CB  . SER   A 1 81  ? 7.030   8.705   -12.358 0.41 24.63  ? 87  SER   A CB  1 
ATOM   637  O  OG  . SER   A 1 81  ? 7.307   7.534   -13.120 0.41 27.08  ? 87  SER   A OG  1 
ATOM   638  N  N   . GLU   A 1 82  ? 8.224   8.921   -15.146 0.41 25.75  ? 88  GLU   A N   1 
ATOM   639  C  CA  . GLU   A 1 82  ? 8.232   8.636   -16.594 0.41 26.97  ? 88  GLU   A CA  1 
ATOM   640  C  C   . GLU   A 1 82  ? 6.816   8.273   -17.061 0.41 27.67  ? 88  GLU   A C   1 
ATOM   641  O  O   . GLU   A 1 82  ? 6.478   8.648   -18.189 0.41 27.01  ? 88  GLU   A O   1 
ATOM   642  C  CB  . GLU   A 1 82  ? 9.229   7.526   -16.913 0.41 24.96  ? 88  GLU   A CB  1 
ATOM   643  C  CG  . GLU   A 1 82  ? 9.421   7.290   -18.397 0.41 26.14  ? 88  GLU   A CG  1 
ATOM   644  C  CD  . GLU   A 1 82  ? 10.395  6.165   -18.702 0.41 25.38  ? 88  GLU   A CD  1 
ATOM   645  O  OE1 . GLU   A 1 82  ? 10.585  5.841   -19.887 0.41 27.83  ? 88  GLU   A OE1 1 
ATOM   646  O  OE2 . GLU   A 1 82  ? 10.939  5.605   -17.739 0.41 28.11  ? 88  GLU   A OE2 1 
ATOM   647  N  N   . TYR   A 1 83  ? 6.012   7.589   -16.237 0.41 25.51  ? 89  TYR   A N   1 
ATOM   648  C  CA  . TYR   A 1 83  ? 4.721   6.983   -16.675 0.41 26.51  ? 89  TYR   A CA  1 
ATOM   649  C  C   . TYR   A 1 83  ? 3.517   7.571   -15.927 0.41 25.91  ? 89  TYR   A C   1 
ATOM   650  O  O   . TYR   A 1 83  ? 2.375   7.324   -16.356 0.41 26.39  ? 89  TYR   A O   1 
ATOM   651  C  CB  . TYR   A 1 83  ? 4.766   5.464   -16.531 0.41 27.69  ? 89  TYR   A CB  1 
ATOM   652  C  CG  . TYR   A 1 83  ? 5.834   4.818   -17.374 0.41 29.10  ? 89  TYR   A CG  1 
ATOM   653  C  CD1 . TYR   A 1 83  ? 5.646   4.626   -18.735 0.41 31.25  ? 89  TYR   A CD1 1 
ATOM   654  C  CD2 . TYR   A 1 83  ? 7.042   4.414   -16.821 0.41 31.44  ? 89  TYR   A CD2 1 
ATOM   655  C  CE1 . TYR   A 1 83  ? 6.622   4.034   -19.524 0.41 31.62  ? 89  TYR   A CE1 1 
ATOM   656  C  CE2 . TYR   A 1 83  ? 8.028   3.821   -17.598 0.41 32.33  ? 89  TYR   A CE2 1 
ATOM   657  C  CZ  . TYR   A 1 83  ? 7.818   3.630   -18.954 0.41 33.41  ? 89  TYR   A CZ  1 
ATOM   658  O  OH  . TYR   A 1 83  ? 8.781   3.048   -19.726 0.41 32.58  ? 89  TYR   A OH  1 
ATOM   659  N  N   . TYR   A 1 84  ? 3.736   8.340   -14.871 0.41 22.95  ? 90  TYR   A N   1 
ATOM   660  C  CA  . TYR   A 1 84  ? 2.636   8.899   -14.056 0.41 24.57  ? 90  TYR   A CA  1 
ATOM   661  C  C   . TYR   A 1 84  ? 2.838   10.409  -13.938 0.41 23.96  ? 90  TYR   A C   1 
ATOM   662  O  O   . TYR   A 1 84  ? 3.921   10.883  -13.581 0.41 23.12  ? 90  TYR   A O   1 
ATOM   663  C  CB  . TYR   A 1 84  ? 2.535   8.088   -12.758 0.41 22.93  ? 90  TYR   A CB  1 
ATOM   664  C  CG  . TYR   A 1 84  ? 2.250   6.619   -12.992 0.41 23.48  ? 90  TYR   A CG  1 
ATOM   665  C  CD1 . TYR   A 1 84  ? 0.951   6.163   -13.100 0.41 24.10  ? 90  TYR   A CD1 1 
ATOM   666  C  CD2 . TYR   A 1 84  ? 3.264   5.683   -13.143 0.41 22.83  ? 90  TYR   A CD2 1 
ATOM   667  C  CE1 . TYR   A 1 84  ? 0.660   4.832   -13.351 0.41 22.96  ? 90  TYR   A CE1 1 
ATOM   668  C  CE2 . TYR   A 1 84  ? 2.996   4.343   -13.382 0.41 24.89  ? 90  TYR   A CE2 1 
ATOM   669  C  CZ  . TYR   A 1 84  ? 1.681   3.918   -13.499 0.41 23.19  ? 90  TYR   A CZ  1 
ATOM   670  O  OH  . TYR   A 1 84  ? 1.361   2.608   -13.722 0.41 22.17  ? 90  TYR   A OH  1 
ATOM   671  N  N   . PRO   A 1 85  ? 1.786   11.206  -14.224 0.41 23.95  ? 91  PRO   A N   1 
ATOM   672  C  CA  . PRO   A 1 85  ? 1.858   12.644  -14.044 0.41 24.66  ? 91  PRO   A CA  1 
ATOM   673  C  C   . PRO   A 1 85  ? 2.078   12.937  -12.563 0.41 24.50  ? 91  PRO   A C   1 
ATOM   674  O  O   . PRO   A 1 85  ? 1.821   12.077  -11.686 0.41 21.11  ? 91  PRO   A O   1 
ATOM   675  C  CB  . PRO   A 1 85  ? 0.493   13.178  -14.513 0.41 24.77  ? 91  PRO   A CB  1 
ATOM   676  C  CG  . PRO   A 1 85  ? -0.434  11.982  -14.387 0.41 25.80  ? 91  PRO   A CG  1 
ATOM   677  C  CD  . PRO   A 1 85  ? 0.439   10.772  -14.633 0.41 23.13  ? 91  PRO   A CD  1 
ATOM   678  N  N   . ALA   A 1 86  ? 2.582   14.135  -12.317 0.41 26.17  ? 92  ALA   A N   1 
ATOM   679  C  CA  . ALA   A 1 86  ? 2.477   14.815  -11.022 0.41 26.78  ? 92  ALA   A CA  1 
ATOM   680  C  C   . ALA   A 1 86  ? 1.043   14.646  -10.514 0.41 27.98  ? 92  ALA   A C   1 
ATOM   681  O  O   . ALA   A 1 86  ? 0.081   14.867  -11.303 0.41 25.86  ? 92  ALA   A O   1 
ATOM   682  C  CB  . ALA   A 1 86  ? 2.850   16.263  -11.188 0.41 26.73  ? 92  ALA   A CB  1 
ATOM   683  N  N   . ARG   A 1 87  ? 0.891   14.182  -9.280  0.41 24.40  ? 93  ARG   A N   1 
ATOM   684  C  CA  . ARG   A 1 87  ? -0.396  14.258  -8.549  0.41 25.01  ? 93  ARG   A CA  1 
ATOM   685  C  C   . ARG   A 1 87  ? -0.126  14.239  -7.053  0.41 24.24  ? 93  ARG   A C   1 
ATOM   686  O  O   . ARG   A 1 87  ? 0.975   13.778  -6.668  0.41 25.74  ? 93  ARG   A O   1 
ATOM   687  C  CB  . ARG   A 1 87  ? -1.328  13.105  -8.934  0.41 23.57  ? 93  ARG   A CB  1 
ATOM   688  C  CG  . ARG   A 1 87  ? -1.088  11.823  -8.150  0.41 25.95  ? 93  ARG   A CG  1 
ATOM   689  C  CD  . ARG   A 1 87  ? -2.253  10.859  -8.308  0.41 25.41  ? 93  ARG   A CD  1 
ATOM   690  N  NE  . ARG   A 1 87  ? -3.472  11.408  -7.744  0.41 27.59  ? 93  ARG   A NE  1 
ATOM   691  C  CZ  . ARG   A 1 87  ? -4.704  11.094  -8.136  0.41 26.42  ? 93  ARG   A CZ  1 
ATOM   692  N  NH1 . ARG   A 1 87  ? -4.907  10.241  -9.126  0.41 28.97  ? 93  ARG   A NH1 1 
ATOM   693  N  NH2 . ARG   A 1 87  ? -5.737  11.666  -7.544  0.41 28.98  ? 93  ARG   A NH2 1 
ATOM   694  N  N   . TYR   A 1 88  ? -1.098  14.714  -6.273  0.41 23.76  ? 94  TYR   A N   1 
ATOM   695  C  CA  . TYR   A 1 88  ? -1.155  14.649  -4.790  0.41 23.43  ? 94  TYR   A CA  1 
ATOM   696  C  C   . TYR   A 1 88  ? -1.880  13.395  -4.293  0.41 22.50  ? 94  TYR   A C   1 
ATOM   697  O  O   . TYR   A 1 88  ? -3.145  13.395  -4.261  0.41 24.11  ? 94  TYR   A O   1 
ATOM   698  C  CB  . TYR   A 1 88  ? -1.917  15.835  -4.219  0.41 22.98  ? 94  TYR   A CB  1 
ATOM   699  C  CG  . TYR   A 1 88  ? -1.036  17.029  -4.031  0.41 23.89  ? 94  TYR   A CG  1 
ATOM   700  C  CD1 . TYR   A 1 88  ? -0.225  17.117  -2.917  0.41 23.46  ? 94  TYR   A CD1 1 
ATOM   701  C  CD2 . TYR   A 1 88  ? -0.947  18.013  -4.998  0.41 24.38  ? 94  TYR   A CD2 1 
ATOM   702  C  CE1 . TYR   A 1 88  ? 0.627   18.190  -2.735  0.41 24.41  ? 94  TYR   A CE1 1 
ATOM   703  C  CE2 . TYR   A 1 88  ? -0.109  19.099  -4.822  0.41 25.14  ? 94  TYR   A CE2 1 
ATOM   704  C  CZ  . TYR   A 1 88  ? 0.689   19.183  -3.693  0.41 25.29  ? 94  TYR   A CZ  1 
ATOM   705  O  OH  . TYR   A 1 88  ? 1.514   20.254  -3.510  0.41 26.80  ? 94  TYR   A OH  1 
ATOM   706  N  N   . GLN   A 1 89  ? -1.120  12.378  -3.866  0.41 18.97  ? 95  GLN   A N   1 
ATOM   707  C  CA  . GLN   A 1 89  ? -1.692  11.193  -3.170  0.41 17.56  ? 95  GLN   A CA  1 
ATOM   708  C  C   . GLN   A 1 89  ? -1.838  11.541  -1.680  0.41 16.50  ? 95  GLN   A C   1 
ATOM   709  O  O   . GLN   A 1 89  ? -0.939  12.272  -1.203  0.41 17.26  ? 95  GLN   A O   1 
ATOM   710  C  CB  . GLN   A 1 89  ? -0.817  9.966   -3.421  0.41 16.37  ? 95  GLN   A CB  1 
ATOM   711  C  CG  . GLN   A 1 89  ? -1.190  9.239   -4.704  0.41 17.31  ? 95  GLN   A CG  1 
ATOM   712  C  CD  . GLN   A 1 89  ? -0.515  7.896   -4.873  0.41 16.24  ? 95  GLN   A CD  1 
ATOM   713  O  OE1 . GLN   A 1 89  ? -0.189  7.469   -5.975  0.41 17.57  ? 95  GLN   A OE1 1 
ATOM   714  N  NE2 . GLN   A 1 89  ? -0.305  7.204   -3.768  0.41 16.30  ? 95  GLN   A NE2 1 
ATOM   715  N  N   . SER   A 1 90  ? -2.883  11.044  -0.986  0.41 17.50  ? 96  SER   A N   1 
ATOM   716  C  CA  . SER   A 1 90  ? -3.220  11.275  0.458   0.41 17.48  ? 96  SER   A CA  1 
ATOM   717  C  C   . SER   A 1 90  ? -2.998  10.014  1.347   0.41 18.42  ? 96  SER   A C   1 
ATOM   718  O  O   . SER   A 1 90  ? -2.843  8.939   0.697   0.41 17.56  ? 96  SER   A O   1 
ATOM   719  C  CB  . SER   A 1 90  ? -4.658  11.705  0.543   0.41 18.12  ? 96  SER   A CB  1 
ATOM   720  O  OG  . SER   A 1 90  ? -5.459  10.761  -0.154  0.41 18.64  ? 96  SER   A OG  1 
ATOM   721  N  N   . HIS   A 1 91  ? -3.069  10.065  2.710   1.00 20.14  ? 97  HIS   A N   1 
ATOM   722  C  CA  . HIS   A 1 91  ? -2.800  8.851   3.534   1.00 19.64  ? 97  HIS   A CA  1 
ATOM   723  C  C   . HIS   A 1 91  ? -1.469  8.187   3.082   1.00 21.66  ? 97  HIS   A C   1 
ATOM   724  O  O   . HIS   A 1 91  ? -1.381  6.928   3.053   1.00 20.22  ? 97  HIS   A O   1 
ATOM   725  C  CB  . HIS   A 1 91  ? -4.000  7.911   3.450   1.00 23.29  ? 97  HIS   A CB  1 
ATOM   726  C  CG  . HIS   A 1 91  ? -5.255  8.557   3.946   1.00 22.26  ? 97  HIS   A CG  1 
ATOM   727  N  ND1 . HIS   A 1 91  ? -5.671  8.424   5.226   1.00 22.44  ? 97  HIS   A ND1 1 
ATOM   728  C  CD2 . HIS   A 1 91  ? -6.179  9.342   3.330   1.00 22.21  ? 97  HIS   A CD2 1 
ATOM   729  C  CE1 . HIS   A 1 91  ? -6.833  9.062   5.374   1.00 22.60  ? 97  HIS   A CE1 1 
ATOM   730  N  NE2 . HIS   A 1 91  ? -7.117  9.683   4.276   1.00 23.63  ? 97  HIS   A NE2 1 
ATOM   731  N  N   . LEU   A 1 92  ? -0.513  8.992   2.679   1.00 20.31  ? 98  LEU   A N   1 
ATOM   732  C  CA  . LEU   A 1 92  ? 0.791   8.491   2.175   1.00 17.16  ? 98  LEU   A CA  1 
ATOM   733  C  C   . LEU   A 1 92  ? 1.889   8.641   3.238   1.00 18.23  ? 98  LEU   A C   1 
ATOM   734  O  O   . LEU   A 1 92  ? 1.967   9.683   3.894   1.00 20.09  ? 98  LEU   A O   1 
ATOM   735  C  CB  . LEU   A 1 92  ? 1.207   9.195   0.878   1.00 19.26  ? 98  LEU   A CB  1 
ATOM   736  C  CG  . LEU   A 1 92  ? 2.418   8.640   0.143   1.00 18.87  ? 98  LEU   A CG  1 
ATOM   737  C  CD1 . LEU   A 1 92  ? 2.140   7.304   -0.492  1.00 18.33  ? 98  LEU   A CD1 1 
ATOM   738  C  CD2 . LEU   A 1 92  ? 2.885   9.602   -0.922  1.00 20.67  ? 98  LEU   A CD2 1 
ATOM   739  N  N   . MET   A 1 93  ? 2.707   7.604   3.373   1.00 16.47  ? 99  MET   A N   1 
ATOM   740  C  CA  . MET   A 1 93  ? 3.864   7.539   4.323   1.00 16.80  ? 99  MET   A CA  1 
ATOM   741  C  C   . MET   A 1 93  ? 5.141   7.465   3.505   1.00 15.90  ? 99  MET   A C   1 
ATOM   742  O  O   . MET   A 1 93  ? 5.200   6.669   2.538   1.00 17.63  ? 99  MET   A O   1 
ATOM   743  C  CB  . MET   A 1 93  ? 3.786   6.322   5.246   1.00 15.27  ? 99  MET   A CB  1 
ATOM   744  C  CG  . MET   A 1 93  ? 2.530   6.318   6.090   1.00 17.82  ? 99  MET   A CG  1 
ATOM   745  S  SD  . MET   A 1 93  ? 2.193   4.823   6.938   1.00 17.96  ? 99  MET   A SD  1 
ATOM   746  C  CE  . MET   A 1 93  ? 1.798   3.636   5.658   1.00 15.04  ? 99  MET   A CE  1 
ATOM   747  N  N   . LEU   A 1 94  ? 6.164   8.248   3.845   1.00 17.55  ? 100 LEU   A N   1 
ATOM   748  C  CA  . LEU   A 1 94  ? 7.458   8.202   3.090   1.00 16.90  ? 100 LEU   A CA  1 
ATOM   749  C  C   . LEU   A 1 94  ? 8.596   7.618   3.955   1.00 18.91  ? 100 LEU   A C   1 
ATOM   750  O  O   . LEU   A 1 94  ? 8.633   7.845   5.179   1.00 17.47  ? 100 LEU   A O   1 
ATOM   751  C  CB  . LEU   A 1 94  ? 7.886   9.597   2.617   1.00 21.13  ? 100 LEU   A CB  1 
ATOM   752  C  CG  . LEU   A 1 94  ? 7.005   10.242  1.555   1.00 22.28  ? 100 LEU   A CG  1 
ATOM   753  C  CD1 . LEU   A 1 94  ? 7.374   11.716  1.365   1.00 25.86  ? 100 LEU   A CD1 1 
ATOM   754  C  CD2 . LEU   A 1 94  ? 7.098   9.499   0.230   1.00 24.74  ? 100 LEU   A CD2 1 
ATOM   755  N  N   . ALA   A 1 95  ? 9.519   6.911   3.311   1.00 16.58  ? 101 ALA   A N   1 
ATOM   756  C  CA  . ALA   A 1 95  ? 10.782  6.413   3.902   1.00 16.67  ? 101 ALA   A CA  1 
ATOM   757  C  C   . ALA   A 1 95  ? 11.919  6.632   2.911   1.00 16.66  ? 101 ALA   A C   1 
ATOM   758  O  O   . ALA   A 1 95  ? 11.677  6.761   1.713   1.00 17.35  ? 101 ALA   A O   1 
ATOM   759  C  CB  . ALA   A 1 95  ? 10.721  4.931   4.242   1.00 16.70  ? 101 ALA   A CB  1 
ATOM   760  N  N   . VAL   A 1 96  ? 13.144  6.599   3.416   1.00 16.62  ? 102 VAL   A N   1 
ATOM   761  C  CA  . VAL   A 1 96  ? 14.366  6.623   2.570   1.00 16.09  ? 102 VAL   A CA  1 
ATOM   762  C  C   . VAL   A 1 96  ? 14.603  5.181   2.195   1.00 14.75  ? 102 VAL   A C   1 
ATOM   763  O  O   . VAL   A 1 96  ? 14.802  4.318   3.088   1.00 16.78  ? 102 VAL   A O   1 
ATOM   764  C  CB  . VAL   A 1 96  ? 15.559  7.229   3.297   1.00 15.45  ? 102 VAL   A CB  1 
ATOM   765  C  CG1 . VAL   A 1 96  ? 16.828  7.123   2.460   1.00 17.08  ? 102 VAL   A CG1 1 
ATOM   766  C  CG2 . VAL   A 1 96  ? 15.248  8.651   3.670   1.00 16.36  ? 102 VAL   A CG2 1 
ATOM   767  N  N   . GLY   A 1 97  ? 14.590  4.902   0.905   0.41 15.58  ? 103 GLY   A N   1 
ATOM   768  C  CA  . GLY   A 1 97  ? 15.009  3.575   0.453   0.41 15.33  ? 103 GLY   A CA  1 
ATOM   769  C  C   . GLY   A 1 97  ? 14.785  3.374   -1.015  0.41 15.62  ? 103 GLY   A C   1 
ATOM   770  O  O   . GLY   A 1 97  ? 14.435  4.317   -1.722  0.41 15.14  ? 103 GLY   A O   1 
ATOM   771  N  N   . HIS   A 1 98  ? 15.024  2.149   -1.466  0.41 14.43  ? 104 HIS   A N   1 
ATOM   772  C  CA  . HIS   A 1 98  ? 14.982  1.825   -2.903  0.41 13.80  ? 104 HIS   A CA  1 
ATOM   773  C  C   . HIS   A 1 98  ? 13.575  1.383   -3.320  0.41 13.05  ? 104 HIS   A C   1 
ATOM   774  O  O   . HIS   A 1 98  ? 12.970  0.534   -2.630  0.41 13.41  ? 104 HIS   A O   1 
ATOM   775  C  CB  . HIS   A 1 98  ? 16.004  0.759   -3.267  0.41 14.04  ? 104 HIS   A CB  1 
ATOM   776  C  CG  . HIS   A 1 98  ? 15.915  0.462   -4.718  0.41 13.67  ? 104 HIS   A CG  1 
ATOM   777  N  ND1 . HIS   A 1 98  ? 16.300  1.378   -5.669  0.41 13.31  ? 104 HIS   A ND1 1 
ATOM   778  C  CD2 . HIS   A 1 98  ? 15.445  -0.615  -5.378  0.41 13.39  ? 104 HIS   A CD2 1 
ATOM   779  C  CE1 . HIS   A 1 98  ? 16.048  0.890   -6.858  0.41 13.33  ? 104 HIS   A CE1 1 
ATOM   780  N  NE2 . HIS   A 1 98  ? 15.529  -0.344  -6.718  0.41 13.52  ? 104 HIS   A NE2 1 
ATOM   781  N  N   . SER   A 1 99  ? 13.091  1.906   -4.443  0.41 12.35  ? 105 SER   A N   1 
ATOM   782  C  CA  . SER   A 1 99  ? 11.844  1.425   -5.092  0.41 12.10  ? 105 SER   A CA  1 
ATOM   783  C  C   . SER   A 1 99  ? 11.876  1.733   -6.586  0.41 13.40  ? 105 SER   A C   1 
ATOM   784  O  O   . SER   A 1 99  ? 12.563  2.688   -7.001  0.41 14.85  ? 105 SER   A O   1 
ATOM   785  C  CB  . SER   A 1 99  ? 10.595  1.994   -4.421  0.41 9.99   ? 105 SER   A CB  1 
ATOM   786  O  OG  . SER   A 1 99  ? 10.435  3.405   -4.650  0.41 9.38   ? 105 SER   A OG  1 
ATOM   787  N  N   . GLU   A 1 100 ? 11.164  0.903   -7.342  0.41 16.25  ? 106 GLU   A N   1 
ATOM   788  C  CA  . GLU   A 1 100 ? 10.895  1.022   -8.791  0.41 18.12  ? 106 GLU   A CA  1 
ATOM   789  C  C   . GLU   A 1 100 ? 9.431   0.632   -8.973  0.41 18.90  ? 106 GLU   A C   1 
ATOM   790  O  O   . GLU   A 1 100 ? 8.829   0.056   -8.057  0.41 16.42  ? 106 GLU   A O   1 
ATOM   791  C  CB  . GLU   A 1 100 ? 11.858  0.134   -9.577  0.41 19.87  ? 106 GLU   A CB  1 
ATOM   792  C  CG  . GLU   A 1 100 ? 13.313  0.566   -9.453  0.41 20.41  ? 106 GLU   A CG  1 
ATOM   793  C  CD  . GLU   A 1 100 ? 14.289  -0.261  -10.265 0.41 19.30  ? 106 GLU   A CD  1 
ATOM   794  O  OE1 . GLU   A 1 100 ? 14.000  -0.513  -11.432 0.41 19.27  ? 106 GLU   A OE1 1 
ATOM   795  O  OE2 . GLU   A 1 100 ? 15.322  -0.632  -9.725  0.41 21.92  ? 106 GLU   A OE2 1 
ATOM   796  N  N   . PRO   A 1 101 ? 8.812   0.935   -10.135 0.41 17.48  ? 107 PRO   A N   1 
ATOM   797  C  CA  . PRO   A 1 101 ? 7.366   0.763   -10.280 0.41 17.44  ? 107 PRO   A CA  1 
ATOM   798  C  C   . PRO   A 1 101 ? 6.771   -0.603  -9.908  0.41 16.40  ? 107 PRO   A C   1 
ATOM   799  O  O   . PRO   A 1 101 ? 5.739   -0.622  -9.213  0.41 15.95  ? 107 PRO   A O   1 
ATOM   800  C  CB  . PRO   A 1 101 ? 7.128   0.990   -11.776 0.41 17.70  ? 107 PRO   A CB  1 
ATOM   801  C  CG  . PRO   A 1 101 ? 8.262   1.914   -12.182 0.41 18.20  ? 107 PRO   A CG  1 
ATOM   802  C  CD  . PRO   A 1 101 ? 9.450   1.482   -11.349 0.41 18.68  ? 107 PRO   A CD  1 
ATOM   803  N  N   . GLY   A 1 102 ? 7.386   -1.693  -10.387 0.41 15.91  ? 108 GLY   A N   1 
ATOM   804  C  CA  . GLY   A 1 102 ? 6.910   -3.068  -10.131 0.41 16.74  ? 108 GLY   A CA  1 
ATOM   805  C  C   . GLY   A 1 102 ? 7.082   -3.512  -8.687  0.41 15.86  ? 108 GLY   A C   1 
ATOM   806  O  O   . GLY   A 1 102 ? 6.701   -4.655  -8.391  0.41 16.36  ? 108 GLY   A O   1 
ATOM   807  N  N   . ASP   A 1 103 ? 7.615   -2.652  -7.805  0.41 15.64  ? 109 ASP   A N   1 
ATOM   808  C  CA  . ASP   A 1 103 ? 7.504   -2.820  -6.332  0.41 15.51  ? 109 ASP   A CA  1 
ATOM   809  C  C   . ASP   A 1 103 ? 6.170   -2.295  -5.771  0.41 16.05  ? 109 ASP   A C   1 
ATOM   810  O  O   . ASP   A 1 103 ? 5.916   -2.598  -4.594  0.41 15.43  ? 109 ASP   A O   1 
ATOM   811  C  CB  . ASP   A 1 103 ? 8.638   -2.098  -5.601  0.41 15.96  ? 109 ASP   A CB  1 
ATOM   812  C  CG  . ASP   A 1 103 ? 10.008  -2.632  -5.961  0.41 16.94  ? 109 ASP   A CG  1 
ATOM   813  O  OD1 . ASP   A 1 103 ? 10.100  -3.853  -6.267  0.41 15.33  ? 109 ASP   A OD1 1 
ATOM   814  O  OD2 . ASP   A 1 103 ? 10.978  -1.837  -5.910  0.41 18.47  ? 109 ASP   A OD2 1 
ATOM   815  N  N   . CYS   A 1 104 ? 5.346   -1.530  -6.491  0.41 16.49  ? 110 CYS   A N   1 
ATOM   816  C  CA  . CYS   A 1 104 ? 3.997   -1.169  -5.961  0.41 16.62  ? 110 CYS   A CA  1 
ATOM   817  C  C   . CYS   A 1 104 ? 3.262   -2.493  -5.620  0.41 16.79  ? 110 CYS   A C   1 
ATOM   818  O  O   . CYS   A 1 104 ? 3.222   -3.382  -6.503  0.41 18.25  ? 110 CYS   A O   1 
ATOM   819  C  CB  . CYS   A 1 104 ? 3.234   -0.267  -6.938  0.41 17.43  ? 110 CYS   A CB  1 
ATOM   820  S  SG  . CYS   A 1 104 ? 3.651   1.508   -6.903  0.41 19.68  ? 110 CYS   A SG  1 
ATOM   821  N  N   . GLY   A 1 105 ? 2.676   -2.609  -4.404  1.00 15.53  ? 111 GLY   A N   1 
ATOM   822  C  CA  . GLY   A 1 105 ? 2.008   -3.780  -3.839  1.00 14.99  ? 111 GLY   A CA  1 
ATOM   823  C  C   . GLY   A 1 105 ? 2.850   -4.485  -2.806  1.00 15.38  ? 111 GLY   A C   1 
ATOM   824  O  O   . GLY   A 1 105 ? 2.319   -5.342  -2.090  1.00 17.82  ? 111 GLY   A O   1 
ATOM   825  N  N   . GLY   A 1 106 ? 4.166   -4.219  -2.723  1.00 15.90  ? 112 GLY   A N   1 
ATOM   826  C  CA  . GLY   A 1 106 ? 4.990   -4.790  -1.648  1.00 16.49  ? 112 GLY   A CA  1 
ATOM   827  C  C   . GLY   A 1 106 ? 4.458   -4.388  -0.266  1.00 15.36  ? 112 GLY   A C   1 
ATOM   828  O  O   . GLY   A 1 106 ? 4.129   -3.197  -0.081  1.00 15.41  ? 112 GLY   A O   1 
ATOM   829  N  N   . ILE   A 1 107 ? 4.421   -5.289  0.694   1.00 14.29  ? 113 ILE   A N   1 
ATOM   830  C  CA  . ILE   A 1 107 ? 3.912   -4.961  2.062   1.00 14.45  ? 113 ILE   A CA  1 
ATOM   831  C  C   . ILE   A 1 107 ? 4.971   -4.232  2.882   1.00 14.23  ? 113 ILE   A C   1 
ATOM   832  O  O   . ILE   A 1 107 ? 6.162   -4.678  2.950   1.00 13.64  ? 113 ILE   A O   1 
ATOM   833  C  CB  . ILE   A 1 107 ? 3.414   -6.243  2.733   1.00 17.71  ? 113 ILE   A CB  1 
ATOM   834  C  CG1 . ILE   A 1 107 ? 2.048   -6.552  2.119   1.00 19.65  ? 113 ILE   A CG1 1 
ATOM   835  C  CG2 . ILE   A 1 107 ? 3.301   -6.093  4.251   1.00 17.21  ? 113 ILE   A CG2 1 
ATOM   836  C  CD1 . ILE   A 1 107 ? 1.499   -7.885  2.451   1.00 23.04  ? 113 ILE   A CD1 1 
ATOM   837  N  N   . LEU   A 1 108 ? 4.489   -3.233  3.602   1.00 12.48  ? 114 LEU   A N   1 
ATOM   838  C  CA  . LEU   A 1 108 ? 5.149   -2.638  4.789   1.00 12.78  ? 114 LEU   A CA  1 
ATOM   839  C  C   . LEU   A 1 108 ? 4.470   -3.224  6.032   1.00 12.27  ? 114 LEU   A C   1 
ATOM   840  O  O   . LEU   A 1 108 ? 3.220   -3.128  6.089   1.00 13.72  ? 114 LEU   A O   1 
ATOM   841  C  CB  . LEU   A 1 108 ? 4.996   -1.138  4.767   1.00 12.30  ? 114 LEU   A CB  1 
ATOM   842  C  CG  . LEU   A 1 108 ? 5.520   -0.362  5.971   1.00 12.59  ? 114 LEU   A CG  1 
ATOM   843  C  CD1 . LEU   A 1 108 ? 7.032   -0.490  6.138   1.00 14.65  ? 114 LEU   A CD1 1 
ATOM   844  C  CD2 . LEU   A 1 108 ? 5.084   1.074   5.901   1.00 14.24  ? 114 LEU   A CD2 1 
ATOM   845  N  N   . ARG   A 1 109 ? 5.260   -3.736  6.977   1.00 13.01  ? 115 ARG   A N   1 
ATOM   846  C  CA  . ARG   A 1 109 ? 4.771   -4.414  8.209   1.00 13.17  ? 115 ARG   A CA  1 
ATOM   847  C  C   . ARG   A 1 109 ? 5.496   -3.876  9.447   1.00 15.19  ? 115 ARG   A C   1 
ATOM   848  O  O   . ARG   A 1 109 ? 6.729   -3.607  9.372   1.00 16.37  ? 115 ARG   A O   1 
ATOM   849  C  CB  . ARG   A 1 109 ? 4.779   -5.934  8.075   1.00 15.84  ? 115 ARG   A CB  1 
ATOM   850  C  CG  . ARG   A 1 109 ? 6.169   -6.525  7.957   1.00 17.33  ? 115 ARG   A CG  1 
ATOM   851  C  CD  . ARG   A 1 109 ? 6.150   -8.032  7.714   1.00 20.72  ? 115 ARG   A CD  1 
ATOM   852  N  NE  . ARG   A 1 109 ? 5.755   -8.440  6.384   1.00 25.93  ? 115 ARG   A NE  1 
ATOM   853  C  CZ  . ARG   A 1 109 ? 4.728   -9.246  6.075   1.00 29.86  ? 115 ARG   A CZ  1 
ATOM   854  N  NH1 . ARG   A 1 109 ? 3.871   -9.671  6.998   1.00 29.46  ? 115 ARG   A NH1 1 
ATOM   855  N  NH2 . ARG   A 1 109 ? 4.508   -9.554  4.809   1.00 31.66  ? 115 ARG   A NH2 1 
ATOM   856  N  N   . CYS   A 1 110 ? 4.768   -3.832  10.568  1.00 15.50  ? 116 CYS   A N   1 
ATOM   857  C  CA  . CYS   A 1 110 ? 5.337   -3.485  11.893  1.00 15.02  ? 116 CYS   A CA  1 
ATOM   858  C  C   . CYS   A 1 110 ? 5.050   -4.637  12.850  1.00 17.69  ? 116 CYS   A C   1 
ATOM   859  O  O   . CYS   A 1 110 ? 4.523   -5.699  12.445  1.00 19.64  ? 116 CYS   A O   1 
ATOM   860  C  CB  . CYS   A 1 110 ? 4.782   -2.170  12.408  1.00 17.06  ? 116 CYS   A CB  1 
ATOM   861  S  SG  . CYS   A 1 110 ? 3.013   -2.292  12.819  1.00 17.44  ? 116 CYS   A SG  1 
ATOM   862  N  N   . GLN   A 1 111 ? 5.431   -4.468  14.099  1.00 19.69  ? 117 GLN   A N   1 
ATOM   863  C  CA  . GLN   A 1 111 ? 5.157   -5.499  15.123  1.00 22.44  ? 117 GLN   A CA  1 
ATOM   864  C  C   . GLN   A 1 111 ? 3.667   -5.861  15.166  1.00 22.80  ? 117 GLN   A C   1 
ATOM   865  O  O   . GLN   A 1 111 ? 3.393   -7.008  15.543  1.00 27.65  ? 117 GLN   A O   1 
ATOM   866  C  CB  . GLN   A 1 111 ? 5.722   -5.031  16.464  1.00 24.29  ? 117 GLN   A CB  1 
ATOM   867  C  CG  . GLN   A 1 111 ? 4.926   -3.921  17.131  1.00 25.39  ? 117 GLN   A CG  1 
ATOM   868  C  CD  . GLN   A 1 111 ? 5.467   -3.644  18.504  1.00 32.59  ? 117 GLN   A CD  1 
ATOM   869  O  OE1 . GLN   A 1 111 ? 6.446   -2.922  18.657  1.00 37.69  ? 117 GLN   A OE1 1 
ATOM   870  N  NE2 . GLN   A 1 111 ? 4.843   -4.242  19.510  1.00 33.54  ? 117 GLN   A NE2 1 
ATOM   871  N  N   . HIS   A 1 112 ? 2.732   -4.993  14.754  1.00 20.47  ? 118 HIS   A N   1 
ATOM   872  C  CA  . HIS   A 1 112 ? 1.258   -5.180  14.930  1.00 20.44  ? 118 HIS   A CA  1 
ATOM   873  C  C   . HIS   A 1 112 ? 0.619   -5.828  13.692  1.00 23.23  ? 118 HIS   A C   1 
ATOM   874  O  O   . HIS   A 1 112 ? -0.584  -6.127  13.744  1.00 26.95  ? 118 HIS   A O   1 
ATOM   875  C  CB  . HIS   A 1 112 ? 0.615   -3.826  15.220  1.00 20.39  ? 118 HIS   A CB  1 
ATOM   876  C  CG  . HIS   A 1 112 ? 1.146   -3.146  16.443  1.00 21.34  ? 118 HIS   A CG  1 
ATOM   877  N  ND1 . HIS   A 1 112 ? 1.969   -2.064  16.367  1.00 20.96  ? 118 HIS   A ND1 1 
ATOM   878  C  CD2 . HIS   A 1 112 ? 0.921   -3.361  17.765  1.00 25.10  ? 118 HIS   A CD2 1 
ATOM   879  C  CE1 . HIS   A 1 112 ? 2.330   -1.677  17.592  1.00 24.01  ? 118 HIS   A CE1 1 
ATOM   880  N  NE2 . HIS   A 1 112 ? 1.638   -2.428  18.473  1.00 24.01  ? 118 HIS   A NE2 1 
ATOM   881  N  N   . GLY   A 1 113 ? 1.354   -5.927  12.576  1.00 19.13  ? 119 GLY   A N   1 
ATOM   882  C  CA  . GLY   A 1 113 ? 0.808   -6.501  11.329  1.00 19.54  ? 119 GLY   A CA  1 
ATOM   883  C  C   . GLY   A 1 113 ? 1.090   -5.636  10.098  1.00 19.62  ? 119 GLY   A C   1 
ATOM   884  O  O   . GLY   A 1 113 ? 2.067   -4.864  10.092  1.00 18.64  ? 119 GLY   A O   1 
ATOM   885  N  N   . VAL   A 1 114 ? 0.225   -5.735  9.087   1.00 16.25  ? 120 VAL   A N   1 
ATOM   886  C  CA  . VAL   A 1 114 ? 0.401   -4.988  7.819   1.00 15.68  ? 120 VAL   A CA  1 
ATOM   887  C  C   . VAL   A 1 114 ? 0.050   -3.515  8.031   1.00 15.77  ? 120 VAL   A C   1 
ATOM   888  O  O   . VAL   A 1 114 ? -1.096  -3.171  8.484   1.00 16.75  ? 120 VAL   A O   1 
ATOM   889  C  CB  . VAL   A 1 114 ? -0.415  -5.615  6.674   1.00 16.48  ? 120 VAL   A CB  1 
ATOM   890  C  CG1 . VAL   A 1 114 ? -0.347  -4.764  5.412   1.00 16.47  ? 120 VAL   A CG1 1 
ATOM   891  C  CG2 . VAL   A 1 114 ? 0.024   -7.018  6.423   1.00 17.40  ? 120 VAL   A CG2 1 
ATOM   892  N  N   . VAL   A 1 115 ? 0.958   -2.619  7.654   1.00 14.79  ? 121 VAL   A N   1 
ATOM   893  C  CA  . VAL   A 1 115 ? 0.761   -1.160  7.784   1.00 15.74  ? 121 VAL   A CA  1 
ATOM   894  C  C   . VAL   A 1 115 ? 0.234   -0.587  6.457   1.00 15.98  ? 121 VAL   A C   1 
ATOM   895  O  O   . VAL   A 1 115 ? -0.588  0.319   6.427   1.00 15.12  ? 121 VAL   A O   1 
ATOM   896  C  CB  . VAL   A 1 115 ? 2.091   -0.514  8.178   1.00 15.78  ? 121 VAL   A CB  1 
ATOM   897  C  CG1 . VAL   A 1 115 ? 2.003   1.007   8.166   1.00 15.66  ? 121 VAL   A CG1 1 
ATOM   898  C  CG2 . VAL   A 1 115 ? 2.564   -1.033  9.520   1.00 17.79  ? 121 VAL   A CG2 1 
ATOM   899  N  N   . GLY   A 1 116 ? 0.745   -1.055  5.311   1.00 14.28  ? 122 GLY   A N   1 
ATOM   900  C  CA  . GLY   A 1 116 ? 0.406   -0.442  4.019   1.00 15.24  ? 122 GLY   A CA  1 
ATOM   901  C  C   . GLY   A 1 116 ? 1.082   -1.163  2.857   1.00 13.65  ? 122 GLY   A C   1 
ATOM   902  O  O   . GLY   A 1 116 ? 1.773   -2.188  3.080   1.00 13.73  ? 122 GLY   A O   1 
ATOM   903  N  N   . ILE   A 1 117 ? 0.988   -0.560  1.663   1.00 13.93  ? 123 ILE   A N   1 
ATOM   904  C  CA  . ILE   A 1 117 ? 1.580   -1.152  0.438   1.00 15.00  ? 123 ILE   A CA  1 
ATOM   905  C  C   . ILE   A 1 117 ? 2.353   -0.065  -0.328  1.00 14.02  ? 123 ILE   A C   1 
ATOM   906  O  O   . ILE   A 1 117 ? 1.981   1.110   -0.333  1.00 14.06  ? 123 ILE   A O   1 
ATOM   907  C  CB  . ILE   A 1 117 ? 0.569   -1.893  -0.478  1.00 16.32  ? 123 ILE   A CB  1 
ATOM   908  C  CG1 . ILE   A 1 117 ? -0.603  -1.003  -0.923  1.00 17.04  ? 123 ILE   A CG1 1 
ATOM   909  C  CG2 . ILE   A 1 117 ? 0.135   -3.231  0.136   1.00 15.75  ? 123 ILE   A CG2 1 
ATOM   910  C  CD1 . ILE   A 1 117 ? -1.527  -1.610  -1.985  1.00 17.87  ? 123 ILE   A CD1 1 
ATOM   911  N  N   . VAL   A 1 118 ? 3.456   -0.468  -0.936  1.00 14.10  ? 124 VAL   A N   1 
ATOM   912  C  CA  . VAL   A 1 118 ? 4.255   0.458   -1.766  1.00 14.90  ? 124 VAL   A CA  1 
ATOM   913  C  C   . VAL   A 1 118 ? 3.319   1.072   -2.803  1.00 16.18  ? 124 VAL   A C   1 
ATOM   914  O  O   . VAL   A 1 118 ? 2.634   0.299   -3.524  1.00 15.38  ? 124 VAL   A O   1 
ATOM   915  C  CB  . VAL   A 1 118 ? 5.448   -0.262  -2.376  1.00 14.57  ? 124 VAL   A CB  1 
ATOM   916  C  CG1 . VAL   A 1 118 ? 6.188   0.598   -3.392  1.00 15.34  ? 124 VAL   A CG1 1 
ATOM   917  C  CG2 . VAL   A 1 118 ? 6.424   -0.763  -1.333  1.00 14.68  ? 124 VAL   A CG2 1 
ATOM   918  N  N   . SER   A 1 119 ? 3.410   2.379   -2.977  1.00 16.12  ? 125 SER   A N   1 
ATOM   919  C  CA  . SER   A 1 119 ? 2.562   3.148   -3.916  1.00 15.98  ? 125 SER   A CA  1 
ATOM   920  C  C   . SER   A 1 119 ? 3.332   4.192   -4.746  1.00 18.24  ? 125 SER   A C   1 
ATOM   921  O  O   . SER   A 1 119 ? 2.898   4.475   -5.898  1.00 19.30  ? 125 SER   A O   1 
ATOM   922  C  CB  . SER   A 1 119 ? 1.449   3.790   -3.154  1.00 16.33  ? 125 SER   A CB  1 
ATOM   923  O  OG  . SER   A 1 119 ? 0.572   4.547   -3.983  1.00 17.92  ? 125 SER   A OG  1 
ATOM   924  N  N   . THR   A 1 120 ? 4.387   4.802   -4.200  1.00 17.39  ? 126 THR   A N   1 
ATOM   925  C  CA  . THR   A 1 120 ? 5.101   5.883   -4.914  1.00 17.68  ? 126 THR   A CA  1 
ATOM   926  C  C   . THR   A 1 120 ? 6.606   5.706   -4.717  1.00 17.94  ? 126 THR   A C   1 
ATOM   927  O  O   . THR   A 1 120 ? 7.018   4.957   -3.840  1.00 16.63  ? 126 THR   A O   1 
ATOM   928  C  CB  . THR   A 1 120 ? 4.698   7.279   -4.442  1.00 18.39  ? 126 THR   A CB  1 
ATOM   929  O  OG1 . THR   A 1 120 ? 5.234   7.535   -3.142  1.00 21.14  ? 126 THR   A OG1 1 
ATOM   930  C  CG2 . THR   A 1 120 ? 3.200   7.493   -4.424  1.00 18.01  ? 126 THR   A CG2 1 
ATOM   931  N  N   . GLY   A 1 121 ? 7.397   6.494   -5.457  1.00 19.35  ? 127 GLY   A N   1 
ATOM   932  C  CA  . GLY   A 1 121 ? 8.835   6.579   -5.167  1.00 22.56  ? 127 GLY   A CA  1 
ATOM   933  C  C   . GLY   A 1 121 ? 9.516   7.544   -6.117  1.00 25.61  ? 127 GLY   A C   1 
ATOM   934  O  O   . GLY   A 1 121 ? 8.895   8.001   -7.063  1.00 30.66  ? 127 GLY   A O   1 
ATOM   935  N  N   . GLY   A 1 122 ? 10.806  7.751   -5.917  1.00 28.73  ? 128 GLY   A N   1 
ATOM   936  C  CA  . GLY   A 1 122 ? 11.570  8.725   -6.700  1.00 30.72  ? 128 GLY   A CA  1 
ATOM   937  C  C   . GLY   A 1 122 ? 12.554  9.417   -5.793  1.00 30.07  ? 128 GLY   A C   1 
ATOM   938  O  O   . GLY   A 1 122 ? 12.256  9.544   -4.609  1.00 26.47  ? 128 GLY   A O   1 
ATOM   939  N  N   . ASN   A 1 123 ? 13.678  9.862   -6.349  1.00 32.07  ? 129 ASN   A N   1 
ATOM   940  C  CA  . ASN   A 1 123 ? 14.733  10.604  -5.618  1.00 29.61  ? 129 ASN   A CA  1 
ATOM   941  C  C   . ASN   A 1 123 ? 15.077  9.882   -4.307  1.00 24.45  ? 129 ASN   A C   1 
ATOM   942  O  O   . ASN   A 1 123 ? 15.291  10.594  -3.309  1.00 26.42  ? 129 ASN   A O   1 
ATOM   943  C  CB  . ASN   A 1 123 ? 14.338  12.065  -5.386  1.00 34.41  ? 129 ASN   A CB  1 
ATOM   944  C  CG  . ASN   A 1 123 ? 14.475  12.916  -6.636  1.00 39.37  ? 129 ASN   A CG  1 
ATOM   945  O  OD1 . ASN   A 1 123 ? 15.175  12.537  -7.571  1.00 40.83  ? 129 ASN   A OD1 1 
ATOM   946  N  ND2 . ASN   A 1 123 ? 13.816  14.062  -6.664  1.00 44.56  ? 129 ASN   A ND2 1 
ATOM   947  N  N   . GLY   A 1 124 ? 15.138  8.543   -4.308  1.00 24.61  ? 130 GLY   A N   1 
ATOM   948  C  CA  . GLY   A 1 124 ? 15.684  7.764   -3.174  1.00 22.75  ? 130 GLY   A CA  1 
ATOM   949  C  C   . GLY   A 1 124 ? 14.679  7.600   -2.042  1.00 22.36  ? 130 GLY   A C   1 
ATOM   950  O  O   . GLY   A 1 124 ? 15.099  7.236   -0.941  1.00 19.85  ? 130 GLY   A O   1 
ATOM   951  N  N   . LEU   A 1 125 ? 13.395  7.906   -2.286  1.00 22.07  ? 131 LEU   A N   1 
ATOM   952  C  CA  . LEU   A 1 125 ? 12.315  7.746   -1.283  1.00 21.44  ? 131 LEU   A CA  1 
ATOM   953  C  C   . LEU   A 1 125 ? 11.374  6.650   -1.784  1.00 21.76  ? 131 LEU   A C   1 
ATOM   954  O  O   . LEU   A 1 125 ? 11.325  6.364   -2.986  1.00 28.19  ? 131 LEU   A O   1 
ATOM   955  C  CB  . LEU   A 1 125 ? 11.529  9.028   -1.067  1.00 24.30  ? 131 LEU   A CB  1 
ATOM   956  C  CG  . LEU   A 1 125 ? 12.311  10.270  -0.658  1.00 27.40  ? 131 LEU   A CG  1 
ATOM   957  C  CD1 . LEU   A 1 125 ? 11.341  11.414  -0.366  1.00 34.26  ? 131 LEU   A CD1 1 
ATOM   958  C  CD2 . LEU   A 1 125 ? 13.181  9.993   0.543   1.00 28.36  ? 131 LEU   A CD2 1 
ATOM   959  N  N   . VAL   A 1 126 ? 10.689  6.016   -0.852  1.00 17.86  ? 132 VAL   A N   1 
ATOM   960  C  CA  . VAL   A 1 126 ? 9.616   5.049   -1.189  1.00 17.51  ? 132 VAL   A CA  1 
ATOM   961  C  C   . VAL   A 1 126 ? 8.398   5.496   -0.387  1.00 16.71  ? 132 VAL   A C   1 
ATOM   962  O  O   . VAL   A 1 126 ? 8.554   5.907   0.783   1.00 17.97  ? 132 VAL   A O   1 
ATOM   963  C  CB  . VAL   A 1 126 ? 10.070  3.613   -0.902  1.00 17.81  ? 132 VAL   A CB  1 
ATOM   964  C  CG1 . VAL   A 1 126 ? 10.577  3.407   0.509   1.00 19.38  ? 132 VAL   A CG1 1 
ATOM   965  C  CG2 . VAL   A 1 126 ? 8.993   2.598   -1.273  1.00 18.89  ? 132 VAL   A CG2 1 
ATOM   966  N  N   . GLY   A 1 127 ? 7.232   5.501   -1.029  1.00 16.38  ? 133 GLY   A N   1 
ATOM   967  C  CA  . GLY   A 1 127 ? 5.950   5.950   -0.466  1.00 17.87  ? 133 GLY   A CA  1 
ATOM   968  C  C   . GLY   A 1 127 ? 5.028   4.774   -0.293  1.00 15.29  ? 133 GLY   A C   1 
ATOM   969  O  O   . GLY   A 1 127 ? 4.971   3.960   -1.232  1.00 16.54  ? 133 GLY   A O   1 
ATOM   970  N  N   . PHE   A 1 128 ? 4.362   4.687   0.843   1.00 15.38  ? 134 PHE   A N   1 
ATOM   971  C  CA  . PHE   A 1 128 ? 3.428   3.575   1.163   1.00 15.05  ? 134 PHE   A CA  1 
ATOM   972  C  C   . PHE   A 1 128 ? 2.021   4.132   1.409   1.00 14.45  ? 134 PHE   A C   1 
ATOM   973  O  O   . PHE   A 1 128 ? 1.876   5.075   2.166   1.00 15.37  ? 134 PHE   A O   1 
ATOM   974  C  CB  . PHE   A 1 128 ? 3.872   2.810   2.401   1.00 14.66  ? 134 PHE   A CB  1 
ATOM   975  C  CG  . PHE   A 1 128 ? 5.326   2.427   2.412   1.00 13.60  ? 134 PHE   A CG  1 
ATOM   976  C  CD1 . PHE   A 1 128 ? 5.742   1.243   1.842   1.00 13.44  ? 134 PHE   A CD1 1 
ATOM   977  C  CD2 . PHE   A 1 128 ? 6.295   3.231   3.005   1.00 15.70  ? 134 PHE   A CD2 1 
ATOM   978  C  CE1 . PHE   A 1 128 ? 7.084   0.873   1.862   1.00 13.33  ? 134 PHE   A CE1 1 
ATOM   979  C  CE2 . PHE   A 1 128 ? 7.629   2.832   3.029   1.00 15.83  ? 134 PHE   A CE2 1 
ATOM   980  C  CZ  . PHE   A 1 128 ? 8.014   1.649   2.460   1.00 16.42  ? 134 PHE   A CZ  1 
ATOM   981  N  N   . ALA   A 1 129 ? 1.022   3.536   0.785   1.00 13.54  ? 135 ALA   A N   1 
ATOM   982  C  CA  . ALA   A 1 129 ? -0.406  3.841   1.022   1.00 13.96  ? 135 ALA   A CA  1 
ATOM   983  C  C   . ALA   A 1 129 ? -0.788  3.157   2.334   1.00 14.08  ? 135 ALA   A C   1 
ATOM   984  O  O   . ALA   A 1 129 ? -0.796  1.909   2.419   1.00 14.67  ? 135 ALA   A O   1 
ATOM   985  C  CB  . ALA   A 1 129 ? -1.244  3.326   -0.142  1.00 13.78  ? 135 ALA   A CB  1 
ATOM   986  N  N   . ASP   A 1 130 ? -1.132  3.913   3.367   1.00 15.41  ? 136 ASP   A N   1 
ATOM   987  C  CA  . ASP   A 1 130 ? -1.563  3.373   4.671   1.00 15.48  ? 136 ASP   A CA  1 
ATOM   988  C  C   . ASP   A 1 130 ? -2.895  2.630   4.557   1.00 15.80  ? 136 ASP   A C   1 
ATOM   989  O  O   . ASP   A 1 130 ? -3.755  3.061   3.794   1.00 16.44  ? 136 ASP   A O   1 
ATOM   990  C  CB  . ASP   A 1 130 ? -1.713  4.510   5.682   1.00 16.61  ? 136 ASP   A CB  1 
ATOM   991  C  CG  . ASP   A 1 130 ? -2.063  4.061   7.066   1.00 19.44  ? 136 ASP   A CG  1 
ATOM   992  O  OD1 . ASP   A 1 130 ? -1.347  3.262   7.614   1.00 17.69  ? 136 ASP   A OD1 1 
ATOM   993  O  OD2 . ASP   A 1 130 ? -3.062  4.591   7.597   1.00 20.86  ? 136 ASP   A OD2 1 
ATOM   994  N  N   . VAL   A 1 131 ? -3.071  1.593   5.362   1.00 17.63  ? 137 VAL   A N   1 
ATOM   995  C  CA  . VAL   A 1 131 ? -4.388  0.904   5.476   1.00 17.28  ? 137 VAL   A CA  1 
ATOM   996  C  C   . VAL   A 1 131 ? -4.833  0.838   6.939   1.00 18.26  ? 137 VAL   A C   1 
ATOM   997  O  O   . VAL   A 1 131 ? -5.920  0.303   7.209   1.00 18.27  ? 137 VAL   A O   1 
ATOM   998  C  CB  . VAL   A 1 131 ? -4.367  -0.494  4.831   1.00 16.76  ? 137 VAL   A CB  1 
ATOM   999  C  CG1 . VAL   A 1 131 ? -4.113  -0.398  3.334   1.00 17.00  ? 137 VAL   A CG1 1 
ATOM   1000 C  CG2 . VAL   A 1 131 ? -3.385  -1.428  5.487   1.00 15.97  ? 137 VAL   A CG2 1 
ATOM   1001 N  N   . ARG   A 1 132 ? -4.053  1.390   7.899   1.00 16.44  ? 138 ARG   A N   1 
ATOM   1002 C  CA  . ARG   A 1 132 ? -4.356  1.167   9.334   1.00 17.35  ? 138 ARG   A CA  1 
ATOM   1003 C  C   . ARG   A 1 132 ? -5.645  1.878   9.776   1.00 18.02  ? 138 ARG   A C   1 
ATOM   1004 O  O   . ARG   A 1 132 ? -6.174  1.414   10.804  1.00 20.19  ? 138 ARG   A O   1 
ATOM   1005 C  CB  . ARG   A 1 132 ? -3.174  1.672   10.167  1.00 17.23  ? 138 ARG   A CB  1 
ATOM   1006 C  CG  . ARG   A 1 132 ? -1.937  0.793   9.985   1.00 18.15  ? 138 ARG   A CG  1 
ATOM   1007 C  CD  . ARG   A 1 132 ? -0.755  1.310   10.820  1.00 16.85  ? 138 ARG   A CD  1 
ATOM   1008 N  NE  . ARG   A 1 132 ? -0.316  2.558   10.267  1.00 17.57  ? 138 ARG   A NE  1 
ATOM   1009 C  CZ  . ARG   A 1 132 ? 0.698   3.291   10.715  1.00 16.56  ? 138 ARG   A CZ  1 
ATOM   1010 N  NH1 . ARG   A 1 132 ? 1.356   2.872   11.793  1.00 17.86  ? 138 ARG   A NH1 1 
ATOM   1011 N  NH2 . ARG   A 1 132 ? 1.069   4.371   10.022  1.00 17.31  ? 138 ARG   A NH2 1 
ATOM   1012 N  N   . ASP   A 1 133 ? -6.047  2.935   9.096   1.00 18.71  ? 139 ASP   A N   1 
ATOM   1013 C  CA  . ASP   A 1 133 ? -7.316  3.672   9.404   1.00 18.71  ? 139 ASP   A CA  1 
ATOM   1014 C  C   . ASP   A 1 133 ? -8.524  2.950   8.833   1.00 22.65  ? 139 ASP   A C   1 
ATOM   1015 O  O   . ASP   A 1 133 ? -9.628  3.405   9.195   1.00 23.81  ? 139 ASP   A O   1 
ATOM   1016 C  CB  . ASP   A 1 133 ? -7.285  5.083   8.847   1.00 22.63  ? 139 ASP   A CB  1 
ATOM   1017 C  CG  . ASP   A 1 133 ? -7.290  5.165   7.341   1.00 26.85  ? 139 ASP   A CG  1 
ATOM   1018 O  OD1 . ASP   A 1 133 ? -6.601  4.307   6.693   1.00 22.68  ? 139 ASP   A OD1 1 
ATOM   1019 O  OD2 . ASP   A 1 133 ? -7.951  6.087   6.799   1.00 26.24  ? 139 ASP   A OD2 1 
ATOM   1020 N  N   . LEU   A 1 134 ? -8.356  1.924   7.988   1.00 19.74  ? 140 LEU   A N   1 
ATOM   1021 C  CA  . LEU   A 1 134 ? -9.534  1.220   7.395   1.00 20.84  ? 140 LEU   A CA  1 
ATOM   1022 C  C   . LEU   A 1 134 ? -10.033 0.152   8.389   1.00 19.81  ? 140 LEU   A C   1 
ATOM   1023 O  O   . LEU   A 1 134 ? -9.786  -1.034  8.217   1.00 20.60  ? 140 LEU   A O   1 
ATOM   1024 C  CB  . LEU   A 1 134 ? -9.120  0.651   6.027   1.00 19.82  ? 140 LEU   A CB  1 
ATOM   1025 C  CG  . LEU   A 1 134 ? -8.612  1.692   5.020   1.00 21.78  ? 140 LEU   A CG  1 
ATOM   1026 C  CD1 . LEU   A 1 134 ? -8.126  1.002   3.738   1.00 23.22  ? 140 LEU   A CD1 1 
ATOM   1027 C  CD2 . LEU   A 1 134 ? -9.657  2.755   4.681   1.00 22.65  ? 140 LEU   A CD2 1 
ATOM   1028 N  N   . LEU   A 1 135 ? -10.786 0.553   9.433   1.00 23.11  ? 141 LEU   A N   1 
ATOM   1029 C  CA  . LEU   A 1 135 ? -11.141 -0.368  10.532  1.00 24.18  ? 141 LEU   A CA  1 
ATOM   1030 C  C   . LEU   A 1 135 ? -12.094 -1.456  10.035  1.00 25.07  ? 141 LEU   A C   1 
ATOM   1031 O  O   . LEU   A 1 135 ? -12.042 -2.584  10.546  1.00 27.15  ? 141 LEU   A O   1 
ATOM   1032 C  CB  . LEU   A 1 135 ? -11.744 0.410   11.703  1.00 25.90  ? 141 LEU   A CB  1 
ATOM   1033 C  CG  . LEU   A 1 135 ? -10.931 1.604   12.194  1.00 27.85  ? 141 LEU   A CG  1 
ATOM   1034 C  CD1 . LEU   A 1 135 ? -11.607 2.217   13.419  1.00 30.01  ? 141 LEU   A CD1 1 
ATOM   1035 C  CD2 . LEU   A 1 135 ? -9.497  1.187   12.543  1.00 26.53  ? 141 LEU   A CD2 1 
ATOM   1036 N  N   . TRP   A 1 136 ? -12.917 -1.107  9.036   1.00 24.55  ? 142 TRP   A N   1 
ATOM   1037 C  CA  . TRP   A 1 136 ? -13.885 -2.055  8.447   1.00 25.44  ? 142 TRP   A CA  1 
ATOM   1038 C  C   . TRP   A 1 136 ? -13.205 -3.246  7.774   1.00 23.98  ? 142 TRP   A C   1 
ATOM   1039 O  O   . TRP   A 1 136 ? -13.888 -4.236  7.549   1.00 26.32  ? 142 TRP   A O   1 
ATOM   1040 C  CB  . TRP   A 1 136 ? -14.810 -1.290  7.496   1.00 24.87  ? 142 TRP   A CB  1 
ATOM   1041 C  CG  . TRP   A 1 136 ? -14.100 -0.556  6.408   1.00 24.48  ? 142 TRP   A CG  1 
ATOM   1042 C  CD1 . TRP   A 1 136 ? -13.737 0.751   6.404   1.00 23.53  ? 142 TRP   A CD1 1 
ATOM   1043 C  CD2 . TRP   A 1 136 ? -13.709 -1.101  5.144   1.00 22.84  ? 142 TRP   A CD2 1 
ATOM   1044 N  NE1 . TRP   A 1 136 ? -13.163 1.067   5.207   1.00 24.96  ? 142 TRP   A NE1 1 
ATOM   1045 C  CE2 . TRP   A 1 136 ? -13.141 -0.053  4.416   1.00 22.11  ? 142 TRP   A CE2 1 
ATOM   1046 C  CE3 . TRP   A 1 136 ? -13.843 -2.362  4.555   1.00 21.60  ? 142 TRP   A CE3 1 
ATOM   1047 C  CZ2 . TRP   A 1 136 ? -12.667 -0.212  3.116   1.00 21.91  ? 142 TRP   A CZ2 1 
ATOM   1048 C  CZ3 . TRP   A 1 136 ? -13.373 -2.522  3.262   1.00 21.84  ? 142 TRP   A CZ3 1 
ATOM   1049 C  CH2 . TRP   A 1 136 ? -12.751 -1.475  2.567   1.00 21.59  ? 142 TRP   A CH2 1 
ATOM   1050 N  N   . LEU   A 1 137 ? -11.894 -3.228  7.475   1.00 22.59  ? 143 LEU   A N   1 
ATOM   1051 C  CA  . LEU   A 1 137 ? -11.229 -4.404  6.858   1.00 24.02  ? 143 LEU   A CA  1 
ATOM   1052 C  C   . LEU   A 1 137 ? -11.275 -5.599  7.829   1.00 29.67  ? 143 LEU   A C   1 
ATOM   1053 O  O   . LEU   A 1 137 ? -11.198 -6.747  7.344   1.00 28.87  ? 143 LEU   A O   1 
ATOM   1054 C  CB  . LEU   A 1 137 ? -9.773  -4.110  6.468   1.00 23.34  ? 143 LEU   A CB  1 
ATOM   1055 C  CG  . LEU   A 1 137 ? -9.543  -3.198  5.269   1.00 21.21  ? 143 LEU   A CG  1 
ATOM   1056 C  CD1 . LEU   A 1 137 ? -8.087  -2.779  5.236   1.00 22.41  ? 143 LEU   A CD1 1 
ATOM   1057 C  CD2 . LEU   A 1 137 ? -9.953  -3.875  3.958   1.00 21.87  ? 143 LEU   A CD2 1 
ATOM   1058 N  N   . ASP   A 1 138 ? -11.458 -5.304  9.128   1.00 29.35  ? 144 ASP   A N   1 
ATOM   1059 C  CA  . ASP   A 1 138 ? -11.404 -6.237  10.283  1.00 37.40  ? 144 ASP   A CA  1 
ATOM   1060 C  C   . ASP   A 1 138 ? -12.742 -6.920  10.566  1.00 41.36  ? 144 ASP   A C   1 
ATOM   1061 O  O   . ASP   A 1 138 ? -12.735 -7.793  11.448  1.00 45.80  ? 144 ASP   A O   1 
ATOM   1062 C  CB  . ASP   A 1 138 ? -11.033 -5.481  11.561  1.00 35.39  ? 144 ASP   A CB  1 
ATOM   1063 C  CG  . ASP   A 1 138 ? -9.552  -5.229  11.675  1.00 33.83  ? 144 ASP   A CG  1 
ATOM   1064 O  OD1 . ASP   A 1 138 ? -8.821  -5.922  10.973  1.00 42.83  ? 144 ASP   A OD1 1 
ATOM   1065 O  OD2 . ASP   A 1 138 ? -9.150  -4.309  12.464  1.00 38.55  ? 144 ASP   A OD2 1 
ATOM   1066 N  N   . GLU   A 1 139 ? -13.837 -6.539  9.900   1.00 47.54  ? 145 GLU   A N   1 
ATOM   1067 C  CA  . GLU   A 1 139 ? -15.193 -7.051  10.253  1.00 56.33  ? 145 GLU   A CA  1 
ATOM   1068 C  C   . GLU   A 1 139 ? -16.027 -7.351  8.999   1.00 62.06  ? 145 GLU   A C   1 
ATOM   1069 O  O   . GLU   A 1 139 ? -15.528 -7.135  7.873   1.00 60.63  ? 145 GLU   A O   1 
ATOM   1070 C  CB  . GLU   A 1 139 ? -15.891 -6.043  11.168  1.00 59.34  ? 145 GLU   A CB  1 
ATOM   1071 C  CG  . GLU   A 1 139 ? -16.158 -4.696  10.520  1.00 58.58  ? 145 GLU   A CG  1 
ATOM   1072 C  CD  . GLU   A 1 139 ? -16.080 -3.518  11.479  1.00 63.38  ? 145 GLU   A CD  1 
ATOM   1073 O  OE1 . GLU   A 1 139 ? -17.123 -2.873  11.712  1.00 69.80  ? 145 GLU   A OE1 1 
ATOM   1074 O  OE2 . GLU   A 1 139 ? -14.971 -3.241  11.991  1.00 58.52  ? 145 GLU   A OE2 1 
ATOM   1075 N  N   . GLU   A 1 140 ? -17.255 -7.842  9.210   1.00 72.85  ? 146 GLU   A N   1 
ATOM   1076 C  CA  . GLU   A 1 140 ? -18.292 -8.073  8.165   1.00 75.43  ? 146 GLU   A CA  1 
ATOM   1077 C  C   . GLU   A 1 140 ? -17.782 -9.150  7.201   1.00 78.92  ? 146 GLU   A C   1 
ATOM   1078 O  O   . GLU   A 1 140 ? -18.127 -10.326 7.352   1.00 80.88  ? 146 GLU   A O   1 
ATOM   1079 C  CB  . GLU   A 1 140 ? -18.661 -6.742  7.494   1.00 74.11  ? 146 GLU   A CB  1 
ATOM   1080 C  CG  . GLU   A 1 140 ? -18.935 -6.822  5.998   1.00 77.35  ? 146 GLU   A CG  1 
ATOM   1081 C  CD  . GLU   A 1 140 ? -20.259 -7.444  5.580   1.00 82.14  ? 146 GLU   A CD  1 
ATOM   1082 O  OE1 . GLU   A 1 140 ? -20.958 -6.830  4.745   1.00 83.23  ? 146 GLU   A OE1 1 
ATOM   1083 O  OE2 . GLU   A 1 140 ? -20.583 -8.547  6.066   1.00 87.90  ? 146 GLU   A OE2 1 
HETATM 1084 ZN ZN  . ZN    B 2 .   ? 2.585   -1.042  14.669  1.00 18.48  ? 201 ZN    A ZN  1 
HETATM 1085 S  S   . DMS   C 3 .   ? 0.875   -9.742  12.929  1.00 84.86  ? 202 DMS   A S   1 
HETATM 1086 O  O   . DMS   C 3 .   ? -0.294  -10.309 13.685  1.00 90.25  ? 202 DMS   A O   1 
HETATM 1087 C  C1  . DMS   C 3 .   ? 2.285   -9.922  13.996  1.00 83.96  ? 202 DMS   A C1  1 
HETATM 1088 C  C2  . DMS   C 3 .   ? 1.318   -10.958 11.713  1.00 84.95  ? 202 DMS   A C2  1 
HETATM 1089 S  S   . DMS   D 3 .   ? 7.203   -12.236 -1.708  1.00 100.10 ? 203 DMS   A S   1 
HETATM 1090 O  O   . DMS   D 3 .   ? 8.414   -13.084 -2.001  1.00 94.17  ? 203 DMS   A O   1 
HETATM 1091 C  C1  . DMS   D 3 .   ? 6.044   -13.300 -0.884  1.00 99.46  ? 203 DMS   A C1  1 
HETATM 1092 C  C2  . DMS   D 3 .   ? 7.648   -11.220 -0.329  1.00 92.68  ? 203 DMS   A C2  1 
HETATM 1093 S  S   . DMS   E 3 .   ? 18.892  3.751   2.587   1.00 82.69  ? 204 DMS   A S   1 
HETATM 1094 O  O   . DMS   E 3 .   ? 18.796  3.968   1.100   1.00 64.73  ? 204 DMS   A O   1 
HETATM 1095 C  C1  . DMS   E 3 .   ? 19.358  2.048   2.809   1.00 78.75  ? 204 DMS   A C1  1 
HETATM 1096 C  C2  . DMS   E 3 .   ? 20.413  4.510   3.113   1.00 76.92  ? 204 DMS   A C2  1 
HETATM 1097 N  N1  . A1BQY F 4 .   ? 5.681   3.690   -7.592  0.41 10.19  ? 205 A1BQY A N1  1 
HETATM 1098 N  N3  . A1BQY F 4 .   ? 1.519   6.146   -7.714  0.41 11.99  ? 205 A1BQY A N3  1 
HETATM 1099 C  C4  . A1BQY F 4 .   ? 1.009   5.109   -8.617  0.41 11.61  ? 205 A1BQY A C4  1 
HETATM 1100 C  C5  . A1BQY F 4 .   ? -0.291  5.547   -9.281  0.41 12.21  ? 205 A1BQY A C5  1 
HETATM 1101 C  C6  . A1BQY F 4 .   ? -0.234  6.971   -9.793  0.41 12.71  ? 205 A1BQY A C6  1 
HETATM 1102 C  C7  . A1BQY F 4 .   ? -1.219  7.438   -10.666 0.41 13.74  ? 205 A1BQY A C7  1 
HETATM 1103 C  C8  . A1BQY F 4 .   ? -1.276  8.780   -11.020 0.41 14.92  ? 205 A1BQY A C8  1 
HETATM 1104 C  C10 . A1BQY F 4 .   ? 0.643   9.222   -9.662  0.41 14.12  ? 205 A1BQY A C10 1 
HETATM 1105 C  C13 . A1BQY F 4 .   ? 7.095   4.848   -8.931  0.41 11.10  ? 205 A1BQY A C13 1 
HETATM 1106 C  C15 . A1BQY F 4 .   ? 9.105   5.729   -9.853  0.41 11.62  ? 205 A1BQY A C15 1 
HETATM 1107 C  C17 . A1BQY F 4 .   ? 9.248   4.255   -7.940  0.41 11.79  ? 205 A1BQY A C17 1 
HETATM 1108 N  N   . A1BQY F 4 .   ? 6.980   3.459   -7.216  0.41 10.44  ? 205 A1BQY A N   1 
HETATM 1109 C  C   . A1BQY F 4 .   ? 7.266   2.454   -6.199  0.41 9.93   ? 205 A1BQY A C   1 
HETATM 1110 O  O   . A1BQY F 4 .   ? 4.586   5.771   -10.271 0.41 13.24  ? 205 A1BQY A O   1 
HETATM 1111 C  C1  . A1BQY F 4 .   ? 5.741   4.528   -8.618  0.41 11.26  ? 205 A1BQY A C1  1 
HETATM 1112 C  C11 . A1BQY F 4 .   ? 0.718   7.878   -9.296  0.41 12.44  ? 205 A1BQY A C11 1 
HETATM 1113 C  C12 . A1BQY F 4 .   ? 1.801   7.426   -8.348  0.41 12.25  ? 205 A1BQY A C12 1 
HETATM 1114 C  C14 . A1BQY F 4 .   ? 7.726   5.626   -9.894  0.41 10.86  ? 205 A1BQY A C14 1 
HETATM 1115 C  C16 . A1BQY F 4 .   ? 9.856   5.056   -8.904  0.41 10.77  ? 205 A1BQY A C16 1 
HETATM 1116 C  C18 . A1BQY F 4 .   ? 7.864   4.161   -7.980  0.41 10.95  ? 205 A1BQY A C18 1 
HETATM 1117 C  C2  . A1BQY F 4 .   ? 4.506   4.962   -9.351  0.41 12.38  ? 205 A1BQY A C2  1 
HETATM 1118 C  C3  . A1BQY F 4 .   ? 2.096   4.715   -9.637  0.41 11.86  ? 205 A1BQY A C3  1 
HETATM 1119 C  C9  . A1BQY F 4 .   ? -0.354  9.671   -10.512 0.41 14.05  ? 205 A1BQY A C9  1 
HETATM 1120 N  N2  . A1BQY F 4 .   ? 3.367   4.393   -8.963  0.41 11.90  ? 205 A1BQY A N2  1 
HETATM 1121 O  O   . HOH   G 5 .   ? -16.592 4.456   -5.576  1.00 35.98  ? 301 HOH   A O   1 
HETATM 1122 O  O   . HOH   G 5 .   ? 12.774  4.999   -4.133  1.00 34.58  ? 302 HOH   A O   1 
HETATM 1123 O  O   . HOH   G 5 .   ? -0.191  12.592  9.484   1.00 54.16  ? 303 HOH   A O   1 
HETATM 1124 O  O   . HOH   G 5 .   ? 6.842   7.766   -8.254  0.41 26.17  ? 304 HOH   A O   1 
HETATM 1125 O  O   . HOH   G 5 .   ? 3.346   1.440   -13.084 0.41 27.72  ? 305 HOH   A O   1 
HETATM 1126 O  O   . HOH   G 5 .   ? 3.020   13.608  8.499   1.00 49.39  ? 306 HOH   A O   1 
HETATM 1127 O  O   . HOH   G 5 .   ? -14.343 -12.772 6.410   1.00 44.20  ? 307 HOH   A O   1 
HETATM 1128 O  O   . HOH   G 5 .   ? -16.456 -11.894 -4.166  1.00 45.67  ? 308 HOH   A O   1 
HETATM 1129 O  O   . HOH   G 5 .   ? 9.206   16.878  -4.907  1.00 38.63  ? 309 HOH   A O   1 
HETATM 1130 O  O   . HOH   G 5 .   ? -6.892  -7.473  10.634  1.00 26.34  ? 310 HOH   A O   1 
HETATM 1131 O  O   . HOH   G 5 .   ? -11.211 -3.581  13.688  1.00 53.27  ? 311 HOH   A O   1 
HETATM 1132 O  O   . HOH   G 5 .   ? -11.703 7.529   -6.643  1.00 34.01  ? 312 HOH   A O   1 
HETATM 1133 O  O   . HOH   G 5 .   ? 7.278   15.834  -3.406  1.00 33.81  ? 313 HOH   A O   1 
HETATM 1134 O  O   . HOH   G 5 .   ? 9.566   -10.735 -5.919  1.00 30.40  ? 314 HOH   A O   1 
HETATM 1135 O  O   . HOH   G 5 .   ? -14.119 -10.144 5.377   1.00 33.18  ? 315 HOH   A O   1 
HETATM 1136 O  O   . HOH   G 5 .   ? -11.292 -9.946  -5.329  1.00 38.94  ? 316 HOH   A O   1 
HETATM 1137 O  O   . HOH   G 5 .   ? 11.646  -9.604  -8.283  1.00 41.61  ? 317 HOH   A O   1 
HETATM 1138 O  O   . HOH   G 5 .   ? 3.814   11.401  5.353   1.00 32.40  ? 318 HOH   A O   1 
HETATM 1139 O  O   . HOH   G 5 .   ? 6.370   -7.167  -7.767  1.00 40.83  ? 319 HOH   A O   1 
HETATM 1140 O  O   . HOH   G 5 .   ? 20.516  -4.244  -1.067  1.00 28.00  ? 320 HOH   A O   1 
HETATM 1141 O  O   . HOH   G 5 .   ? 17.918  -0.341  -9.784  1.00 24.38  ? 321 HOH   A O   1 
HETATM 1142 O  O   . HOH   G 5 .   ? -1.959  -12.471 10.082  1.00 40.29  ? 322 HOH   A O   1 
HETATM 1143 O  O   . HOH   G 5 .   ? -8.819  -12.044 1.656   1.00 25.64  ? 323 HOH   A O   1 
HETATM 1144 O  O   . HOH   G 5 .   ? 17.353  -11.854 -2.531  1.00 43.35  ? 324 HOH   A O   1 
HETATM 1145 O  O   . HOH   G 5 .   ? -9.605  -10.194 -8.151  1.00 34.21  ? 325 HOH   A O   1 
HETATM 1146 O  O   . HOH   G 5 .   ? -1.802  -7.190  15.842  1.00 38.28  ? 326 HOH   A O   1 
HETATM 1147 O  O   . HOH   G 5 .   ? 12.047  -12.112 -8.643  1.00 34.93  ? 327 HOH   A O   1 
HETATM 1148 O  O   . HOH   G 5 .   ? 17.005  -0.301  5.136   1.00 31.31  ? 328 HOH   A O   1 
HETATM 1149 O  O   . HOH   G 5 .   ? -1.061  -3.800  -6.030  1.00 19.72  ? 329 HOH   A O   1 
HETATM 1150 O  O   . HOH   G 5 .   ? -12.915 -8.787  7.372   1.00 44.15  ? 330 HOH   A O   1 
HETATM 1151 O  O   . HOH   G 5 .   ? -19.368 -9.426  -10.456 1.00 33.87  ? 331 HOH   A O   1 
HETATM 1152 O  O   . HOH   G 5 .   ? -1.975  -0.451  19.148  1.00 40.37  ? 332 HOH   A O   1 
HETATM 1153 O  O   . HOH   G 5 .   ? 6.427   16.724  -11.546 1.00 48.27  ? 333 HOH   A O   1 
HETATM 1154 O  O   . HOH   G 5 .   ? -7.476  -11.876 7.959   1.00 31.65  ? 334 HOH   A O   1 
HETATM 1155 O  O   . HOH   G 5 .   ? 14.474  6.453   -5.856  1.00 51.76  ? 335 HOH   A O   1 
HETATM 1156 O  O   . HOH   G 5 .   ? -4.262  6.935   7.036   1.00 24.32  ? 336 HOH   A O   1 
HETATM 1157 O  O   . HOH   G 5 .   ? 6.072   -6.845  -4.518  1.00 24.38  ? 337 HOH   A O   1 
HETATM 1158 O  O   . HOH   G 5 .   ? 13.544  6.491   6.261   1.00 16.37  ? 338 HOH   A O   1 
HETATM 1159 O  O   . HOH   G 5 .   ? -7.929  11.835  -9.120  1.00 49.42  ? 339 HOH   A O   1 
HETATM 1160 O  O   . HOH   G 5 .   ? -13.591 6.270   -9.603  1.00 45.15  ? 340 HOH   A O   1 
HETATM 1161 O  O   . HOH   G 5 .   ? -13.397 -3.427  -15.786 1.00 27.46  ? 341 HOH   A O   1 
HETATM 1162 O  O   . HOH   G 5 .   ? -18.916 -11.874 -8.901  1.00 46.50  ? 342 HOH   A O   1 
HETATM 1163 O  O   . HOH   G 5 .   ? 2.658   6.170   11.300  1.00 24.70  ? 343 HOH   A O   1 
HETATM 1164 O  O   . HOH   G 5 .   ? -18.436 -3.961  -9.163  1.00 25.76  ? 344 HOH   A O   1 
HETATM 1165 O  O   . HOH   G 5 .   ? -17.786 -1.164  9.692   1.00 50.08  ? 345 HOH   A O   1 
HETATM 1166 O  O   . HOH   G 5 .   ? 7.037   9.554   -3.476  1.00 38.03  ? 346 HOH   A O   1 
HETATM 1167 O  O   . HOH   G 5 .   ? 5.897   11.863  14.150  1.00 46.29  ? 347 HOH   A O   1 
HETATM 1168 O  O   . HOH   G 5 .   ? 17.583  6.101   -0.846  1.00 22.87  ? 348 HOH   A O   1 
HETATM 1169 O  O   . HOH   G 5 .   ? 0.626   2.542   18.556  1.00 26.58  ? 349 HOH   A O   1 
HETATM 1170 O  O   . HOH   G 5 .   ? 14.276  12.814  -2.074  1.00 39.34  ? 350 HOH   A O   1 
HETATM 1171 O  O   . HOH   G 5 .   ? -3.204  -6.582  -9.634  1.00 38.37  ? 351 HOH   A O   1 
HETATM 1172 O  O   . HOH   G 5 .   ? -0.338  7.637   -16.594 0.41 28.13  ? 352 HOH   A O   1 
HETATM 1173 O  O   . HOH   G 5 .   ? 2.920   -8.777  9.411   1.00 39.66  ? 353 HOH   A O   1 
HETATM 1174 O  O   . HOH   G 5 .   ? -13.470 7.475   -3.587  1.00 64.89  ? 354 HOH   A O   1 
HETATM 1175 O  O   . HOH   G 5 .   ? 21.170  -6.001  -3.172  1.00 36.89  ? 355 HOH   A O   1 
HETATM 1176 O  O   . HOH   G 5 .   ? -3.171  5.370   10.236  1.00 21.02  ? 356 HOH   A O   1 
HETATM 1177 O  O   . HOH   G 5 .   ? -1.687  6.786   -0.590  1.00 30.43  ? 357 HOH   A O   1 
HETATM 1178 O  O   . HOH   G 5 .   ? -1.427  7.801   18.402  1.00 31.49  ? 358 HOH   A O   1 
HETATM 1179 O  O   . HOH   G 5 .   ? -16.106 -9.375  0.964   1.00 33.66  ? 359 HOH   A O   1 
HETATM 1180 O  O   . HOH   G 5 .   ? 12.645  -0.616  11.017  1.00 37.32  ? 360 HOH   A O   1 
HETATM 1181 O  O   . HOH   G 5 .   ? -8.243  -2.760  -14.819 1.00 37.47  ? 361 HOH   A O   1 
HETATM 1182 O  O   . HOH   G 5 .   ? 17.726  -5.834  4.695   1.00 32.18  ? 362 HOH   A O   1 
HETATM 1183 O  O   . HOH   G 5 .   ? 16.619  3.879   5.165   1.00 29.29  ? 363 HOH   A O   1 
HETATM 1184 O  O   . HOH   G 5 .   ? -0.543  -10.776 1.156   1.00 24.96  ? 364 HOH   A O   1 
HETATM 1185 O  O   . HOH   G 5 .   ? 7.808   -4.627  -3.786  1.00 17.44  ? 365 HOH   A O   1 
HETATM 1186 O  O   . HOH   G 5 .   ? -7.732  -10.487 -10.424 1.00 31.97  ? 366 HOH   A O   1 
HETATM 1187 O  O   . HOH   G 5 .   ? 16.191  0.293   0.275   1.00 21.69  ? 367 HOH   A O   1 
HETATM 1188 O  O   . HOH   G 5 .   ? -19.494 -3.058  -6.463  1.00 34.16  ? 368 HOH   A O   1 
HETATM 1189 O  O   . HOH   G 5 .   ? 5.226   -9.000  16.262  1.00 40.84  ? 369 HOH   A O   1 
HETATM 1190 O  O   . HOH   G 5 .   ? 3.692   -4.819  -10.816 1.00 28.79  ? 370 HOH   A O   1 
HETATM 1191 O  O   . HOH   G 5 .   ? 16.509  -4.737  -10.330 1.00 21.79  ? 371 HOH   A O   1 
HETATM 1192 O  O   . HOH   G 5 .   ? 9.760   9.139   -9.479  1.00 43.08  ? 372 HOH   A O   1 
HETATM 1193 O  O   . HOH   G 5 .   ? -5.680  -13.024 -6.174  1.00 49.79  ? 373 HOH   A O   1 
HETATM 1194 O  O   . HOH   G 5 .   ? 1.860   -7.941  -1.130  1.00 26.78  ? 374 HOH   A O   1 
HETATM 1195 O  O   . HOH   G 5 .   ? -1.546  5.429   12.409  1.00 22.39  ? 375 HOH   A O   1 
HETATM 1196 O  O   . HOH   G 5 .   ? -9.706  4.535   11.770  1.00 34.38  ? 376 HOH   A O   1 
HETATM 1197 O  O   . HOH   G 5 .   ? 7.369   3.926   15.939  1.00 34.47  ? 377 HOH   A O   1 
HETATM 1198 O  O   . HOH   G 5 .   ? -14.528 -17.842 2.902   0.50 37.31  ? 378 HOH   A O   1 
HETATM 1199 O  O   . HOH   G 5 .   ? -7.632  0.467   -12.255 1.00 32.35  ? 379 HOH   A O   1 
HETATM 1200 O  O   . HOH   G 5 .   ? -3.766  5.015   1.751   1.00 19.24  ? 380 HOH   A O   1 
HETATM 1201 O  O   . HOH   G 5 .   ? 0.286   18.650  2.233   0.41 23.15  ? 381 HOH   A O   1 
HETATM 1202 O  O   . HOH   G 5 .   ? -11.122 -19.752 2.556   1.00 39.62  ? 382 HOH   A O   1 
HETATM 1203 O  O   . HOH   G 5 .   ? 3.233   0.155   -10.697 1.00 28.40  ? 383 HOH   A O   1 
HETATM 1204 O  O   . HOH   G 5 .   ? -5.705  13.769  -5.414  1.00 48.08  ? 384 HOH   A O   1 
HETATM 1205 O  O   . HOH   G 5 .   ? 1.199   -11.540 6.672   1.00 48.58  ? 385 HOH   A O   1 
HETATM 1206 O  O   . HOH   G 5 .   ? -1.431  -11.403 -5.085  1.00 39.93  ? 386 HOH   A O   1 
HETATM 1207 O  O   . HOH   G 5 .   ? -3.654  12.229  4.451   1.00 31.89  ? 387 HOH   A O   1 
HETATM 1208 O  O   . HOH   G 5 .   ? 12.683  1.378   -13.094 1.00 33.93  ? 388 HOH   A O   1 
HETATM 1209 O  O   . HOH   G 5 .   ? 16.239  -2.245  -11.879 1.00 25.09  ? 389 HOH   A O   1 
HETATM 1210 O  O   . HOH   G 5 .   ? -16.843 -12.221 -0.083  0.50 38.57  ? 390 HOH   A O   1 
HETATM 1211 O  O   . HOH   G 5 .   ? -10.202 7.958   2.900   1.00 34.88  ? 391 HOH   A O   1 
HETATM 1212 O  O   . HOH   G 5 .   ? -17.068 -11.497 -10.943 1.00 39.35  ? 392 HOH   A O   1 
HETATM 1213 O  O   . HOH   G 5 .   ? -9.598  -9.707  -14.328 1.00 31.20  ? 393 HOH   A O   1 
HETATM 1214 O  O   . HOH   G 5 .   ? 9.181   -1.297  -12.585 1.00 26.59  ? 394 HOH   A O   1 
HETATM 1215 O  O   . HOH   G 5 .   ? 6.902   12.488  -2.908  1.00 33.11  ? 395 HOH   A O   1 
HETATM 1216 O  O   . HOH   G 5 .   ? 5.294   11.987  10.696  1.00 29.53  ? 396 HOH   A O   1 
HETATM 1217 O  O   . HOH   G 5 .   ? 7.379   -6.818  4.458   1.00 21.94  ? 397 HOH   A O   1 
HETATM 1218 O  O   . HOH   G 5 .   ? 8.045   10.246  -5.450  1.00 53.52  ? 398 HOH   A O   1 
HETATM 1219 O  O   . HOH   G 5 .   ? -10.852 6.176   6.909   1.00 39.23  ? 399 HOH   A O   1 
HETATM 1220 O  O   . HOH   G 5 .   ? 5.018   -8.045  -0.002  1.00 22.65  ? 400 HOH   A O   1 
HETATM 1221 O  O   . HOH   G 5 .   ? 2.373   -10.312 -6.778  1.00 57.19  ? 401 HOH   A O   1 
HETATM 1222 O  O   . HOH   G 5 .   ? 15.431  -9.798  2.882   1.00 27.70  ? 402 HOH   A O   1 
HETATM 1223 O  O   . HOH   G 5 .   ? 5.586   5.683   16.836  1.00 46.95  ? 403 HOH   A O   1 
HETATM 1224 O  O   . HOH   G 5 .   ? 0.229   -10.493 -3.153  1.00 31.65  ? 404 HOH   A O   1 
HETATM 1225 O  O   . HOH   G 5 .   ? 10.413  14.259  -12.106 1.00 46.35  ? 405 HOH   A O   1 
HETATM 1226 O  O   . HOH   G 5 .   ? 14.924  4.307   7.325   1.00 22.78  ? 406 HOH   A O   1 
HETATM 1227 O  O   . HOH   G 5 .   ? 19.705  -0.921  -3.259  1.00 40.05  ? 407 HOH   A O   1 
HETATM 1228 O  O   . HOH   G 5 .   ? -20.285 -5.974  -8.293  1.00 36.14  ? 408 HOH   A O   1 
HETATM 1229 O  O   . HOH   G 5 .   ? -19.251 -1.484  -0.780  1.00 39.39  ? 409 HOH   A O   1 
HETATM 1230 O  O   . HOH   G 5 .   ? -4.283  5.233   -8.435  0.41 16.96  ? 410 HOH   A O   1 
HETATM 1231 O  O   . HOH   G 5 .   ? -1.349  -0.748  -14.691 1.00 47.14  ? 411 HOH   A O   1 
HETATM 1232 O  O   . HOH   G 5 .   ? 14.394  9.138   -9.161  1.00 48.80  ? 412 HOH   A O   1 
HETATM 1233 O  O   . HOH   G 5 .   ? -5.912  4.465   -10.479 1.00 27.41  ? 413 HOH   A O   1 
HETATM 1234 O  O   . HOH   G 5 .   ? 6.841   -7.492  11.830  1.00 37.11  ? 414 HOH   A O   1 
HETATM 1235 O  O   . HOH   G 5 .   ? -2.788  -3.535  16.433  1.00 26.46  ? 415 HOH   A O   1 
HETATM 1236 O  O   . HOH   G 5 .   ? 0.354   4.462   20.364  1.00 37.32  ? 416 HOH   A O   1 
HETATM 1237 O  O   . HOH   G 5 .   ? -0.204  -10.134 8.997   1.00 35.06  ? 417 HOH   A O   1 
HETATM 1238 O  O   . HOH   G 5 .   ? -1.901  -8.454  -7.018  1.00 34.61  ? 418 HOH   A O   1 
HETATM 1239 O  O   . HOH   G 5 .   ? 11.479  -13.177 -2.047  1.00 44.58  ? 419 HOH   A O   1 
HETATM 1240 O  O   . HOH   G 5 .   ? -2.792  7.347   -7.606  0.41 21.76  ? 420 HOH   A O   1 
HETATM 1241 O  O   . HOH   G 5 .   ? 16.828  4.392   -5.275  1.00 28.77  ? 421 HOH   A O   1 
HETATM 1242 O  O   . HOH   G 5 .   ? 7.643   -2.328  14.378  1.00 36.81  ? 422 HOH   A O   1 
HETATM 1243 O  O   . HOH   G 5 .   ? 2.551   16.402  -14.424 1.00 35.00  ? 423 HOH   A O   1 
HETATM 1244 O  O   . HOH   G 5 .   ? 4.418   9.889   -10.673 0.41 32.83  ? 424 HOH   A O   1 
HETATM 1245 O  O   . HOH   G 5 .   ? -13.138 3.991   4.109   1.00 45.16  ? 425 HOH   A O   1 
HETATM 1246 O  O   . HOH   G 5 .   ? -3.964  -15.096 2.376   1.00 38.12  ? 426 HOH   A O   1 
HETATM 1247 O  O   . HOH   G 5 .   ? 16.644  1.329   9.164   1.00 43.83  ? 427 HOH   A O   1 
HETATM 1248 O  O   . HOH   G 5 .   ? -3.440  -9.022  -9.980  1.00 48.63  ? 428 HOH   A O   1 
HETATM 1249 O  O   . HOH   G 5 .   ? -0.821  -5.918  -7.917  1.00 25.73  ? 429 HOH   A O   1 
HETATM 1250 O  O   . HOH   G 5 .   ? -7.415  -7.176  -15.865 1.00 35.76  ? 430 HOH   A O   1 
HETATM 1251 O  O   . HOH   G 5 .   ? 7.814   12.786  -5.240  1.00 43.33  ? 431 HOH   A O   1 
HETATM 1252 O  O   . HOH   G 5 .   ? 15.716  1.319   2.696   1.00 31.41  ? 432 HOH   A O   1 
HETATM 1253 O  O   . HOH   G 5 .   ? -10.295 -16.300 -3.228  1.00 39.11  ? 433 HOH   A O   1 
HETATM 1254 O  O   . HOH   G 5 .   ? 6.384   -9.613  2.256   1.00 32.69  ? 434 HOH   A O   1 
HETATM 1255 O  O   . HOH   G 5 .   ? 2.002   -11.246 3.855   1.00 44.17  ? 435 HOH   A O   1 
HETATM 1256 O  O   . HOH   G 5 .   ? -8.404  -14.323 0.076   1.00 29.43  ? 436 HOH   A O   1 
HETATM 1257 O  O   . HOH   G 5 .   ? 10.985  14.433  -5.263  1.00 44.63  ? 437 HOH   A O   1 
HETATM 1258 O  O   . HOH   G 5 .   ? -12.791 3.299   9.582   1.00 33.98  ? 438 HOH   A O   1 
HETATM 1259 O  O   . HOH   G 5 .   ? -3.718  11.009  6.518   1.00 46.13  ? 439 HOH   A O   1 
HETATM 1260 O  O   . HOH   G 5 .   ? -17.991 -9.209  -15.335 1.00 35.30  ? 440 HOH   A O   1 
HETATM 1261 O  O   . HOH   G 5 .   ? -9.071  10.625  0.144   1.00 57.65  ? 441 HOH   A O   1 
HETATM 1262 O  O   . HOH   G 5 .   ? -15.756 3.631   -3.024  1.00 31.24  ? 442 HOH   A O   1 
HETATM 1263 O  O   . HOH   G 5 .   ? -11.766 -14.527 -5.142  1.00 38.32  ? 443 HOH   A O   1 
HETATM 1264 O  O   . HOH   G 5 .   ? -0.261  18.084  -12.063 1.00 49.60  ? 444 HOH   A O   1 
HETATM 1265 O  O   . HOH   G 5 .   ? -1.663  15.825  5.768   1.00 47.29  ? 445 HOH   A O   1 
HETATM 1266 O  O   . HOH   G 5 .   ? 12.359  -14.641 -9.779  1.00 53.19  ? 446 HOH   A O   1 
HETATM 1267 O  O   . HOH   G 5 .   ? -2.047  -13.795 2.602   1.00 45.57  ? 447 HOH   A O   1 
HETATM 1268 O  O   . HOH   G 5 .   ? 3.302   1.893   18.223  1.00 30.42  ? 448 HOH   A O   1 
HETATM 1269 O  O   . HOH   G 5 .   ? -16.683 -9.536  4.337   1.00 47.97  ? 449 HOH   A O   1 
HETATM 1270 O  O   . HOH   G 5 .   ? -12.335 4.114   7.164   1.00 46.63  ? 450 HOH   A O   1 
HETATM 1271 O  O   . HOH   G 5 .   ? -17.431 3.012   -1.244  1.00 50.73  ? 451 HOH   A O   1 
HETATM 1272 O  O   . HOH   G 5 .   ? 14.556  1.577   11.045  1.00 46.40  ? 452 HOH   A O   1 
HETATM 1273 O  O   . HOH   G 5 .   ? 5.988   -6.262  -11.445 1.00 40.86  ? 453 HOH   A O   1 
HETATM 1274 O  O   . HOH   G 5 .   ? 5.949   -1.704  -13.653 1.00 38.47  ? 454 HOH   A O   1 
HETATM 1275 O  O   . HOH   G 5 .   ? 13.599  -11.348 1.174   1.00 34.36  ? 455 HOH   A O   1 
HETATM 1276 O  O   . HOH   G 5 .   ? 18.720  -0.108  -0.852  1.00 34.93  ? 456 HOH   A O   1 
HETATM 1277 O  O   . HOH   G 5 .   ? 18.453  9.258   -5.785  1.00 53.24  ? 457 HOH   A O   1 
HETATM 1278 O  O   . HOH   G 5 .   ? 11.395  12.393  -8.991  1.00 44.62  ? 458 HOH   A O   1 
HETATM 1279 O  O   . HOH   G 5 .   ? 2.129   -6.980  19.593  1.00 51.39  ? 459 HOH   A O   1 
HETATM 1280 O  O   . HOH   G 5 .   ? 13.866  6.798   -8.699  1.00 43.76  ? 460 HOH   A O   1 
HETATM 1281 O  O   . HOH   G 5 .   ? 9.595   -0.743  -19.479 1.00 49.14  ? 461 HOH   A O   1 
HETATM 1282 O  O   . HOH   G 5 .   ? 0.508   7.237   12.585  1.00 27.84  ? 462 HOH   A O   1 
HETATM 1283 O  O   . HOH   G 5 .   ? 3.962   0.198   20.167  1.00 45.32  ? 463 HOH   A O   1 
HETATM 1284 O  O   . HOH   G 5 .   ? 10.297  12.372  -6.535  1.00 45.80  ? 464 HOH   A O   1 
HETATM 1285 O  O   . HOH   G 5 .   ? -10.173 -10.248 9.773   0.50 32.14  ? 465 HOH   A O   1 
HETATM 1286 O  O   . HOH   G 5 .   ? -16.749 1.164   3.581   1.00 56.19  ? 466 HOH   A O   1 
HETATM 1287 O  O   . HOH   G 5 .   ? 0.069   -12.388 -0.853  0.50 21.72  ? 467 HOH   A O   1 
HETATM 1288 O  O   . HOH   G 5 .   ? -7.858  -12.802 -4.916  1.00 46.53  ? 468 HOH   A O   1 
HETATM 1289 O  O   . HOH   G 5 .   ? 4.967   -8.926  -2.742  1.00 37.27  ? 469 HOH   A O   1 
HETATM 1290 O  O   . HOH   G 5 .   ? 3.641   -2.428  -12.045 1.00 32.75  ? 470 HOH   A O   1 
HETATM 1291 O  O   . HOH   G 5 .   ? 12.056  14.600  -10.238 1.00 50.57  ? 471 HOH   A O   1 
HETATM 1292 O  O   . HOH   G 5 .   ? -15.112 2.195   9.763   1.00 35.16  ? 472 HOH   A O   1 
HETATM 1293 O  O   . HOH   G 5 .   ? 18.324  4.487   -2.876  1.00 32.06  ? 473 HOH   A O   1 
HETATM 1294 O  O   . HOH   G 5 .   ? -0.920  18.274  -9.377  1.00 51.68  ? 474 HOH   A O   1 
HETATM 1295 O  O   . HOH   G 5 .   ? -16.533 3.306   5.841   1.00 47.84  ? 475 HOH   A O   1 
HETATM 1296 O  O   . HOH   G 5 .   ? 19.008  -12.052 -5.447  1.00 45.09  ? 476 HOH   A O   1 
HETATM 1297 O  O   . HOH   G 5 .   ? -3.681  8.073   9.840   1.00 34.76  ? 477 HOH   A O   1 
HETATM 1298 O  O   . HOH   G 5 .   ? -5.720  -15.418 0.272   1.00 44.95  ? 478 HOH   A O   1 
HETATM 1299 O  O   . HOH   G 5 .   ? 8.747   14.008  -1.626  1.00 41.21  ? 479 HOH   A O   1 
HETATM 1300 O  O   . HOH   G 5 .   ? 11.369  13.414  -2.859  1.00 41.73  ? 480 HOH   A O   1 
HETATM 1301 O  O   . HOH   G 5 .   ? -17.694 -1.862  5.045   1.00 53.18  ? 481 HOH   A O   1 
HETATM 1302 O  O   . HOH   G 5 .   ? -4.860  4.062   -13.281 1.00 48.42  ? 482 HOH   A O   1 
HETATM 1303 O  O   . HOH   G 5 .   ? 4.730   17.976  -13.395 1.00 46.36  ? 483 HOH   A O   1 
HETATM 1304 O  O   . HOH   G 5 .   ? -8.400  -14.617 -2.790  1.00 36.98  ? 484 HOH   A O   1 
HETATM 1305 O  O   . HOH   G 5 .   ? 20.738  -0.887  1.139   1.00 46.19  ? 485 HOH   A O   1 
HETATM 1306 O  O   . HOH   G 5 .   ? -1.322  9.630   11.932  1.00 44.11  ? 486 HOH   A O   1 
HETATM 1307 O  O   . HOH   G 5 .   ? 17.176  -14.140 -3.771  1.00 48.05  ? 487 HOH   A O   1 
HETATM 1308 O  O   . HOH   G 5 .   ? -3.059  -7.541  -14.151 1.00 47.13  ? 488 HOH   A O   1 
HETATM 1309 O  O   . HOH   G 5 .   ? 9.562   0.602   -14.749 1.00 44.07  ? 489 HOH   A O   1 
HETATM 1310 O  O   . HOH   G 5 .   ? 1.517   24.923  -3.975  1.00 53.21  ? 490 HOH   A O   1 
HETATM 1311 O  O   . HOH   G 5 .   ? -19.606 -10.062 -13.089 1.00 41.07  ? 491 HOH   A O   1 
HETATM 1312 O  O   . HOH   G 5 .   ? 11.567  8.488   -11.204 1.00 47.78  ? 492 HOH   A O   1 
HETATM 1313 O  O   . HOH   G 5 .   ? -17.095 1.812   8.059   1.00 50.43  ? 493 HOH   A O   1 
HETATM 1314 O  O   . HOH   G 5 .   ? 20.107  -6.010  3.504   1.00 46.50  ? 494 HOH   A O   1 
HETATM 1315 O  O   . HOH   G 5 .   ? 5.603   16.627  -15.751 1.00 57.34  ? 495 HOH   A O   1 
HETATM 1316 O  O   . HOH   G 5 .   ? -18.341 -0.423  7.144   1.00 52.96  ? 496 HOH   A O   1 
HETATM 1317 O  O   . HOH   G 5 .   ? -5.129  18.886  -2.775  1.00 53.60  ? 497 HOH   A O   1 
HETATM 1318 O  O   . HOH   G 5 .   ? 2.406   -3.737  -13.852 1.00 43.35  ? 498 HOH   A O   1 
HETATM 1319 O  O   . HOH   G 5 .   ? -6.740  19.558  -0.153  1.00 54.00  ? 499 HOH   A O   1 
# 
